data_7VL2
#
_entry.id   7VL2
#
_cell.length_a   164.753
_cell.length_b   71.517
_cell.length_c   129.940
_cell.angle_alpha   90.000
_cell.angle_beta   105.131
_cell.angle_gamma   90.000
#
_symmetry.space_group_name_H-M   'C 1 2 1'
#
loop_
_entity.id
_entity.type
_entity.pdbx_description
1 polymer beta-1,2-glucosyltransferase
2 non-polymer (2~{S},3~{R},4~{S},5~{S},6~{R})-2-ethoxy-6-(hydroxymethyl)oxane-3,4,5-triol
3 non-polymer 'CALCIUM ION'
4 water water
#
_entity_poly.entity_id   1
_entity_poly.type   'polypeptide(L)'
_entity_poly.pdbx_seq_one_letter_code
;SEKYFVKNGQPHFLISGEVHYFRINPKLWRNHLQLLKQTGADTVSTYIPWDWHEIEEDDFDFEGKTHPARNLIRFIKLCK
EENLDLIVKPGPYILAEYENQGLPSWLLKKLSKNAFALDENGNVISPDLVSYLSDEFLEYTFKWYDKVMPIISKHQKEHY
GPITMMQLCNEIGVFQWLSGKSDYNPKVINLYKEFIIQRYKTIEKLNSVYSTNYNSFDDLKAPSGKIKLRSDYCAYFDFH
LFFREYYNKYISILKNKIRSFGINIKLTHNIPGWIYGNASELPMLISTYSEIMKNHPDIIFGLDHIPEFVSFRNAHSDLA
CNKILEAMQPEAPVWAAEFQAGTREHHVKAYAKDLETFYIASLAHGIKGFNYYMFSQGINPEGKGFYGKTFYFQTALDAA
SNKLALYDSIKKVNRFIRKEQKDLLRTNVNSEICVGFYKPYFFTELISSQLLKEKKLNVEELGLYIDPRFLREEILFNGL
LRGLQTLNYNYDVVDLENCDLKSLTAYKQLWITSAEFMDAETQNLLSEFVLNGGNLILYPAVPTLDNYLNRCEILKNNFG
IEFITKDSSHKVSAFGIEDVFTAFSKKQIYNDTNSKPIAFTQENEICGIRKKIGKGELTILGFAFGYTSDEHLELIDKLV
KLNKIKRELFVSDKDIQFVVRENNKSRYIFFLNYHNERKTFNYRKSSELKKKKSEEISIAPFSYKVIKENK
;
_entity_poly.pdbx_strand_id   A,B
#
# COMPACT_ATOMS: atom_id res chain seq x y z
N SER A 1 0.47 -37.82 10.76
CA SER A 1 1.81 -37.13 10.72
C SER A 1 1.67 -35.59 10.67
N GLU A 2 0.63 -35.01 11.27
CA GLU A 2 0.61 -33.54 11.55
C GLU A 2 1.64 -33.24 12.65
N LYS A 3 2.22 -32.03 12.64
CA LYS A 3 3.07 -31.53 13.76
C LYS A 3 2.19 -30.64 14.66
N TYR A 4 2.22 -30.90 15.96
CA TYR A 4 1.46 -30.12 16.95
C TYR A 4 2.19 -30.17 18.29
N PHE A 5 1.92 -29.24 19.18
CA PHE A 5 2.47 -29.25 20.54
C PHE A 5 1.81 -30.43 21.25
N VAL A 6 2.50 -30.97 22.25
CA VAL A 6 2.03 -32.14 23.04
C VAL A 6 2.18 -31.76 24.50
N LYS A 7 1.16 -32.01 25.30
CA LYS A 7 1.21 -31.80 26.77
C LYS A 7 0.71 -33.10 27.38
N ASN A 8 1.59 -33.79 28.11
CA ASN A 8 1.21 -34.99 28.90
C ASN A 8 0.78 -36.05 27.91
N GLY A 9 1.57 -36.22 26.83
CA GLY A 9 1.37 -37.21 25.74
C GLY A 9 0.11 -37.00 24.90
N GLN A 10 -0.56 -35.84 24.98
CA GLN A 10 -1.79 -35.58 24.20
C GLN A 10 -1.58 -34.33 23.35
N PRO A 11 -2.25 -34.21 22.19
CA PRO A 11 -2.23 -32.98 21.41
C PRO A 11 -2.64 -31.84 22.34
N HIS A 12 -1.91 -30.72 22.28
CA HIS A 12 -2.22 -29.50 23.06
C HIS A 12 -2.19 -28.29 22.13
N PHE A 13 -3.27 -27.54 22.03
CA PHE A 13 -3.25 -26.31 21.21
C PHE A 13 -2.64 -25.23 22.09
N LEU A 14 -1.48 -24.69 21.76
CA LEU A 14 -0.83 -23.63 22.58
C LEU A 14 -1.64 -22.35 22.42
N ILE A 15 -2.30 -21.92 23.49
CA ILE A 15 -3.04 -20.63 23.51
C ILE A 15 -2.36 -19.76 24.55
N SER A 16 -1.65 -18.76 24.07
CA SER A 16 -0.92 -17.81 24.92
C SER A 16 -1.55 -16.45 24.70
N GLY A 17 -1.38 -15.59 25.68
CA GLY A 17 -1.70 -14.15 25.57
C GLY A 17 -0.52 -13.33 26.03
N GLU A 18 -0.26 -12.25 25.33
CA GLU A 18 0.87 -11.35 25.67
C GLU A 18 0.36 -10.35 26.72
N VAL A 19 1.05 -10.27 27.83
CA VAL A 19 0.73 -9.38 28.97
C VAL A 19 2.04 -8.75 29.45
N HIS A 20 2.27 -7.44 29.25
CA HIS A 20 3.55 -6.80 29.61
C HIS A 20 3.47 -6.29 31.05
N TYR A 21 4.02 -7.06 32.00
CA TYR A 21 4.00 -6.73 33.43
C TYR A 21 4.54 -5.30 33.60
N PHE A 22 5.59 -4.92 32.85
CA PHE A 22 6.34 -3.64 32.97
C PHE A 22 5.45 -2.47 32.54
N ARG A 23 4.30 -2.74 31.90
CA ARG A 23 3.35 -1.71 31.40
C ARG A 23 1.97 -1.77 32.08
N ILE A 24 1.87 -2.49 33.18
CA ILE A 24 0.60 -2.70 33.93
C ILE A 24 0.90 -2.38 35.40
N ASN A 25 -0.01 -1.69 36.04
CA ASN A 25 0.01 -1.51 37.50
C ASN A 25 0.18 -2.88 38.14
N PRO A 26 1.25 -3.13 38.94
CA PRO A 26 1.43 -4.44 39.57
C PRO A 26 0.30 -4.88 40.51
N LYS A 27 -0.44 -3.94 41.05
CA LYS A 27 -1.65 -4.25 41.84
C LYS A 27 -2.69 -4.93 40.95
N LEU A 28 -2.59 -4.82 39.62
CA LEU A 28 -3.59 -5.43 38.71
C LEU A 28 -3.02 -6.64 37.95
N TRP A 29 -1.76 -7.01 38.15
CA TRP A 29 -1.18 -8.18 37.45
C TRP A 29 -2.08 -9.42 37.64
N ARG A 30 -2.43 -9.74 38.88
CA ARG A 30 -3.25 -10.95 39.13
C ARG A 30 -4.56 -10.87 38.34
N ASN A 31 -5.22 -9.73 38.28
CA ASN A 31 -6.53 -9.63 37.59
C ASN A 31 -6.34 -9.90 36.09
N HIS A 32 -5.26 -9.38 35.48
CA HIS A 32 -4.94 -9.64 34.04
C HIS A 32 -4.74 -11.14 33.86
N LEU A 33 -3.96 -11.76 34.73
CA LEU A 33 -3.64 -13.19 34.57
C LEU A 33 -4.94 -14.01 34.72
N GLN A 34 -5.74 -13.69 35.72
CA GLN A 34 -6.99 -14.47 35.98
C GLN A 34 -7.91 -14.35 34.76
N LEU A 35 -8.07 -13.13 34.23
CA LEU A 35 -8.98 -12.90 33.09
C LEU A 35 -8.43 -13.62 31.84
N LEU A 36 -7.11 -13.67 31.66
CA LEU A 36 -6.47 -14.40 30.53
C LEU A 36 -6.76 -15.90 30.67
N LYS A 37 -6.53 -16.44 31.87
CA LYS A 37 -6.84 -17.86 32.17
C LYS A 37 -8.30 -18.18 31.92
N GLN A 38 -9.22 -17.29 32.28
CA GLN A 38 -10.68 -17.57 32.11
C GLN A 38 -11.05 -17.58 30.61
N THR A 39 -10.20 -17.14 29.69
CA THR A 39 -10.49 -17.31 28.25
C THR A 39 -10.14 -18.73 27.78
N GLY A 40 -9.50 -19.55 28.61
CA GLY A 40 -9.09 -20.93 28.28
C GLY A 40 -7.63 -20.93 27.80
N ALA A 41 -6.96 -19.78 27.83
CA ALA A 41 -5.52 -19.69 27.49
C ALA A 41 -4.75 -20.53 28.52
N ASP A 42 -3.67 -21.20 28.13
CA ASP A 42 -2.85 -22.03 29.06
C ASP A 42 -1.53 -21.32 29.40
N THR A 43 -1.17 -20.29 28.65
CA THR A 43 0.18 -19.64 28.69
C THR A 43 0.04 -18.11 28.61
N VAL A 44 1.00 -17.43 29.22
CA VAL A 44 1.17 -15.97 29.15
C VAL A 44 2.58 -15.71 28.65
N SER A 45 2.74 -14.62 27.92
CA SER A 45 3.99 -14.29 27.21
C SER A 45 4.36 -12.84 27.50
N THR A 46 5.63 -12.58 27.72
CA THR A 46 6.14 -11.22 28.00
C THR A 46 7.61 -11.09 27.64
N TYR A 47 7.95 -9.90 27.20
CA TYR A 47 9.34 -9.42 27.16
C TYR A 47 9.81 -9.12 28.58
N ILE A 48 11.12 -9.29 28.78
CA ILE A 48 11.84 -8.83 29.99
C ILE A 48 12.84 -7.77 29.50
N PRO A 49 12.48 -6.48 29.55
CA PRO A 49 13.28 -5.47 28.89
C PRO A 49 14.58 -5.16 29.64
N TRP A 50 15.68 -5.27 28.92
CA TRP A 50 17.02 -4.98 29.49
C TRP A 50 17.02 -3.56 30.08
N ASP A 51 16.52 -2.59 29.32
CA ASP A 51 16.45 -1.18 29.77
C ASP A 51 15.65 -1.02 31.07
N TRP A 52 14.62 -1.83 31.27
CA TRP A 52 13.73 -1.72 32.44
C TRP A 52 14.42 -2.27 33.70
N HIS A 53 15.30 -3.25 33.55
CA HIS A 53 15.83 -4.02 34.70
C HIS A 53 17.28 -3.62 35.02
N GLU A 54 18.06 -3.19 34.06
CA GLU A 54 19.43 -2.71 34.35
C GLU A 54 19.36 -1.19 34.28
N ILE A 55 18.93 -0.60 35.38
CA ILE A 55 18.39 0.79 35.40
C ILE A 55 19.55 1.78 35.24
N GLU A 56 20.74 1.41 35.65
CA GLU A 56 22.02 2.09 35.28
C GLU A 56 23.05 0.98 35.10
N GLU A 57 24.21 1.29 34.56
CA GLU A 57 25.23 0.24 34.34
C GLU A 57 25.50 -0.47 35.67
N ASP A 58 25.34 -1.79 35.67
CA ASP A 58 25.62 -2.69 36.82
C ASP A 58 24.67 -2.45 37.98
N ASP A 59 23.51 -1.82 37.76
CA ASP A 59 22.48 -1.61 38.81
C ASP A 59 21.22 -2.37 38.36
N PHE A 60 20.93 -3.53 38.96
CA PHE A 60 19.86 -4.46 38.47
C PHE A 60 18.72 -4.48 39.48
N ASP A 61 17.49 -4.40 38.97
CA ASP A 61 16.30 -4.50 39.83
C ASP A 61 15.30 -5.45 39.16
N PHE A 62 15.13 -6.65 39.71
CA PHE A 62 14.11 -7.63 39.28
C PHE A 62 13.03 -7.82 40.36
N GLU A 63 13.08 -7.02 41.42
CA GLU A 63 12.29 -7.28 42.65
C GLU A 63 11.36 -6.11 42.97
N GLY A 64 11.33 -5.08 42.11
CA GLY A 64 10.49 -3.90 42.35
C GLY A 64 11.03 -3.00 43.47
N LYS A 65 12.34 -3.03 43.74
CA LYS A 65 13.04 -2.13 44.72
C LYS A 65 12.92 -0.66 44.30
N THR A 66 13.00 -0.34 43.01
CA THR A 66 13.09 1.07 42.52
C THR A 66 11.83 1.47 41.76
N HIS A 67 11.05 0.52 41.27
CA HIS A 67 9.71 0.78 40.71
C HIS A 67 8.95 -0.53 40.88
N PRO A 68 7.70 -0.50 41.39
CA PRO A 68 6.95 -1.74 41.59
C PRO A 68 6.90 -2.67 40.36
N ALA A 69 6.84 -2.13 39.14
CA ALA A 69 6.65 -2.95 37.94
C ALA A 69 8.00 -3.54 37.48
N ARG A 70 9.08 -3.31 38.24
CA ARG A 70 10.39 -3.98 38.01
C ARG A 70 10.39 -5.32 38.74
N ASN A 71 9.29 -5.68 39.43
CA ASN A 71 9.17 -6.93 40.23
C ASN A 71 8.84 -8.12 39.31
N LEU A 72 9.78 -8.45 38.44
CA LEU A 72 9.69 -9.67 37.58
C LEU A 72 9.41 -10.87 38.48
N ILE A 73 10.13 -10.97 39.61
CA ILE A 73 10.08 -12.22 40.41
C ILE A 73 8.63 -12.43 40.82
N ARG A 74 7.98 -11.36 41.25
CA ARG A 74 6.56 -11.46 41.67
C ARG A 74 5.68 -11.85 40.47
N PHE A 75 5.89 -11.26 39.29
CA PHE A 75 5.09 -11.61 38.10
C PHE A 75 5.22 -13.11 37.81
N ILE A 76 6.43 -13.67 37.79
CA ILE A 76 6.66 -15.12 37.58
C ILE A 76 5.85 -15.93 38.61
N LYS A 77 5.91 -15.51 39.87
CA LYS A 77 5.25 -16.23 40.97
C LYS A 77 3.73 -16.17 40.75
N LEU A 78 3.19 -15.05 40.27
CA LEU A 78 1.73 -14.90 40.04
C LEU A 78 1.33 -15.82 38.87
N CYS A 79 2.16 -15.94 37.84
CA CYS A 79 1.86 -16.84 36.69
C CYS A 79 1.65 -18.26 37.24
N LYS A 80 2.55 -18.72 38.10
CA LYS A 80 2.46 -20.07 38.68
C LYS A 80 1.19 -20.18 39.56
N GLU A 81 0.87 -19.18 40.38
CA GLU A 81 -0.31 -19.19 41.28
C GLU A 81 -1.58 -19.25 40.44
N GLU A 82 -1.59 -18.62 39.26
CA GLU A 82 -2.81 -18.56 38.43
C GLU A 82 -2.79 -19.64 37.33
N ASN A 83 -1.93 -20.65 37.47
CA ASN A 83 -1.87 -21.85 36.60
C ASN A 83 -1.70 -21.46 35.13
N LEU A 84 -0.85 -20.48 34.86
CA LEU A 84 -0.41 -20.15 33.48
C LEU A 84 1.06 -20.52 33.36
N ASP A 85 1.41 -21.19 32.27
CA ASP A 85 2.81 -21.33 31.82
C ASP A 85 3.27 -19.97 31.28
N LEU A 86 4.57 -19.74 31.22
CA LEU A 86 5.11 -18.40 30.88
C LEU A 86 6.17 -18.55 29.78
N ILE A 87 6.04 -17.73 28.74
CA ILE A 87 7.07 -17.51 27.70
C ILE A 87 7.77 -16.21 28.09
N VAL A 88 9.10 -16.23 28.21
CA VAL A 88 9.93 -15.04 28.58
C VAL A 88 10.77 -14.68 27.36
N LYS A 89 11.01 -13.38 27.19
CA LYS A 89 11.71 -12.89 25.98
C LYS A 89 12.62 -11.76 26.42
N PRO A 90 13.85 -12.08 26.90
CA PRO A 90 14.74 -11.05 27.47
C PRO A 90 15.64 -10.30 26.49
N GLY A 91 15.46 -10.52 25.20
CA GLY A 91 16.24 -9.75 24.23
C GLY A 91 17.59 -10.39 23.92
N PRO A 92 18.65 -9.59 23.65
CA PRO A 92 18.72 -8.17 24.06
C PRO A 92 17.74 -7.21 23.38
N TYR A 93 17.49 -7.35 22.07
CA TYR A 93 16.40 -6.55 21.45
C TYR A 93 15.06 -7.15 21.80
N ILE A 94 14.07 -6.30 22.08
CA ILE A 94 12.63 -6.68 22.22
C ILE A 94 11.78 -5.90 21.22
N LEU A 95 12.25 -4.79 20.67
CA LEU A 95 11.42 -3.91 19.82
C LEU A 95 10.23 -3.43 20.67
N ALA A 96 9.08 -4.08 20.56
CA ALA A 96 7.94 -3.89 21.49
C ALA A 96 7.51 -2.42 21.60
N GLU A 97 7.80 -1.57 20.59
CA GLU A 97 7.50 -0.10 20.66
C GLU A 97 7.98 0.45 22.01
N TYR A 98 9.11 -0.04 22.49
CA TYR A 98 9.78 0.42 23.72
C TYR A 98 10.96 1.31 23.32
N GLU A 99 11.20 2.41 24.05
CA GLU A 99 12.34 3.33 23.73
C GLU A 99 13.61 2.52 23.44
N ASN A 100 14.26 2.86 22.32
CA ASN A 100 15.55 2.28 21.90
C ASN A 100 15.42 0.78 21.65
N GLN A 101 14.20 0.31 21.38
CA GLN A 101 13.92 -1.10 21.01
C GLN A 101 14.28 -2.00 22.21
N GLY A 102 14.36 -1.43 23.42
CA GLY A 102 14.59 -2.21 24.65
C GLY A 102 16.01 -2.11 25.19
N LEU A 103 16.95 -1.55 24.42
CA LEU A 103 18.35 -1.42 24.84
C LEU A 103 18.41 -0.27 25.83
N PRO A 104 19.19 -0.38 26.91
CA PRO A 104 19.33 0.70 27.86
C PRO A 104 19.84 2.00 27.21
N SER A 105 19.24 3.13 27.58
CA SER A 105 19.77 4.49 27.26
C SER A 105 21.24 4.58 27.64
N TRP A 106 21.62 4.15 28.86
CA TRP A 106 23.02 4.29 29.34
C TRP A 106 23.96 3.50 28.40
N LEU A 107 23.48 2.36 27.89
CA LEU A 107 24.33 1.54 26.98
C LEU A 107 24.54 2.30 25.68
N LEU A 108 23.48 2.78 25.04
CA LEU A 108 23.60 3.41 23.71
C LEU A 108 24.43 4.69 23.85
N LYS A 109 24.40 5.33 25.02
CA LYS A 109 25.23 6.56 25.25
C LYS A 109 26.67 6.11 25.34
N LYS A 110 26.93 5.00 26.01
CA LYS A 110 28.30 4.58 26.36
C LYS A 110 29.03 3.93 25.18
N LEU A 111 28.37 3.10 24.37
CA LEU A 111 29.02 2.30 23.30
C LEU A 111 29.89 3.19 22.39
N SER A 112 31.06 2.73 22.01
CA SER A 112 31.89 3.46 21.01
C SER A 112 31.26 3.23 19.63
N LYS A 113 31.70 3.99 18.62
CA LYS A 113 31.08 4.09 17.27
C LYS A 113 31.08 2.69 16.58
N ASN A 114 32.09 1.87 16.85
CA ASN A 114 32.26 0.56 16.15
C ASN A 114 31.36 -0.50 16.79
N ALA A 115 30.47 -0.14 17.71
CA ALA A 115 29.40 -1.03 18.20
C ALA A 115 28.21 -0.96 17.26
N PHE A 116 28.08 0.12 16.46
CA PHE A 116 26.86 0.43 15.71
C PHE A 116 26.92 -0.17 14.31
N ALA A 117 25.76 -0.45 13.74
CA ALA A 117 25.60 -0.76 12.29
C ALA A 117 25.96 0.49 11.49
N LEU A 118 26.77 0.35 10.44
CA LEU A 118 27.30 1.50 9.65
C LEU A 118 26.95 1.33 8.18
N ASP A 119 26.64 2.44 7.50
CA ASP A 119 26.46 2.49 6.02
C ASP A 119 27.85 2.39 5.36
N GLU A 120 27.91 2.31 4.02
CA GLU A 120 29.20 2.10 3.28
C GLU A 120 30.12 3.32 3.45
N ASN A 121 29.55 4.50 3.71
CA ASN A 121 30.34 5.73 3.98
C ASN A 121 30.93 5.64 5.39
N GLY A 122 30.43 4.73 6.25
CA GLY A 122 30.93 4.56 7.62
C GLY A 122 30.12 5.36 8.64
N ASN A 123 28.94 5.85 8.27
CA ASN A 123 28.04 6.62 9.19
C ASN A 123 27.05 5.68 9.90
N VAL A 124 26.71 6.02 11.15
CA VAL A 124 25.76 5.25 12.02
C VAL A 124 24.40 5.26 11.35
N ILE A 125 23.89 4.08 11.05
CA ILE A 125 22.57 3.97 10.36
C ILE A 125 21.49 4.51 11.29
N SER A 126 21.54 4.17 12.58
CA SER A 126 20.53 4.58 13.59
C SER A 126 21.14 4.47 14.98
N PRO A 127 20.91 5.49 15.84
CA PRO A 127 21.53 5.54 17.16
C PRO A 127 21.05 4.45 18.13
N ASP A 128 20.02 3.65 17.77
CA ASP A 128 19.60 2.47 18.56
C ASP A 128 19.84 1.16 17.81
N LEU A 129 20.60 1.18 16.70
CA LEU A 129 20.90 -0.04 15.91
C LEU A 129 22.38 -0.45 16.09
N VAL A 130 22.64 -1.46 16.92
CA VAL A 130 23.99 -1.99 17.14
C VAL A 130 24.30 -2.96 15.99
N SER A 131 25.57 -3.30 15.86
CA SER A 131 26.10 -4.40 15.03
C SER A 131 25.98 -5.68 15.83
N TYR A 132 25.25 -6.68 15.34
CA TYR A 132 24.93 -7.86 16.18
C TYR A 132 26.20 -8.46 16.78
N LEU A 133 27.30 -8.53 16.02
CA LEU A 133 28.50 -9.27 16.47
C LEU A 133 29.55 -8.29 16.99
N SER A 134 29.20 -7.01 17.19
CA SER A 134 30.07 -6.05 17.92
C SER A 134 30.55 -6.71 19.20
N ASP A 135 31.86 -6.73 19.47
CA ASP A 135 32.42 -7.29 20.71
C ASP A 135 31.82 -6.55 21.91
N GLU A 136 31.67 -5.25 21.78
CA GLU A 136 31.22 -4.37 22.90
C GLU A 136 29.77 -4.72 23.22
N PHE A 137 28.94 -4.80 22.19
CA PHE A 137 27.51 -5.17 22.30
C PHE A 137 27.38 -6.52 22.99
N LEU A 138 28.14 -7.52 22.55
CA LEU A 138 28.02 -8.89 23.12
C LEU A 138 28.53 -8.93 24.56
N GLU A 139 29.53 -8.11 24.89
CA GLU A 139 30.04 -8.06 26.29
C GLU A 139 28.91 -7.59 27.22
N TYR A 140 28.21 -6.52 26.85
CA TYR A 140 27.10 -5.99 27.67
C TYR A 140 25.90 -6.93 27.62
N THR A 141 25.58 -7.49 26.46
CA THR A 141 24.47 -8.46 26.35
C THR A 141 24.75 -9.60 27.32
N PHE A 142 25.99 -10.06 27.37
CA PHE A 142 26.36 -11.19 28.26
C PHE A 142 26.20 -10.80 29.73
N LYS A 143 26.58 -9.59 30.10
CA LYS A 143 26.40 -9.11 31.50
C LYS A 143 24.91 -9.01 31.85
N TRP A 144 24.05 -8.66 30.88
CA TRP A 144 22.57 -8.65 31.09
C TRP A 144 22.08 -10.09 31.28
N TYR A 145 22.53 -11.02 30.43
CA TYR A 145 22.20 -12.44 30.52
C TYR A 145 22.67 -13.00 31.85
N ASP A 146 23.83 -12.56 32.34
CA ASP A 146 24.38 -13.05 33.64
C ASP A 146 23.38 -12.79 34.77
N LYS A 147 22.54 -11.76 34.67
CA LYS A 147 21.57 -11.37 35.73
C LYS A 147 20.17 -11.94 35.45
N VAL A 148 19.70 -11.94 34.21
CA VAL A 148 18.31 -12.37 33.90
C VAL A 148 18.27 -13.87 33.73
N MET A 149 19.33 -14.52 33.23
CA MET A 149 19.23 -15.96 32.89
C MET A 149 19.17 -16.83 34.14
N PRO A 150 19.84 -16.50 35.27
CA PRO A 150 19.70 -17.32 36.49
C PRO A 150 18.26 -17.34 36.99
N ILE A 151 17.56 -16.22 36.87
CA ILE A 151 16.14 -16.10 37.28
C ILE A 151 15.31 -17.02 36.38
N ILE A 152 15.49 -16.88 35.07
CA ILE A 152 14.80 -17.74 34.06
C ILE A 152 15.10 -19.21 34.36
N SER A 153 16.36 -19.56 34.65
CA SER A 153 16.77 -20.96 34.90
C SER A 153 16.04 -21.49 36.12
N LYS A 154 16.03 -20.71 37.20
CA LYS A 154 15.43 -21.14 38.49
C LYS A 154 13.93 -21.41 38.31
N HIS A 155 13.23 -20.70 37.41
CA HIS A 155 11.75 -20.71 37.29
C HIS A 155 11.26 -21.55 36.10
N GLN A 156 12.14 -22.37 35.54
CA GLN A 156 11.79 -23.30 34.45
C GLN A 156 10.81 -24.39 34.91
N LYS A 157 10.03 -24.93 33.97
CA LYS A 157 9.07 -26.04 34.19
C LYS A 157 9.80 -27.19 34.89
N GLU A 158 11.02 -27.58 34.47
CA GLU A 158 11.68 -28.77 35.06
C GLU A 158 11.98 -28.53 36.56
N HIS A 159 11.98 -27.29 37.04
CA HIS A 159 12.16 -26.96 38.48
C HIS A 159 10.82 -26.53 39.08
N TYR A 160 9.70 -26.92 38.49
CA TYR A 160 8.32 -26.71 38.99
C TYR A 160 7.93 -25.24 38.88
N GLY A 161 8.70 -24.44 38.12
CA GLY A 161 8.34 -23.06 37.81
C GLY A 161 7.42 -23.03 36.59
N PRO A 162 6.92 -21.85 36.21
CA PRO A 162 6.00 -21.77 35.07
C PRO A 162 6.65 -21.61 33.69
N ILE A 163 7.97 -21.40 33.61
CA ILE A 163 8.62 -20.98 32.34
C ILE A 163 8.79 -22.21 31.44
N THR A 164 8.12 -22.17 30.27
CA THR A 164 8.15 -23.30 29.30
C THR A 164 8.93 -22.91 28.04
N MET A 165 9.08 -21.65 27.71
CA MET A 165 9.73 -21.27 26.43
C MET A 165 10.44 -19.95 26.61
N MET A 166 11.46 -19.72 25.81
CA MET A 166 12.17 -18.43 25.81
C MET A 166 12.53 -18.04 24.38
N GLN A 167 12.28 -16.77 24.05
CA GLN A 167 12.63 -16.22 22.74
C GLN A 167 14.04 -15.64 22.83
N LEU A 168 14.87 -15.95 21.84
CA LEU A 168 16.21 -15.35 21.69
C LEU A 168 16.08 -14.06 20.88
N CYS A 169 16.46 -12.93 21.46
CA CYS A 169 16.44 -11.61 20.80
C CYS A 169 15.05 -11.40 20.21
N ASN A 170 14.92 -10.65 19.10
CA ASN A 170 13.58 -10.36 18.54
C ASN A 170 13.73 -10.03 17.04
N GLU A 171 13.09 -10.81 16.18
CA GLU A 171 13.02 -10.53 14.72
C GLU A 171 14.39 -10.15 14.15
N ILE A 172 15.37 -11.02 14.31
CA ILE A 172 16.75 -10.74 13.84
C ILE A 172 16.70 -10.24 12.39
N GLY A 173 17.37 -9.12 12.18
CA GLY A 173 17.52 -8.46 10.86
C GLY A 173 16.38 -7.53 10.53
N VAL A 174 15.36 -7.38 11.38
CA VAL A 174 14.17 -6.52 11.07
C VAL A 174 14.63 -5.05 10.83
N PHE A 175 15.83 -4.63 11.27
CA PHE A 175 16.37 -3.26 11.00
C PHE A 175 17.21 -3.19 9.73
N GLN A 176 18.04 -4.17 9.40
CA GLN A 176 18.62 -4.26 8.03
C GLN A 176 17.49 -4.23 6.95
N TRP A 177 16.28 -4.64 7.36
CA TRP A 177 15.08 -4.58 6.49
C TRP A 177 14.40 -3.19 6.58
N LEU A 178 13.97 -2.70 7.73
CA LEU A 178 13.07 -1.51 7.84
C LEU A 178 13.86 -0.20 7.65
N SER A 179 15.07 -0.12 8.20
CA SER A 179 16.02 1.02 8.04
C SER A 179 16.17 1.31 6.55
N GLY A 180 16.14 0.24 5.76
CA GLY A 180 16.29 0.33 4.30
C GLY A 180 17.73 0.27 3.86
N LYS A 181 18.63 -0.35 4.66
CA LYS A 181 20.11 -0.32 4.48
C LYS A 181 20.84 -1.47 5.18
N SER A 182 21.94 -1.92 4.56
CA SER A 182 22.83 -3.06 4.91
C SER A 182 23.88 -2.61 5.94
N ASP A 183 24.40 -3.50 6.80
CA ASP A 183 25.42 -3.18 7.84
C ASP A 183 26.84 -3.39 7.31
N TYR A 184 27.62 -2.31 7.12
CA TYR A 184 29.01 -2.34 6.61
C TYR A 184 30.03 -2.13 7.75
N ASN A 185 29.65 -2.38 9.00
CA ASN A 185 30.58 -2.41 10.17
C ASN A 185 31.81 -3.26 9.86
N PRO A 186 33.05 -2.87 10.22
CA PRO A 186 34.25 -3.61 9.83
C PRO A 186 34.36 -5.02 10.43
N LYS A 187 33.72 -5.25 11.58
CA LYS A 187 33.57 -6.62 12.14
C LYS A 187 32.87 -7.51 11.11
N VAL A 188 31.81 -6.97 10.50
CA VAL A 188 30.96 -7.64 9.48
C VAL A 188 31.79 -7.82 8.20
N ILE A 189 32.38 -6.74 7.69
CA ILE A 189 33.17 -6.79 6.42
C ILE A 189 34.31 -7.79 6.56
N ASN A 190 34.97 -7.85 7.72
CA ASN A 190 36.08 -8.81 7.92
C ASN A 190 35.52 -10.23 8.02
N LEU A 191 34.34 -10.45 8.62
CA LEU A 191 33.75 -11.82 8.63
C LEU A 191 33.39 -12.19 7.18
N TYR A 192 32.91 -11.25 6.41
CA TYR A 192 32.53 -11.51 4.99
C TYR A 192 33.79 -11.93 4.22
N LYS A 193 34.89 -11.20 4.36
CA LYS A 193 36.16 -11.54 3.65
C LYS A 193 36.59 -12.97 4.03
N GLU A 194 36.50 -13.35 5.32
CA GLU A 194 36.79 -14.73 5.79
C GLU A 194 35.88 -15.74 5.09
N PHE A 195 34.59 -15.45 5.03
CA PHE A 195 33.55 -16.30 4.41
C PHE A 195 33.90 -16.55 2.94
N ILE A 196 34.28 -15.48 2.25
CA ILE A 196 34.62 -15.55 0.79
C ILE A 196 35.87 -16.42 0.61
N ILE A 197 36.92 -16.20 1.42
CA ILE A 197 38.19 -16.98 1.31
C ILE A 197 37.86 -18.45 1.56
N GLN A 198 37.06 -18.74 2.59
CA GLN A 198 36.66 -20.13 2.90
C GLN A 198 35.89 -20.68 1.71
N ARG A 199 35.01 -19.89 1.09
CA ARG A 199 34.13 -20.44 0.03
C ARG A 199 34.94 -20.79 -1.22
N TYR A 200 35.87 -19.91 -1.65
CA TYR A 200 36.51 -19.99 -2.98
C TYR A 200 37.95 -20.51 -2.89
N LYS A 201 38.68 -20.33 -1.78
CA LYS A 201 40.05 -20.87 -1.50
C LYS A 201 41.14 -20.06 -2.19
N THR A 202 40.94 -19.71 -3.46
CA THR A 202 41.95 -18.97 -4.27
C THR A 202 41.23 -17.86 -5.03
N ILE A 203 41.97 -16.80 -5.29
CA ILE A 203 41.41 -15.66 -6.03
C ILE A 203 41.09 -16.12 -7.45
N GLU A 204 41.81 -17.10 -7.96
CA GLU A 204 41.58 -17.59 -9.34
C GLU A 204 40.21 -18.26 -9.43
N LYS A 205 39.84 -19.08 -8.44
CA LYS A 205 38.53 -19.78 -8.37
C LYS A 205 37.42 -18.73 -8.27
N LEU A 206 37.57 -17.70 -7.42
CA LEU A 206 36.55 -16.63 -7.30
C LEU A 206 36.42 -15.94 -8.66
N ASN A 207 37.56 -15.60 -9.28
CA ASN A 207 37.60 -14.86 -10.57
C ASN A 207 36.89 -15.68 -11.66
N SER A 208 37.01 -17.01 -11.63
CA SER A 208 36.41 -17.88 -12.66
C SER A 208 34.89 -17.83 -12.49
N VAL A 209 34.38 -17.67 -11.27
CA VAL A 209 32.93 -17.73 -11.03
C VAL A 209 32.35 -16.34 -11.30
N TYR A 210 32.99 -15.28 -10.78
CA TYR A 210 32.48 -13.90 -10.87
C TYR A 210 32.78 -13.28 -12.25
N SER A 211 33.75 -13.84 -13.01
CA SER A 211 34.38 -13.20 -14.21
C SER A 211 35.07 -11.89 -13.81
N THR A 212 35.73 -11.84 -12.66
CA THR A 212 36.52 -10.68 -12.22
C THR A 212 38.01 -10.96 -12.49
N ASN A 213 38.85 -9.94 -12.26
CA ASN A 213 40.30 -10.00 -12.54
C ASN A 213 41.10 -9.54 -11.32
N TYR A 214 40.72 -9.96 -10.12
CA TYR A 214 41.38 -9.54 -8.87
C TYR A 214 42.76 -10.22 -8.81
N ASN A 215 43.77 -9.50 -8.32
CA ASN A 215 45.13 -10.09 -8.14
C ASN A 215 45.18 -10.88 -6.84
N SER A 216 44.38 -10.51 -5.83
CA SER A 216 44.37 -11.22 -4.54
C SER A 216 43.05 -10.99 -3.81
N PHE A 217 42.79 -11.77 -2.76
CA PHE A 217 41.58 -11.56 -1.91
C PHE A 217 41.61 -10.16 -1.30
N ASP A 218 42.77 -9.52 -1.13
CA ASP A 218 42.88 -8.17 -0.53
C ASP A 218 42.26 -7.12 -1.45
N ASP A 219 42.11 -7.42 -2.74
CA ASP A 219 41.51 -6.48 -3.71
C ASP A 219 39.97 -6.53 -3.63
N LEU A 220 39.38 -7.59 -3.10
CA LEU A 220 37.90 -7.78 -3.06
C LEU A 220 37.34 -6.94 -1.91
N LYS A 221 36.35 -6.08 -2.20
CA LYS A 221 35.68 -5.22 -1.20
C LYS A 221 34.24 -5.70 -1.07
N ALA A 222 33.60 -5.46 0.08
CA ALA A 222 32.18 -5.81 0.27
C ALA A 222 31.41 -5.06 -0.81
N PRO A 223 30.48 -5.72 -1.54
CA PRO A 223 29.74 -5.02 -2.60
C PRO A 223 28.88 -3.89 -2.03
N SER A 224 28.79 -2.79 -2.79
CA SER A 224 27.97 -1.59 -2.47
C SER A 224 27.54 -0.94 -3.79
N GLY A 225 26.55 -0.08 -3.73
CA GLY A 225 26.02 0.61 -4.91
C GLY A 225 25.28 -0.34 -5.84
N LYS A 226 24.85 0.17 -6.97
CA LYS A 226 23.90 -0.57 -7.84
C LYS A 226 24.64 -1.73 -8.51
N ILE A 227 23.92 -2.80 -8.86
CA ILE A 227 24.46 -3.93 -9.68
C ILE A 227 24.44 -3.49 -11.16
N LYS A 228 25.61 -3.38 -11.80
CA LYS A 228 25.72 -2.96 -13.22
C LYS A 228 26.21 -4.13 -14.07
N LEU A 229 27.01 -5.02 -13.49
CA LEU A 229 27.63 -6.19 -14.15
C LEU A 229 27.19 -7.48 -13.47
N ARG A 230 27.26 -8.60 -14.17
CA ARG A 230 26.94 -9.92 -13.59
C ARG A 230 27.93 -10.21 -12.44
N SER A 231 29.13 -9.64 -12.48
CA SER A 231 30.10 -9.86 -11.38
C SER A 231 29.59 -9.15 -10.11
N ASP A 232 28.88 -8.04 -10.25
CA ASP A 232 28.29 -7.30 -9.10
C ASP A 232 27.18 -8.17 -8.50
N TYR A 233 26.39 -8.81 -9.36
CA TYR A 233 25.28 -9.70 -8.93
C TYR A 233 25.86 -10.89 -8.13
N CYS A 234 26.92 -11.52 -8.63
CA CYS A 234 27.62 -12.64 -7.97
C CYS A 234 28.10 -12.20 -6.58
N ALA A 235 28.73 -11.03 -6.48
CA ALA A 235 29.29 -10.54 -5.21
C ALA A 235 28.15 -10.35 -4.20
N TYR A 236 27.07 -9.72 -4.64
CA TYR A 236 25.91 -9.48 -3.76
C TYR A 236 25.27 -10.80 -3.38
N PHE A 237 25.22 -11.77 -4.29
CA PHE A 237 24.58 -13.06 -3.98
C PHE A 237 25.33 -13.71 -2.82
N ASP A 238 26.66 -13.71 -2.90
CA ASP A 238 27.48 -14.31 -1.83
C ASP A 238 27.32 -13.46 -0.55
N PHE A 239 27.09 -12.16 -0.70
CA PHE A 239 26.94 -11.23 0.46
C PHE A 239 25.65 -11.62 1.20
N HIS A 240 24.60 -11.99 0.44
CA HIS A 240 23.34 -12.52 1.00
C HIS A 240 23.62 -13.84 1.71
N LEU A 241 24.37 -14.75 1.09
CA LEU A 241 24.69 -16.05 1.72
C LEU A 241 25.43 -15.75 3.03
N PHE A 242 26.37 -14.83 3.00
CA PHE A 242 27.15 -14.45 4.19
C PHE A 242 26.21 -13.95 5.31
N PHE A 243 25.27 -13.06 5.00
CA PHE A 243 24.37 -12.52 6.06
C PHE A 243 23.58 -13.66 6.71
N ARG A 244 23.21 -14.68 5.95
CA ARG A 244 22.50 -15.83 6.56
C ARG A 244 23.42 -16.56 7.54
N GLU A 245 24.71 -16.68 7.23
CA GLU A 245 25.70 -17.28 8.16
C GLU A 245 25.88 -16.35 9.36
N TYR A 246 25.93 -15.04 9.12
CA TYR A 246 26.10 -14.01 10.16
C TYR A 246 24.96 -14.12 11.18
N TYR A 247 23.71 -14.15 10.73
CA TYR A 247 22.57 -14.26 11.70
C TYR A 247 22.62 -15.59 12.47
N ASN A 248 23.07 -16.66 11.82
CA ASN A 248 23.27 -17.96 12.49
C ASN A 248 24.38 -17.84 13.54
N LYS A 249 25.45 -17.12 13.25
CA LYS A 249 26.54 -16.93 14.24
C LYS A 249 25.96 -16.20 15.46
N TYR A 250 25.16 -15.14 15.23
CA TYR A 250 24.62 -14.31 16.32
C TYR A 250 23.73 -15.18 17.22
N ILE A 251 22.77 -15.90 16.61
CA ILE A 251 21.79 -16.68 17.41
C ILE A 251 22.56 -17.82 18.12
N SER A 252 23.58 -18.38 17.48
CA SER A 252 24.41 -19.48 18.03
C SER A 252 25.12 -19.01 19.30
N ILE A 253 25.70 -17.82 19.26
CA ILE A 253 26.39 -17.23 20.43
C ILE A 253 25.37 -17.02 21.55
N LEU A 254 24.20 -16.45 21.27
CA LEU A 254 23.18 -16.26 22.33
C LEU A 254 22.76 -17.61 22.90
N LYS A 255 22.52 -18.59 22.04
CA LYS A 255 22.04 -19.93 22.46
C LYS A 255 23.10 -20.61 23.35
N ASN A 256 24.38 -20.55 22.97
CA ASN A 256 25.44 -21.23 23.74
C ASN A 256 25.55 -20.59 25.14
N LYS A 257 25.43 -19.27 25.21
CA LYS A 257 25.46 -18.49 26.48
C LYS A 257 24.28 -18.93 27.35
N ILE A 258 23.09 -18.96 26.78
CA ILE A 258 21.86 -19.37 27.51
C ILE A 258 21.98 -20.77 28.07
N ARG A 259 22.47 -21.73 27.27
CA ARG A 259 22.48 -23.15 27.69
C ARG A 259 23.43 -23.28 28.89
N SER A 260 24.44 -22.42 29.01
CA SER A 260 25.44 -22.54 30.11
C SER A 260 24.78 -22.25 31.47
N PHE A 261 23.57 -21.68 31.53
CA PHE A 261 22.85 -21.42 32.82
C PHE A 261 21.97 -22.59 33.23
N GLY A 262 22.03 -23.70 32.54
CA GLY A 262 21.18 -24.85 32.84
C GLY A 262 19.76 -24.63 32.33
N ILE A 263 19.60 -23.79 31.31
CA ILE A 263 18.27 -23.51 30.69
C ILE A 263 18.03 -24.55 29.60
N ASN A 264 17.09 -25.44 29.83
CA ASN A 264 16.77 -26.58 28.92
C ASN A 264 15.39 -26.44 28.27
N ILE A 265 14.61 -25.41 28.59
CA ILE A 265 13.30 -25.13 27.94
C ILE A 265 13.46 -24.91 26.44
N LYS A 266 12.33 -24.93 25.75
CA LYS A 266 12.22 -24.72 24.28
C LYS A 266 12.63 -23.28 23.95
N LEU A 267 13.55 -23.11 23.02
CA LEU A 267 14.01 -21.79 22.54
C LEU A 267 13.25 -21.40 21.27
N THR A 268 12.97 -20.11 21.09
CA THR A 268 12.09 -19.62 19.99
C THR A 268 12.74 -18.45 19.28
N HIS A 269 12.23 -18.19 18.10
CA HIS A 269 12.48 -16.91 17.43
C HIS A 269 11.24 -16.56 16.66
N ASN A 270 11.14 -15.31 16.24
CA ASN A 270 9.87 -14.76 15.71
C ASN A 270 10.15 -14.09 14.37
N ILE A 271 9.28 -14.34 13.41
CA ILE A 271 9.48 -13.91 12.01
C ILE A 271 8.65 -12.68 11.72
N PRO A 272 9.33 -11.57 11.34
CA PRO A 272 8.65 -10.36 10.90
C PRO A 272 8.27 -10.47 9.40
N GLY A 273 7.55 -9.48 8.88
CA GLY A 273 7.34 -9.34 7.42
C GLY A 273 6.03 -8.72 7.03
N TRP A 274 5.04 -8.70 7.92
CA TRP A 274 3.77 -8.06 7.54
C TRP A 274 3.99 -6.55 7.59
N ILE A 275 3.38 -5.83 6.64
CA ILE A 275 3.29 -4.35 6.77
C ILE A 275 2.08 -3.91 5.97
N TYR A 276 1.31 -2.98 6.52
CA TYR A 276 0.10 -2.47 5.86
C TYR A 276 -0.91 -3.59 5.62
N GLY A 277 -0.91 -4.65 6.41
CA GLY A 277 -1.89 -5.75 6.34
C GLY A 277 -1.64 -6.79 5.26
N ASN A 278 -0.45 -6.78 4.65
CA ASN A 278 -0.04 -7.82 3.68
C ASN A 278 1.33 -8.38 4.11
N ALA A 279 1.64 -9.59 3.68
CA ALA A 279 2.84 -10.33 4.10
C ALA A 279 3.64 -10.83 2.89
N SER A 280 3.48 -10.21 1.72
CA SER A 280 4.18 -10.64 0.47
C SER A 280 5.71 -10.53 0.62
N GLU A 281 6.22 -9.74 1.57
CA GLU A 281 7.68 -9.58 1.80
C GLU A 281 8.12 -10.55 2.92
N LEU A 282 7.17 -11.15 3.66
CA LEU A 282 7.60 -12.05 4.76
C LEU A 282 8.50 -13.18 4.23
N PRO A 283 8.20 -13.81 3.07
CA PRO A 283 9.04 -14.94 2.60
C PRO A 283 10.51 -14.55 2.43
N MET A 284 10.78 -13.31 2.03
CA MET A 284 12.15 -12.74 2.00
C MET A 284 12.77 -12.80 3.42
N LEU A 285 12.05 -12.31 4.42
CA LEU A 285 12.58 -12.26 5.82
C LEU A 285 12.80 -13.72 6.30
N ILE A 286 11.85 -14.62 6.05
CA ILE A 286 12.06 -15.99 6.56
C ILE A 286 13.29 -16.61 5.87
N SER A 287 13.58 -16.24 4.63
CA SER A 287 14.75 -16.77 3.86
C SER A 287 16.04 -16.32 4.55
N THR A 288 16.04 -15.21 5.30
CA THR A 288 17.25 -14.73 6.01
C THR A 288 17.61 -15.67 7.17
N TYR A 289 16.70 -16.56 7.57
CA TYR A 289 16.87 -17.50 8.70
C TYR A 289 17.26 -18.91 8.17
N SER A 290 17.58 -19.04 6.88
CA SER A 290 17.76 -20.37 6.25
C SER A 290 18.87 -21.13 6.99
N GLU A 291 19.95 -20.45 7.35
CA GLU A 291 21.13 -21.10 7.99
C GLU A 291 20.82 -21.37 9.46
N ILE A 292 20.09 -20.51 10.16
CA ILE A 292 19.64 -20.85 11.54
C ILE A 292 18.79 -22.13 11.51
N MET A 293 17.80 -22.21 10.63
CA MET A 293 16.84 -23.35 10.67
C MET A 293 17.55 -24.67 10.29
N LYS A 294 18.56 -24.64 9.43
CA LYS A 294 19.38 -25.84 9.13
C LYS A 294 20.23 -26.24 10.34
N ASN A 295 20.81 -25.29 11.07
CA ASN A 295 21.79 -25.58 12.14
C ASN A 295 21.12 -25.78 13.49
N HIS A 296 19.90 -25.29 13.70
CA HIS A 296 19.28 -25.31 15.04
C HIS A 296 17.91 -25.94 14.94
N PRO A 297 17.81 -27.29 14.94
CA PRO A 297 16.52 -27.95 14.88
C PRO A 297 15.72 -27.74 16.17
N ASP A 298 16.40 -27.32 17.25
CA ASP A 298 15.80 -27.16 18.60
C ASP A 298 15.25 -25.73 18.77
N ILE A 299 15.49 -24.80 17.84
CA ILE A 299 14.90 -23.43 17.94
C ILE A 299 13.63 -23.40 17.09
N ILE A 300 12.49 -23.12 17.71
CA ILE A 300 11.21 -23.08 16.95
C ILE A 300 10.91 -21.63 16.53
N PHE A 301 10.82 -21.39 15.23
CA PHE A 301 10.39 -20.10 14.66
C PHE A 301 8.86 -20.06 14.61
N GLY A 302 8.30 -18.96 15.08
CA GLY A 302 6.85 -18.67 14.99
C GLY A 302 6.64 -17.42 14.15
N LEU A 303 5.43 -17.27 13.62
CA LEU A 303 5.09 -16.10 12.76
C LEU A 303 4.53 -14.94 13.59
N ASP A 304 4.86 -13.73 13.15
CA ASP A 304 4.32 -12.47 13.71
C ASP A 304 3.25 -11.97 12.72
N HIS A 305 1.99 -12.41 12.92
CA HIS A 305 0.87 -12.14 11.98
C HIS A 305 0.24 -10.79 12.34
N ILE A 306 0.26 -9.83 11.41
CA ILE A 306 -0.34 -8.47 11.56
C ILE A 306 -1.23 -8.15 10.35
N PRO A 307 -2.41 -8.82 10.24
CA PRO A 307 -3.31 -8.63 9.11
C PRO A 307 -4.00 -7.26 9.07
N GLU A 308 -4.26 -6.64 10.24
CA GLU A 308 -4.89 -5.28 10.42
C GLU A 308 -6.38 -5.28 10.02
N PHE A 309 -6.78 -6.02 8.99
CA PHE A 309 -8.17 -6.19 8.54
C PHE A 309 -8.27 -7.61 7.97
N VAL A 310 -9.47 -8.08 7.61
CA VAL A 310 -9.61 -9.46 7.10
C VAL A 310 -10.54 -9.42 5.90
N SER A 311 -9.97 -9.40 4.70
CA SER A 311 -10.78 -9.24 3.47
C SER A 311 -10.06 -9.95 2.33
N PHE A 312 -10.66 -9.93 1.16
CA PHE A 312 -10.03 -10.56 -0.02
C PHE A 312 -8.71 -9.82 -0.31
N ARG A 313 -8.58 -8.57 0.15
CA ARG A 313 -7.31 -7.82 -0.09
C ARG A 313 -6.13 -8.56 0.54
N ASN A 314 -6.30 -9.27 1.66
CA ASN A 314 -5.13 -9.91 2.29
C ASN A 314 -5.43 -11.37 2.68
N ALA A 315 -6.52 -11.99 2.18
CA ALA A 315 -6.94 -13.35 2.61
C ALA A 315 -5.82 -14.40 2.45
N HIS A 316 -4.99 -14.24 1.43
CA HIS A 316 -3.97 -15.23 1.00
C HIS A 316 -2.66 -15.07 1.79
N SER A 317 -2.42 -13.93 2.44
CA SER A 317 -1.14 -13.70 3.16
C SER A 317 -0.89 -14.77 4.23
N ASP A 318 -1.83 -15.00 5.14
CA ASP A 318 -1.59 -15.86 6.33
C ASP A 318 -1.36 -17.30 5.86
N LEU A 319 -2.13 -17.77 4.88
CA LEU A 319 -2.02 -19.19 4.46
C LEU A 319 -0.66 -19.38 3.79
N ALA A 320 -0.30 -18.50 2.87
CA ALA A 320 0.98 -18.56 2.14
C ALA A 320 2.11 -18.49 3.18
N CYS A 321 2.03 -17.62 4.18
CA CYS A 321 3.08 -17.57 5.25
C CYS A 321 3.14 -18.88 6.05
N ASN A 322 2.01 -19.43 6.48
CA ASN A 322 1.96 -20.68 7.26
C ASN A 322 2.56 -21.82 6.44
N LYS A 323 2.22 -21.87 5.15
CA LYS A 323 2.74 -22.93 4.23
C LYS A 323 4.25 -22.77 4.03
N ILE A 324 4.75 -21.54 3.90
CA ILE A 324 6.21 -21.30 3.68
C ILE A 324 6.97 -21.62 4.97
N LEU A 325 6.39 -21.34 6.13
CA LEU A 325 7.09 -21.72 7.39
C LEU A 325 7.17 -23.24 7.48
N GLU A 326 6.07 -23.92 7.17
CA GLU A 326 6.05 -25.40 7.19
C GLU A 326 7.15 -25.91 6.24
N ALA A 327 7.32 -25.31 5.06
CA ALA A 327 8.33 -25.78 4.10
C ALA A 327 9.74 -25.69 4.70
N MET A 328 10.03 -24.60 5.41
CA MET A 328 11.38 -24.30 5.94
C MET A 328 11.55 -25.02 7.27
N GLN A 329 10.46 -25.35 7.97
CA GLN A 329 10.50 -25.91 9.35
C GLN A 329 9.49 -27.04 9.46
N PRO A 330 9.66 -28.12 8.66
CA PRO A 330 8.67 -29.20 8.61
C PRO A 330 8.57 -30.10 9.83
N GLU A 331 9.52 -30.03 10.77
CA GLU A 331 9.58 -30.91 11.97
C GLU A 331 9.05 -30.18 13.22
N ALA A 332 8.50 -28.99 13.09
CA ALA A 332 7.83 -28.31 14.22
C ALA A 332 6.46 -27.81 13.78
N PRO A 333 5.57 -27.64 14.76
CA PRO A 333 4.27 -27.04 14.50
C PRO A 333 4.40 -25.63 13.96
N VAL A 334 3.49 -25.28 13.04
CA VAL A 334 3.26 -23.90 12.56
C VAL A 334 2.51 -23.14 13.65
N TRP A 335 3.12 -22.10 14.17
CA TRP A 335 2.53 -21.32 15.29
C TRP A 335 2.79 -19.83 15.04
N ALA A 336 1.97 -18.97 15.66
CA ALA A 336 2.17 -17.52 15.62
C ALA A 336 2.72 -17.02 16.96
N ALA A 337 3.98 -16.67 16.98
CA ALA A 337 4.66 -16.05 18.16
C ALA A 337 3.94 -14.74 18.54
N GLU A 338 3.38 -14.04 17.57
CA GLU A 338 2.64 -12.79 17.79
C GLU A 338 1.43 -12.88 16.85
N PHE A 339 0.23 -12.93 17.42
CA PHE A 339 -1.00 -13.24 16.69
C PHE A 339 -1.93 -12.08 16.97
N GLN A 340 -2.11 -11.20 15.98
CA GLN A 340 -2.69 -9.84 16.23
C GLN A 340 -3.95 -9.91 17.11
N ALA A 341 -3.91 -9.12 18.18
CA ALA A 341 -5.00 -8.79 19.09
C ALA A 341 -4.91 -7.29 19.33
N GLY A 342 -5.96 -6.54 19.00
CA GLY A 342 -5.87 -5.08 19.06
C GLY A 342 -4.89 -4.57 18.01
N THR A 343 -4.47 -3.34 18.15
CA THR A 343 -3.63 -2.66 17.16
C THR A 343 -2.52 -1.94 17.88
N ARG A 344 -1.34 -2.04 17.29
CA ARG A 344 -0.16 -1.24 17.72
C ARG A 344 -0.31 0.25 17.43
N GLU A 345 -1.20 0.63 16.50
CA GLU A 345 -1.27 2.02 15.92
C GLU A 345 -2.70 2.54 16.06
N HIS A 346 -2.89 3.63 16.80
CA HIS A 346 -4.24 4.16 17.10
C HIS A 346 -5.06 4.36 15.81
N HIS A 347 -4.38 4.82 14.78
CA HIS A 347 -5.01 5.23 13.48
C HIS A 347 -5.26 4.02 12.56
N VAL A 348 -4.84 2.83 12.98
CA VAL A 348 -4.99 1.59 12.18
C VAL A 348 -5.88 0.66 12.99
N LYS A 349 -7.19 0.73 12.80
CA LYS A 349 -8.16 0.06 13.71
C LYS A 349 -8.04 -1.45 13.55
N ALA A 350 -8.24 -2.18 14.65
CA ALA A 350 -8.39 -3.64 14.71
C ALA A 350 -9.78 -3.93 15.28
N TYR A 351 -10.70 -4.39 14.45
CA TYR A 351 -12.08 -4.73 14.84
C TYR A 351 -12.14 -6.17 15.33
N ALA A 352 -12.73 -6.38 16.50
CA ALA A 352 -13.03 -7.71 17.06
C ALA A 352 -13.66 -8.60 15.97
N LYS A 353 -14.59 -8.09 15.17
CA LYS A 353 -15.30 -8.93 14.17
C LYS A 353 -14.39 -9.27 12.99
N ASP A 354 -13.37 -8.46 12.66
CA ASP A 354 -12.29 -8.88 11.75
C ASP A 354 -11.43 -9.97 12.40
N LEU A 355 -10.91 -9.70 13.57
CA LEU A 355 -9.84 -10.57 14.13
C LEU A 355 -10.43 -11.95 14.46
N GLU A 356 -11.66 -11.99 14.95
CA GLU A 356 -12.36 -13.25 15.23
C GLU A 356 -12.33 -14.14 13.98
N THR A 357 -12.68 -13.58 12.82
CA THR A 357 -12.61 -14.34 11.55
C THR A 357 -11.16 -14.72 11.26
N PHE A 358 -10.21 -13.81 11.46
CA PHE A 358 -8.77 -14.11 11.27
C PHE A 358 -8.38 -15.33 12.10
N TYR A 359 -8.85 -15.41 13.33
CA TYR A 359 -8.48 -16.52 14.23
C TYR A 359 -8.96 -17.86 13.67
N ILE A 360 -10.21 -17.89 13.19
CA ILE A 360 -10.85 -19.11 12.61
C ILE A 360 -10.17 -19.44 11.28
N ALA A 361 -9.89 -18.44 10.45
CA ALA A 361 -9.20 -18.64 9.16
C ALA A 361 -7.81 -19.23 9.44
N SER A 362 -7.18 -18.82 10.53
CA SER A 362 -5.82 -19.32 10.90
C SER A 362 -5.92 -20.82 11.20
N LEU A 363 -6.96 -21.21 11.93
CA LEU A 363 -7.23 -22.65 12.21
C LEU A 363 -7.44 -23.39 10.88
N ALA A 364 -8.29 -22.90 10.00
CA ALA A 364 -8.52 -23.51 8.66
C ALA A 364 -7.16 -23.66 7.96
N HIS A 365 -6.31 -22.65 8.08
CA HIS A 365 -5.01 -22.51 7.37
C HIS A 365 -3.89 -23.18 8.18
N GLY A 366 -4.22 -24.07 9.11
CA GLY A 366 -3.25 -25.01 9.69
C GLY A 366 -2.46 -24.49 10.88
N ILE A 367 -2.82 -23.40 11.52
CA ILE A 367 -2.08 -22.92 12.71
C ILE A 367 -2.30 -23.92 13.86
N LYS A 368 -1.29 -24.18 14.65
CA LYS A 368 -1.31 -25.21 15.72
C LYS A 368 -1.16 -24.57 17.10
N GLY A 369 -0.90 -23.27 17.15
CA GLY A 369 -0.68 -22.56 18.41
C GLY A 369 -0.53 -21.10 18.11
N PHE A 370 -0.76 -20.25 19.10
CA PHE A 370 -0.58 -18.80 18.92
C PHE A 370 -0.57 -18.10 20.27
N ASN A 371 -0.02 -16.90 20.19
CA ASN A 371 0.12 -15.97 21.32
C ASN A 371 -0.54 -14.67 20.95
N TYR A 372 -1.75 -14.43 21.44
CA TYR A 372 -2.47 -13.16 21.19
C TYR A 372 -1.60 -11.97 21.62
N TYR A 373 -1.30 -11.12 20.65
CA TYR A 373 -0.39 -9.96 20.80
C TYR A 373 -1.13 -8.74 20.27
N MET A 374 -1.70 -7.90 21.14
CA MET A 374 -1.55 -7.91 22.59
C MET A 374 -2.85 -8.37 23.24
N PHE A 375 -2.82 -9.35 24.12
CA PHE A 375 -4.01 -9.69 24.92
C PHE A 375 -4.34 -8.49 25.82
N SER A 376 -3.36 -8.00 26.57
CA SER A 376 -3.52 -6.85 27.49
C SER A 376 -2.84 -5.63 26.92
N GLN A 377 -3.58 -4.53 26.88
CA GLN A 377 -3.05 -3.17 26.65
C GLN A 377 -2.08 -2.87 27.79
N GLY A 378 -1.10 -2.03 27.52
CA GLY A 378 -0.21 -1.49 28.56
C GLY A 378 -0.17 0.01 28.49
N ILE A 379 0.28 0.63 29.57
CA ILE A 379 0.66 2.06 29.64
C ILE A 379 2.17 2.09 29.86
N ASN A 380 2.92 2.80 29.03
CA ASN A 380 4.39 2.89 29.24
C ASN A 380 4.65 3.66 30.53
N PRO A 381 5.45 3.12 31.48
CA PRO A 381 5.85 3.93 32.64
C PRO A 381 6.98 4.86 32.18
N GLU A 382 7.29 5.89 32.97
CA GLU A 382 8.59 6.61 32.92
C GLU A 382 9.00 6.98 31.49
N GLY A 383 8.10 7.45 30.61
CA GLY A 383 8.41 7.83 29.22
C GLY A 383 8.99 6.70 28.32
N LYS A 384 8.80 5.41 28.60
CA LYS A 384 9.47 4.31 27.84
C LYS A 384 8.78 3.98 26.51
N GLY A 385 7.64 4.60 26.19
CA GLY A 385 6.92 4.32 24.93
C GLY A 385 7.70 4.91 23.78
N PHE A 386 8.01 4.14 22.75
CA PHE A 386 8.73 4.68 21.56
C PHE A 386 7.91 5.83 20.93
N TYR A 387 6.59 5.69 20.86
CA TYR A 387 5.70 6.48 19.96
C TYR A 387 4.56 7.19 20.70
N GLY A 388 4.48 7.06 22.01
CA GLY A 388 3.37 7.63 22.80
C GLY A 388 3.21 6.87 24.09
N LYS A 389 2.26 7.26 24.95
CA LYS A 389 2.14 6.71 26.32
C LYS A 389 1.42 5.36 26.32
N THR A 390 0.52 5.12 25.37
CA THR A 390 -0.38 3.92 25.44
C THR A 390 0.20 2.84 24.54
N PHE A 391 0.33 1.62 25.04
CA PHE A 391 0.85 0.48 24.27
C PHE A 391 -0.33 -0.42 23.85
N TYR A 392 -0.70 -0.33 22.58
CA TYR A 392 -1.79 -1.08 21.90
C TYR A 392 -3.15 -0.53 22.31
N PHE A 393 -4.10 -0.75 21.41
CA PHE A 393 -5.50 -0.32 21.53
C PHE A 393 -6.39 -1.44 21.05
N GLN A 394 -7.64 -1.47 21.52
CA GLN A 394 -8.66 -2.45 21.07
C GLN A 394 -8.19 -3.87 21.32
N THR A 395 -7.56 -4.07 22.47
CA THR A 395 -7.05 -5.37 22.95
C THR A 395 -8.18 -6.13 23.64
N ALA A 396 -7.87 -7.29 24.22
CA ALA A 396 -8.85 -8.10 24.97
C ALA A 396 -9.17 -7.42 26.31
N LEU A 397 -8.12 -6.97 26.99
CA LEU A 397 -8.25 -6.18 28.25
C LEU A 397 -7.59 -4.82 28.05
N ASP A 398 -8.18 -3.76 28.61
CA ASP A 398 -7.44 -2.47 28.68
C ASP A 398 -6.35 -2.60 29.76
N ALA A 399 -5.48 -1.61 29.89
CA ALA A 399 -4.38 -1.64 30.89
C ALA A 399 -4.93 -1.84 32.32
N ALA A 400 -6.12 -1.33 32.60
CA ALA A 400 -6.77 -1.43 33.93
C ALA A 400 -7.35 -2.83 34.19
N SER A 401 -7.39 -3.69 33.16
CA SER A 401 -7.91 -5.09 33.17
C SER A 401 -9.43 -5.16 32.88
N ASN A 402 -10.05 -4.05 32.46
CA ASN A 402 -11.44 -4.10 31.95
C ASN A 402 -11.50 -4.96 30.67
N LYS A 403 -12.54 -5.73 30.53
CA LYS A 403 -12.78 -6.48 29.29
C LYS A 403 -13.26 -5.50 28.23
N LEU A 404 -12.67 -5.62 27.06
CA LEU A 404 -13.05 -4.91 25.84
C LEU A 404 -13.71 -5.91 24.88
N ALA A 405 -14.20 -5.43 23.75
CA ALA A 405 -15.01 -6.24 22.82
C ALA A 405 -14.24 -7.50 22.41
N LEU A 406 -12.94 -7.39 22.20
CA LEU A 406 -12.21 -8.56 21.63
C LEU A 406 -12.23 -9.74 22.62
N TYR A 407 -12.36 -9.48 23.93
CA TYR A 407 -12.28 -10.54 25.00
C TYR A 407 -13.29 -11.65 24.68
N ASP A 408 -14.54 -11.30 24.32
CA ASP A 408 -15.58 -12.34 24.06
C ASP A 408 -15.28 -13.05 22.74
N SER A 409 -14.64 -12.41 21.77
CA SER A 409 -14.23 -13.07 20.50
C SER A 409 -13.20 -14.15 20.80
N ILE A 410 -12.20 -13.80 21.62
CA ILE A 410 -11.10 -14.74 21.96
C ILE A 410 -11.69 -15.88 22.80
N LYS A 411 -12.62 -15.59 23.71
CA LYS A 411 -13.21 -16.65 24.55
C LYS A 411 -13.95 -17.64 23.64
N LYS A 412 -14.69 -17.14 22.65
CA LYS A 412 -15.48 -17.97 21.74
C LYS A 412 -14.52 -18.86 20.95
N VAL A 413 -13.50 -18.27 20.36
CA VAL A 413 -12.53 -19.04 19.52
C VAL A 413 -11.83 -20.07 20.40
N ASN A 414 -11.35 -19.66 21.55
CA ASN A 414 -10.64 -20.57 22.49
C ASN A 414 -11.55 -21.72 22.92
N ARG A 415 -12.83 -21.46 23.17
CA ARG A 415 -13.79 -22.50 23.59
C ARG A 415 -13.92 -23.56 22.50
N PHE A 416 -14.03 -23.14 21.24
CA PHE A 416 -14.10 -24.06 20.08
C PHE A 416 -12.80 -24.87 20.07
N ILE A 417 -11.66 -24.20 20.23
CA ILE A 417 -10.34 -24.90 20.14
C ILE A 417 -10.22 -25.97 21.26
N ARG A 418 -10.59 -25.63 22.49
CA ARG A 418 -10.47 -26.55 23.64
C ARG A 418 -11.42 -27.75 23.45
N LYS A 419 -12.61 -27.53 22.95
CA LYS A 419 -13.56 -28.63 22.67
C LYS A 419 -12.98 -29.58 21.60
N GLU A 420 -12.29 -29.06 20.58
CA GLU A 420 -12.00 -29.80 19.31
C GLU A 420 -10.53 -30.16 19.18
N GLN A 421 -9.64 -29.67 20.03
CA GLN A 421 -8.16 -29.67 19.78
C GLN A 421 -7.66 -31.10 19.56
N LYS A 422 -8.20 -32.08 20.27
CA LYS A 422 -7.76 -33.50 20.21
C LYS A 422 -7.84 -34.04 18.77
N ASP A 423 -8.94 -33.78 18.08
CA ASP A 423 -9.14 -34.14 16.65
C ASP A 423 -8.53 -33.07 15.73
N LEU A 424 -8.84 -31.79 15.97
CA LEU A 424 -8.46 -30.68 15.06
C LEU A 424 -6.94 -30.65 14.85
N LEU A 425 -6.16 -30.86 15.90
CA LEU A 425 -4.69 -30.79 15.76
C LEU A 425 -4.19 -31.92 14.88
N ARG A 426 -4.94 -33.02 14.83
CA ARG A 426 -4.52 -34.23 14.08
C ARG A 426 -5.03 -34.19 12.62
N THR A 427 -5.83 -33.21 12.26
CA THR A 427 -6.41 -33.11 10.91
C THR A 427 -5.40 -32.59 9.89
N ASN A 428 -5.53 -33.11 8.68
CA ASN A 428 -4.73 -32.64 7.51
C ASN A 428 -5.74 -32.18 6.46
N VAL A 429 -5.30 -31.33 5.53
CA VAL A 429 -6.00 -31.07 4.24
C VAL A 429 -5.36 -32.02 3.20
N ASN A 430 -6.12 -32.50 2.26
CA ASN A 430 -5.61 -33.38 1.17
C ASN A 430 -5.04 -32.47 0.07
N SER A 431 -3.74 -32.18 0.08
CA SER A 431 -3.11 -31.38 -0.98
C SER A 431 -2.63 -32.29 -2.11
N GLU A 432 -3.18 -32.14 -3.29
CA GLU A 432 -2.65 -32.85 -4.47
C GLU A 432 -1.66 -31.98 -5.26
N ILE A 433 -1.51 -30.71 -4.87
CA ILE A 433 -0.65 -29.71 -5.56
C ILE A 433 0.49 -29.37 -4.61
N CYS A 434 1.71 -29.46 -5.09
CA CYS A 434 2.91 -28.99 -4.38
C CYS A 434 3.47 -27.80 -5.14
N VAL A 435 3.82 -26.73 -4.45
CA VAL A 435 4.45 -25.52 -5.05
C VAL A 435 5.88 -25.46 -4.54
N GLY A 436 6.84 -25.31 -5.44
CA GLY A 436 8.26 -25.25 -5.07
C GLY A 436 8.63 -23.89 -4.51
N PHE A 437 9.36 -23.90 -3.40
CA PHE A 437 10.00 -22.72 -2.77
C PHE A 437 11.49 -22.78 -3.07
N TYR A 438 11.96 -21.89 -3.96
CA TYR A 438 13.36 -21.85 -4.43
C TYR A 438 14.00 -20.68 -3.70
N LYS A 439 14.69 -20.96 -2.60
CA LYS A 439 15.06 -19.87 -1.68
C LYS A 439 15.91 -18.80 -2.37
N PRO A 440 16.85 -19.12 -3.30
CA PRO A 440 17.69 -18.06 -3.85
C PRO A 440 16.97 -16.88 -4.50
N TYR A 441 15.75 -17.07 -4.99
CA TYR A 441 14.96 -15.95 -5.57
C TYR A 441 14.61 -14.94 -4.49
N PHE A 442 14.64 -15.35 -3.23
CA PHE A 442 14.20 -14.54 -2.06
C PHE A 442 15.39 -13.81 -1.46
N PHE A 443 16.60 -14.19 -1.88
CA PHE A 443 17.84 -13.65 -1.26
C PHE A 443 18.18 -12.28 -1.85
N THR A 444 17.36 -11.26 -1.58
CA THR A 444 17.52 -9.93 -2.22
C THR A 444 17.36 -8.79 -1.22
N GLU A 445 17.35 -9.04 0.09
CA GLU A 445 16.96 -7.96 1.05
C GLU A 445 17.98 -6.81 1.03
N LEU A 446 19.18 -7.02 0.48
CA LEU A 446 20.24 -5.97 0.35
C LEU A 446 20.07 -5.20 -0.96
N ILE A 447 19.34 -5.74 -1.94
CA ILE A 447 19.35 -5.18 -3.32
C ILE A 447 17.95 -4.91 -3.87
N SER A 448 16.90 -5.57 -3.37
CA SER A 448 15.55 -5.43 -3.95
C SER A 448 14.51 -5.89 -2.95
N SER A 449 13.71 -4.94 -2.49
CA SER A 449 12.68 -5.20 -1.45
C SER A 449 11.64 -4.09 -1.56
N GLN A 450 10.45 -4.31 -1.04
CA GLN A 450 9.45 -3.24 -0.86
C GLN A 450 10.00 -2.15 0.08
N LEU A 451 10.91 -2.46 1.00
CA LEU A 451 11.38 -1.48 1.99
C LEU A 451 12.68 -0.79 1.54
N LEU A 452 13.52 -1.44 0.73
CA LEU A 452 14.87 -0.90 0.39
C LEU A 452 14.70 0.41 -0.39
N LYS A 453 15.49 1.44 -0.04
CA LYS A 453 15.40 2.83 -0.59
C LYS A 453 15.84 2.81 -2.05
N GLU A 454 17.13 2.53 -2.23
CA GLU A 454 17.89 2.43 -3.50
C GLU A 454 17.57 1.05 -4.09
N LYS A 455 16.85 0.96 -5.20
CA LYS A 455 16.74 -0.31 -5.98
C LYS A 455 18.09 -0.61 -6.65
N LYS A 456 18.80 -1.64 -6.17
CA LYS A 456 20.19 -1.93 -6.64
C LYS A 456 20.17 -3.00 -7.73
N LEU A 457 19.06 -3.74 -7.90
CA LEU A 457 18.98 -4.86 -8.88
C LEU A 457 18.06 -4.42 -10.00
N ASN A 458 18.62 -4.32 -11.21
CA ASN A 458 17.89 -4.07 -12.48
C ASN A 458 18.31 -5.17 -13.44
N VAL A 459 17.50 -6.22 -13.54
CA VAL A 459 17.97 -7.44 -14.24
C VAL A 459 18.22 -7.09 -15.71
N GLU A 460 17.54 -6.08 -16.26
CA GLU A 460 17.70 -5.76 -17.71
C GLU A 460 19.17 -5.39 -17.98
N GLU A 461 19.86 -4.79 -17.01
CA GLU A 461 21.29 -4.41 -17.22
C GLU A 461 22.18 -5.65 -17.20
N LEU A 462 21.68 -6.79 -16.75
CA LEU A 462 22.40 -8.08 -16.75
C LEU A 462 21.98 -8.96 -17.93
N GLY A 463 21.22 -8.41 -18.88
CA GLY A 463 20.78 -9.20 -20.04
C GLY A 463 19.67 -10.16 -19.66
N LEU A 464 18.96 -9.89 -18.56
CA LEU A 464 17.86 -10.76 -18.07
C LEU A 464 16.56 -9.98 -18.25
N TYR A 465 15.41 -10.64 -18.12
CA TYR A 465 14.10 -9.91 -18.12
C TYR A 465 13.19 -10.40 -16.99
N ILE A 466 13.51 -11.49 -16.30
CA ILE A 466 12.63 -11.98 -15.19
C ILE A 466 13.23 -11.64 -13.81
N ASP A 467 12.70 -10.60 -13.19
CA ASP A 467 13.20 -10.13 -11.87
C ASP A 467 12.74 -11.13 -10.82
N PRO A 468 13.66 -11.58 -9.92
CA PRO A 468 13.31 -12.62 -8.94
C PRO A 468 12.27 -12.11 -7.93
N ARG A 469 12.34 -10.83 -7.57
CA ARG A 469 11.36 -10.27 -6.62
C ARG A 469 9.99 -10.16 -7.28
N PHE A 470 9.93 -9.61 -8.49
CA PHE A 470 8.67 -9.59 -9.28
C PHE A 470 8.08 -11.01 -9.36
N LEU A 471 8.90 -12.01 -9.71
CA LEU A 471 8.43 -13.42 -9.82
C LEU A 471 7.85 -13.86 -8.47
N ARG A 472 8.59 -13.71 -7.38
CA ARG A 472 8.22 -14.35 -6.10
C ARG A 472 7.04 -13.56 -5.49
N GLU A 473 6.91 -12.25 -5.74
CA GLU A 473 5.78 -11.44 -5.19
C GLU A 473 4.53 -11.59 -6.04
N GLU A 474 4.64 -11.33 -7.34
CA GLU A 474 3.44 -11.14 -8.20
C GLU A 474 3.08 -12.46 -8.88
N ILE A 475 4.07 -13.24 -9.35
CA ILE A 475 3.72 -14.50 -10.06
C ILE A 475 3.43 -15.59 -9.01
N LEU A 476 4.19 -15.64 -7.92
CA LEU A 476 3.98 -16.70 -6.89
C LEU A 476 3.01 -16.24 -5.79
N PHE A 477 3.39 -15.25 -4.96
CA PHE A 477 2.67 -14.96 -3.70
C PHE A 477 1.27 -14.38 -4.02
N ASN A 478 1.23 -13.29 -4.79
CA ASN A 478 -0.06 -12.62 -5.10
C ASN A 478 -0.73 -13.31 -6.29
N GLY A 479 -0.06 -14.26 -6.92
CA GLY A 479 -0.52 -14.85 -8.20
C GLY A 479 -0.97 -16.27 -7.99
N LEU A 480 -0.05 -17.22 -8.13
CA LEU A 480 -0.37 -18.65 -8.01
C LEU A 480 -0.95 -18.97 -6.62
N LEU A 481 -0.31 -18.58 -5.50
CA LEU A 481 -0.80 -19.03 -4.18
C LEU A 481 -2.17 -18.38 -3.94
N ARG A 482 -2.31 -17.10 -4.27
CA ARG A 482 -3.58 -16.36 -4.13
C ARG A 482 -4.67 -17.04 -4.98
N GLY A 483 -4.30 -17.42 -6.21
CA GLY A 483 -5.21 -18.03 -7.18
C GLY A 483 -5.72 -19.36 -6.67
N LEU A 484 -4.82 -20.23 -6.19
CA LEU A 484 -5.19 -21.58 -5.69
C LEU A 484 -6.13 -21.42 -4.49
N GLN A 485 -5.78 -20.56 -3.53
CA GLN A 485 -6.65 -20.34 -2.35
C GLN A 485 -8.02 -19.86 -2.81
N THR A 486 -8.09 -18.93 -3.74
CA THR A 486 -9.35 -18.33 -4.21
C THR A 486 -10.19 -19.45 -4.86
N LEU A 487 -9.52 -20.34 -5.59
CA LEU A 487 -10.19 -21.44 -6.33
C LEU A 487 -10.49 -22.61 -5.40
N ASN A 488 -10.05 -22.54 -4.13
CA ASN A 488 -10.24 -23.60 -3.11
C ASN A 488 -9.58 -24.90 -3.55
N TYR A 489 -8.37 -24.82 -4.11
CA TYR A 489 -7.48 -25.98 -4.29
C TYR A 489 -6.41 -25.95 -3.20
N ASN A 490 -6.36 -27.00 -2.39
CA ASN A 490 -5.31 -27.21 -1.35
C ASN A 490 -3.95 -27.27 -2.05
N TYR A 491 -2.95 -26.62 -1.51
CA TYR A 491 -1.54 -26.79 -1.93
C TYR A 491 -0.67 -26.92 -0.71
N ASP A 492 0.45 -27.61 -0.89
CA ASP A 492 1.58 -27.60 0.07
C ASP A 492 2.76 -26.86 -0.58
N VAL A 493 3.66 -26.31 0.23
CA VAL A 493 4.92 -25.72 -0.27
C VAL A 493 6.07 -26.66 0.15
N VAL A 494 7.02 -26.92 -0.76
CA VAL A 494 8.24 -27.71 -0.40
C VAL A 494 9.47 -26.86 -0.69
N ASP A 495 10.42 -26.82 0.24
CA ASP A 495 11.75 -26.21 0.03
C ASP A 495 12.51 -27.11 -0.94
N LEU A 496 12.90 -26.58 -2.10
CA LEU A 496 13.62 -27.38 -3.14
C LEU A 496 15.06 -27.71 -2.70
N GLU A 497 15.64 -27.02 -1.70
CA GLU A 497 17.04 -27.26 -1.25
C GLU A 497 17.15 -28.64 -0.56
N ASN A 498 18.04 -29.54 -1.01
CA ASN A 498 18.28 -30.91 -0.45
C ASN A 498 16.95 -31.66 -0.32
N CYS A 499 16.04 -31.38 -1.23
CA CYS A 499 14.67 -31.93 -1.20
C CYS A 499 14.76 -33.40 -1.61
N ASP A 500 14.18 -34.30 -0.82
CA ASP A 500 14.07 -35.74 -1.14
C ASP A 500 13.03 -35.90 -2.27
N LEU A 501 13.37 -36.61 -3.36
CA LEU A 501 12.42 -36.91 -4.47
C LEU A 501 11.19 -37.63 -3.93
N LYS A 502 11.35 -38.51 -2.95
CA LYS A 502 10.23 -39.35 -2.45
C LYS A 502 9.21 -38.48 -1.70
N SER A 503 9.56 -37.29 -1.20
CA SER A 503 8.52 -36.37 -0.64
C SER A 503 7.65 -35.81 -1.78
N LEU A 504 8.22 -35.56 -2.96
CA LEU A 504 7.50 -34.88 -4.06
C LEU A 504 6.51 -35.85 -4.71
N THR A 505 6.69 -37.17 -4.56
CA THR A 505 6.05 -38.18 -5.44
C THR A 505 4.58 -38.41 -5.04
N ALA A 506 4.18 -38.04 -3.84
CA ALA A 506 2.80 -38.16 -3.35
C ALA A 506 1.85 -37.17 -4.05
N TYR A 507 2.36 -36.08 -4.65
CA TYR A 507 1.52 -35.02 -5.28
C TYR A 507 1.13 -35.41 -6.70
N LYS A 508 -0.05 -34.99 -7.16
CA LYS A 508 -0.46 -35.15 -8.57
C LYS A 508 0.26 -34.10 -9.43
N GLN A 509 0.52 -32.91 -8.91
CA GLN A 509 1.26 -31.85 -9.64
C GLN A 509 2.28 -31.15 -8.75
N LEU A 510 3.46 -30.89 -9.33
CA LEU A 510 4.48 -29.95 -8.83
C LEU A 510 4.48 -28.70 -9.71
N TRP A 511 4.32 -27.54 -9.08
CA TRP A 511 4.32 -26.22 -9.74
C TRP A 511 5.59 -25.48 -9.39
N ILE A 512 6.30 -25.05 -10.42
CA ILE A 512 7.60 -24.34 -10.26
C ILE A 512 7.47 -23.04 -11.02
N THR A 513 7.56 -21.95 -10.26
CA THR A 513 7.64 -20.61 -10.84
C THR A 513 9.12 -20.29 -10.99
N SER A 514 9.58 -20.20 -12.24
CA SER A 514 11.04 -20.18 -12.53
C SER A 514 11.48 -18.87 -13.17
N ALA A 515 12.64 -18.37 -12.75
CA ALA A 515 13.34 -17.29 -13.46
C ALA A 515 14.28 -17.93 -14.49
N GLU A 516 15.15 -17.11 -15.08
CA GLU A 516 16.11 -17.59 -16.10
C GLU A 516 17.26 -18.33 -15.41
N PHE A 517 17.33 -18.24 -14.08
CA PHE A 517 18.42 -18.88 -13.32
C PHE A 517 17.87 -19.85 -12.28
N MET A 518 18.61 -20.93 -12.08
CA MET A 518 18.30 -22.05 -11.15
C MET A 518 19.53 -22.93 -11.01
N ASP A 519 19.88 -23.32 -9.78
CA ASP A 519 21.14 -24.07 -9.55
C ASP A 519 21.04 -25.47 -10.16
N ALA A 520 22.20 -26.06 -10.40
CA ALA A 520 22.32 -27.37 -11.06
C ALA A 520 21.58 -28.43 -10.23
N GLU A 521 21.74 -28.42 -8.89
CA GLU A 521 21.06 -29.38 -7.94
C GLU A 521 19.55 -29.35 -8.20
N THR A 522 18.94 -28.17 -8.30
CA THR A 522 17.46 -28.06 -8.46
C THR A 522 17.09 -28.45 -9.91
N GLN A 523 17.86 -28.01 -10.90
CA GLN A 523 17.59 -28.42 -12.30
C GLN A 523 17.63 -29.95 -12.39
N ASN A 524 18.58 -30.60 -11.71
CA ASN A 524 18.69 -32.08 -11.71
C ASN A 524 17.49 -32.69 -10.99
N LEU A 525 17.12 -32.17 -9.82
CA LEU A 525 15.98 -32.69 -9.01
C LEU A 525 14.71 -32.68 -9.86
N LEU A 526 14.43 -31.60 -10.55
CA LEU A 526 13.16 -31.47 -11.30
C LEU A 526 13.19 -32.41 -12.51
N SER A 527 14.37 -32.59 -13.13
CA SER A 527 14.62 -33.57 -14.22
C SER A 527 14.24 -34.97 -13.76
N GLU A 528 14.82 -35.42 -12.65
CA GLU A 528 14.54 -36.75 -12.08
C GLU A 528 13.04 -36.83 -11.72
N PHE A 529 12.48 -35.78 -11.12
CA PHE A 529 11.05 -35.76 -10.76
C PHE A 529 10.20 -36.22 -11.96
N VAL A 530 10.33 -35.54 -13.09
CA VAL A 530 9.53 -35.85 -14.30
C VAL A 530 9.94 -37.23 -14.83
N LEU A 531 11.23 -37.53 -15.00
CA LEU A 531 11.60 -38.82 -15.64
C LEU A 531 10.99 -39.99 -14.87
N ASN A 532 10.90 -39.87 -13.55
CA ASN A 532 10.45 -41.00 -12.69
C ASN A 532 8.93 -41.09 -12.56
N GLY A 533 8.16 -40.14 -13.10
CA GLY A 533 6.68 -40.22 -13.09
C GLY A 533 5.99 -38.96 -12.62
N GLY A 534 6.73 -37.92 -12.25
CA GLY A 534 6.15 -36.65 -11.78
C GLY A 534 5.48 -35.86 -12.90
N ASN A 535 4.49 -35.04 -12.52
CA ASN A 535 3.76 -34.12 -13.42
C ASN A 535 4.17 -32.70 -13.04
N LEU A 536 4.90 -32.02 -13.91
CA LEU A 536 5.51 -30.72 -13.58
C LEU A 536 4.84 -29.63 -14.41
N ILE A 537 4.43 -28.55 -13.73
CA ILE A 537 4.00 -27.28 -14.37
C ILE A 537 5.10 -26.25 -14.10
N LEU A 538 5.63 -25.66 -15.17
CA LEU A 538 6.83 -24.83 -15.09
C LEU A 538 6.57 -23.60 -15.93
N TYR A 539 6.76 -22.42 -15.33
CA TYR A 539 6.62 -21.10 -15.99
C TYR A 539 7.23 -20.06 -15.07
N PRO A 540 7.58 -18.86 -15.55
CA PRO A 540 7.43 -18.47 -16.97
C PRO A 540 8.62 -18.80 -17.89
N ALA A 541 9.62 -19.49 -17.38
CA ALA A 541 10.89 -19.70 -18.12
C ALA A 541 11.47 -21.06 -17.76
N VAL A 542 11.88 -21.81 -18.79
CA VAL A 542 12.97 -22.80 -18.65
C VAL A 542 14.20 -21.99 -18.27
N PRO A 543 14.82 -22.25 -17.11
CA PRO A 543 16.06 -21.55 -16.73
C PRO A 543 17.22 -22.04 -17.61
N THR A 544 18.20 -21.18 -17.90
CA THR A 544 19.41 -21.56 -18.70
C THR A 544 20.68 -21.16 -17.95
N LEU A 545 20.57 -20.60 -16.74
CA LEU A 545 21.71 -20.08 -15.97
C LEU A 545 21.65 -20.66 -14.56
N ASP A 546 22.77 -20.55 -13.85
CA ASP A 546 22.86 -20.97 -12.43
C ASP A 546 22.75 -19.73 -11.54
N ASN A 547 22.97 -19.89 -10.23
CA ASN A 547 22.78 -18.81 -9.25
C ASN A 547 23.76 -17.67 -9.48
N TYR A 548 24.88 -17.92 -10.18
CA TYR A 548 25.94 -16.92 -10.49
C TYR A 548 25.78 -16.43 -11.95
N LEU A 549 24.67 -16.81 -12.58
CA LEU A 549 24.28 -16.37 -13.96
C LEU A 549 25.27 -16.93 -14.98
N ASN A 550 25.95 -18.03 -14.68
CA ASN A 550 26.79 -18.79 -15.62
C ASN A 550 25.90 -19.85 -16.27
N ARG A 551 26.27 -20.30 -17.46
CA ARG A 551 25.50 -21.30 -18.26
C ARG A 551 25.17 -22.53 -17.42
N CYS A 552 23.89 -22.94 -17.41
CA CYS A 552 23.46 -24.24 -16.84
C CYS A 552 22.14 -24.66 -17.49
N GLU A 553 22.22 -25.61 -18.42
CA GLU A 553 21.11 -25.94 -19.35
C GLU A 553 20.62 -27.36 -19.07
N ILE A 554 20.84 -27.83 -17.85
CA ILE A 554 20.56 -29.22 -17.44
C ILE A 554 19.08 -29.58 -17.69
N LEU A 555 18.15 -28.79 -17.15
CA LEU A 555 16.72 -29.08 -17.21
C LEU A 555 16.27 -28.90 -18.67
N LYS A 556 16.73 -27.87 -19.35
CA LYS A 556 16.37 -27.65 -20.77
C LYS A 556 16.76 -28.88 -21.61
N ASN A 557 17.95 -29.39 -21.37
CA ASN A 557 18.49 -30.56 -22.13
C ASN A 557 17.75 -31.83 -21.70
N ASN A 558 17.56 -32.04 -20.40
CA ASN A 558 16.90 -33.26 -19.90
C ASN A 558 15.47 -33.35 -20.42
N PHE A 559 14.79 -32.21 -20.69
CA PHE A 559 13.39 -32.19 -21.14
C PHE A 559 13.28 -32.05 -22.65
N GLY A 560 14.41 -32.00 -23.36
CA GLY A 560 14.44 -32.00 -24.83
C GLY A 560 13.71 -30.80 -25.38
N ILE A 561 13.92 -29.66 -24.73
CA ILE A 561 13.30 -28.35 -25.07
C ILE A 561 14.29 -27.58 -25.94
N GLU A 562 13.77 -26.98 -27.00
CA GLU A 562 14.47 -25.93 -27.77
C GLU A 562 13.59 -24.69 -27.71
N PHE A 563 14.17 -23.53 -27.51
CA PHE A 563 13.35 -22.29 -27.56
C PHE A 563 14.21 -21.12 -28.00
N ILE A 564 13.53 -20.06 -28.43
CA ILE A 564 14.12 -18.73 -28.71
C ILE A 564 13.27 -17.72 -27.95
N THR A 565 13.88 -16.64 -27.47
CA THR A 565 13.16 -15.58 -26.74
C THR A 565 12.79 -14.51 -27.77
N LYS A 566 11.51 -14.20 -27.89
CA LYS A 566 10.96 -13.23 -28.90
C LYS A 566 9.99 -12.26 -28.22
N ASP A 567 10.01 -11.01 -28.65
CA ASP A 567 9.03 -9.95 -28.23
C ASP A 567 7.70 -10.17 -28.95
N SER A 568 6.58 -10.04 -28.24
CA SER A 568 5.20 -10.02 -28.79
C SER A 568 4.30 -9.24 -27.82
N SER A 569 3.08 -8.92 -28.26
CA SER A 569 1.99 -8.38 -27.42
C SER A 569 2.00 -9.09 -26.05
N HIS A 570 1.65 -8.39 -24.98
CA HIS A 570 1.46 -9.00 -23.63
C HIS A 570 0.41 -10.11 -23.67
N LYS A 571 -0.54 -10.06 -24.61
CA LYS A 571 -1.67 -11.00 -24.60
C LYS A 571 -1.28 -12.28 -25.34
N VAL A 572 -1.60 -13.41 -24.73
CA VAL A 572 -1.50 -14.74 -25.36
C VAL A 572 -2.84 -15.46 -25.22
N SER A 573 -2.95 -16.56 -25.94
CA SER A 573 -4.02 -17.53 -25.74
C SER A 573 -3.42 -18.81 -25.17
N ALA A 574 -4.10 -19.44 -24.22
CA ALA A 574 -3.60 -20.64 -23.52
C ALA A 574 -4.78 -21.55 -23.25
N PHE A 575 -4.69 -22.80 -23.70
CA PHE A 575 -5.73 -23.81 -23.49
C PHE A 575 -7.09 -23.26 -24.01
N GLY A 576 -7.09 -22.43 -25.05
CA GLY A 576 -8.36 -21.93 -25.64
C GLY A 576 -8.92 -20.72 -24.91
N ILE A 577 -8.29 -20.28 -23.81
CA ILE A 577 -8.54 -18.95 -23.16
C ILE A 577 -7.82 -17.86 -23.95
N GLU A 578 -8.58 -16.92 -24.51
CA GLU A 578 -8.05 -15.81 -25.33
C GLU A 578 -7.71 -14.59 -24.45
N ASP A 579 -6.77 -13.74 -24.89
CA ASP A 579 -6.50 -12.43 -24.25
C ASP A 579 -6.07 -12.68 -22.80
N VAL A 580 -5.24 -13.69 -22.57
CA VAL A 580 -4.54 -13.86 -21.27
C VAL A 580 -3.45 -12.79 -21.24
N PHE A 581 -3.57 -11.78 -20.37
CA PHE A 581 -2.56 -10.71 -20.23
C PHE A 581 -1.35 -11.29 -19.47
N THR A 582 -0.17 -11.20 -20.08
CA THR A 582 1.11 -11.66 -19.52
C THR A 582 2.02 -10.47 -19.18
N ALA A 583 2.95 -10.68 -18.26
CA ALA A 583 3.72 -9.58 -17.65
C ALA A 583 4.77 -9.03 -18.60
N PHE A 584 5.30 -9.86 -19.51
CA PHE A 584 6.46 -9.52 -20.37
C PHE A 584 6.10 -9.53 -21.86
N SER A 585 6.66 -8.60 -22.60
CA SER A 585 6.75 -8.63 -24.09
C SER A 585 7.54 -9.88 -24.51
N LYS A 586 8.72 -10.10 -23.90
CA LYS A 586 9.58 -11.26 -24.24
C LYS A 586 8.88 -12.53 -23.76
N LYS A 587 8.86 -13.55 -24.62
CA LYS A 587 8.33 -14.90 -24.27
C LYS A 587 9.27 -15.98 -24.79
N GLN A 588 9.21 -17.17 -24.20
CA GLN A 588 9.94 -18.35 -24.74
C GLN A 588 9.04 -18.93 -25.82
N ILE A 589 9.58 -19.08 -27.04
CA ILE A 589 8.90 -19.72 -28.19
C ILE A 589 9.51 -21.11 -28.39
N TYR A 590 8.72 -22.17 -28.19
CA TYR A 590 9.18 -23.59 -28.13
C TYR A 590 8.99 -24.28 -29.47
N ASN A 591 9.96 -25.11 -29.87
CA ASN A 591 9.85 -26.08 -30.98
C ASN A 591 8.78 -27.09 -30.58
N ASP A 592 7.94 -27.45 -31.55
CA ASP A 592 6.72 -28.28 -31.38
C ASP A 592 7.08 -29.78 -31.24
N THR A 593 8.35 -30.15 -31.20
CA THR A 593 8.82 -31.54 -31.32
C THR A 593 8.25 -32.39 -30.20
N ASN A 594 7.63 -33.53 -30.53
CA ASN A 594 7.21 -34.56 -29.54
C ASN A 594 6.40 -33.85 -28.43
N SER A 595 5.58 -32.89 -28.79
CA SER A 595 4.80 -32.10 -27.81
C SER A 595 3.47 -31.69 -28.40
N LYS A 596 2.53 -31.32 -27.53
CA LYS A 596 1.26 -30.69 -27.91
C LYS A 596 1.37 -29.19 -27.61
N PRO A 597 1.27 -28.30 -28.62
CA PRO A 597 1.27 -26.86 -28.39
C PRO A 597 -0.05 -26.42 -27.76
N ILE A 598 0.00 -25.69 -26.64
CA ILE A 598 -1.24 -25.35 -25.89
C ILE A 598 -1.30 -23.85 -25.57
N ALA A 599 -0.33 -23.04 -25.98
CA ALA A 599 -0.37 -21.57 -25.81
C ALA A 599 0.28 -20.89 -27.01
N PHE A 600 -0.28 -19.77 -27.45
CA PHE A 600 0.14 -19.06 -28.69
C PHE A 600 0.18 -17.54 -28.47
N THR A 601 1.16 -16.91 -29.10
CA THR A 601 1.33 -15.45 -29.12
C THR A 601 0.30 -14.87 -30.09
N GLN A 602 0.26 -13.54 -30.20
CA GLN A 602 -0.66 -12.87 -31.15
C GLN A 602 -0.26 -13.21 -32.59
N GLU A 603 0.99 -13.63 -32.83
CA GLU A 603 1.49 -14.10 -34.16
C GLU A 603 1.37 -15.62 -34.29
N ASN A 604 0.63 -16.25 -33.37
CA ASN A 604 0.35 -17.70 -33.29
C ASN A 604 1.65 -18.52 -33.15
N GLU A 605 2.71 -17.92 -32.61
CA GLU A 605 3.96 -18.64 -32.26
C GLU A 605 3.75 -19.39 -30.95
N ILE A 606 4.40 -20.54 -30.81
CA ILE A 606 4.13 -21.47 -29.68
C ILE A 606 4.86 -20.94 -28.44
N CYS A 607 4.11 -20.56 -27.41
CA CYS A 607 4.70 -20.09 -26.13
C CYS A 607 4.23 -20.99 -24.98
N GLY A 608 3.76 -22.20 -25.26
CA GLY A 608 3.59 -23.24 -24.22
C GLY A 608 3.30 -24.59 -24.82
N ILE A 609 3.81 -25.65 -24.20
CA ILE A 609 3.68 -27.03 -24.72
C ILE A 609 3.47 -27.98 -23.55
N ARG A 610 2.95 -29.14 -23.89
CA ARG A 610 2.79 -30.27 -22.96
C ARG A 610 3.47 -31.45 -23.64
N LYS A 611 4.15 -32.25 -22.84
CA LYS A 611 4.81 -33.46 -23.35
C LYS A 611 4.92 -34.51 -22.27
N LYS A 612 5.16 -35.74 -22.71
CA LYS A 612 5.42 -36.92 -21.87
C LYS A 612 6.92 -37.17 -21.98
N ILE A 613 7.57 -37.29 -20.83
CA ILE A 613 9.03 -37.51 -20.68
C ILE A 613 9.23 -38.64 -19.70
N GLY A 614 9.75 -39.78 -20.15
CA GLY A 614 9.81 -40.98 -19.30
C GLY A 614 8.42 -41.32 -18.83
N LYS A 615 8.23 -41.42 -17.52
CA LYS A 615 6.91 -41.83 -16.97
C LYS A 615 6.09 -40.59 -16.61
N GLY A 616 6.66 -39.40 -16.80
CA GLY A 616 6.14 -38.13 -16.28
C GLY A 616 5.54 -37.27 -17.36
N GLU A 617 5.05 -36.11 -16.92
CA GLU A 617 4.36 -35.11 -17.76
C GLU A 617 5.01 -33.76 -17.51
N LEU A 618 5.13 -32.98 -18.58
CA LEU A 618 5.66 -31.62 -18.47
C LEU A 618 4.72 -30.65 -19.14
N THR A 619 4.37 -29.57 -18.44
CA THR A 619 3.69 -28.41 -19.03
C THR A 619 4.59 -27.18 -18.85
N ILE A 620 5.08 -26.58 -19.93
CA ILE A 620 5.91 -25.36 -19.85
C ILE A 620 5.13 -24.22 -20.50
N LEU A 621 5.03 -23.10 -19.79
CA LEU A 621 4.43 -21.83 -20.32
C LEU A 621 5.55 -20.82 -20.36
N GLY A 622 5.81 -20.28 -21.54
CA GLY A 622 6.90 -19.33 -21.79
C GLY A 622 6.45 -17.89 -21.60
N PHE A 623 5.63 -17.65 -20.58
CA PHE A 623 5.00 -16.35 -20.30
C PHE A 623 4.62 -16.35 -18.81
N ALA A 624 4.47 -15.16 -18.26
CA ALA A 624 4.30 -14.87 -16.82
C ALA A 624 2.89 -14.31 -16.60
N PHE A 625 2.12 -14.97 -15.73
CA PHE A 625 0.84 -14.44 -15.25
C PHE A 625 0.82 -14.64 -13.76
N GLY A 626 0.20 -13.73 -13.02
CA GLY A 626 -0.15 -13.89 -11.60
C GLY A 626 -1.65 -13.98 -11.52
N TYR A 627 -2.29 -13.11 -10.74
CA TYR A 627 -3.76 -13.06 -10.64
C TYR A 627 -4.15 -11.57 -10.66
N THR A 628 -4.33 -11.05 -11.87
CA THR A 628 -4.70 -9.63 -12.12
C THR A 628 -5.84 -9.55 -13.14
N SER A 629 -6.46 -10.68 -13.48
CA SER A 629 -7.65 -10.77 -14.36
C SER A 629 -8.40 -12.07 -14.12
N ASP A 630 -9.61 -12.16 -14.63
CA ASP A 630 -10.40 -13.41 -14.53
C ASP A 630 -9.74 -14.49 -15.40
N GLU A 631 -9.05 -14.13 -16.48
CA GLU A 631 -8.42 -15.11 -17.42
C GLU A 631 -7.38 -15.88 -16.61
N HIS A 632 -6.75 -15.21 -15.64
CA HIS A 632 -5.69 -15.85 -14.82
C HIS A 632 -6.28 -16.98 -13.97
N LEU A 633 -7.44 -16.80 -13.35
CA LEU A 633 -8.05 -17.88 -12.54
C LEU A 633 -8.52 -18.98 -13.47
N GLU A 634 -9.00 -18.62 -14.66
CA GLU A 634 -9.48 -19.61 -15.63
C GLU A 634 -8.28 -20.49 -16.01
N LEU A 635 -7.14 -19.87 -16.25
CA LEU A 635 -5.87 -20.56 -16.64
C LEU A 635 -5.38 -21.43 -15.48
N ILE A 636 -5.37 -20.94 -14.25
CA ILE A 636 -4.94 -21.80 -13.11
C ILE A 636 -5.91 -23.01 -13.01
N ASP A 637 -7.20 -22.77 -13.16
CA ASP A 637 -8.21 -23.84 -13.07
C ASP A 637 -7.93 -24.90 -14.15
N LYS A 638 -7.63 -24.48 -15.38
CA LYS A 638 -7.38 -25.40 -16.52
C LYS A 638 -6.16 -26.25 -16.19
N LEU A 639 -5.10 -25.63 -15.69
CA LEU A 639 -3.82 -26.32 -15.41
C LEU A 639 -4.06 -27.38 -14.33
N VAL A 640 -4.70 -27.00 -13.24
CA VAL A 640 -5.05 -27.96 -12.17
C VAL A 640 -5.85 -29.14 -12.76
N LYS A 641 -6.83 -28.88 -13.63
CA LYS A 641 -7.72 -29.96 -14.15
C LYS A 641 -6.97 -30.89 -15.13
N LEU A 642 -5.77 -30.54 -15.61
CA LEU A 642 -5.00 -31.41 -16.53
C LEU A 642 -4.76 -32.76 -15.85
N ASN A 643 -4.70 -32.80 -14.51
CA ASN A 643 -4.47 -34.06 -13.77
C ASN A 643 -5.70 -34.41 -12.95
N LYS A 644 -6.86 -33.85 -13.34
CA LYS A 644 -8.17 -34.30 -12.83
C LYS A 644 -8.22 -34.08 -11.30
N ILE A 645 -7.56 -33.04 -10.82
CA ILE A 645 -7.68 -32.60 -9.40
C ILE A 645 -9.05 -31.95 -9.23
N LYS A 646 -9.74 -32.34 -8.16
CA LYS A 646 -11.10 -31.86 -7.82
C LYS A 646 -11.05 -31.17 -6.45
N ARG A 647 -11.84 -30.14 -6.35
CA ARG A 647 -12.13 -29.50 -5.04
C ARG A 647 -12.86 -30.54 -4.17
N GLU A 648 -12.80 -30.37 -2.85
CA GLU A 648 -13.43 -31.22 -1.84
C GLU A 648 -14.96 -31.00 -1.85
N LEU A 649 -15.42 -29.80 -2.17
CA LEU A 649 -16.86 -29.45 -2.15
C LEU A 649 -17.26 -28.83 -3.49
N PHE A 650 -18.51 -29.03 -3.88
CA PHE A 650 -19.26 -28.14 -4.81
C PHE A 650 -19.86 -27.06 -3.93
N VAL A 651 -19.52 -25.79 -4.20
CA VAL A 651 -20.08 -24.61 -3.49
C VAL A 651 -20.70 -23.68 -4.52
N SER A 652 -21.94 -23.23 -4.31
CA SER A 652 -22.74 -22.51 -5.35
C SER A 652 -22.26 -21.08 -5.51
N ASP A 653 -21.51 -20.55 -4.56
CA ASP A 653 -20.91 -19.19 -4.67
C ASP A 653 -19.40 -19.36 -4.75
N LYS A 654 -18.82 -19.05 -5.90
CA LYS A 654 -17.37 -19.24 -6.16
C LYS A 654 -16.52 -18.34 -5.24
N ASP A 655 -17.12 -17.30 -4.64
CA ASP A 655 -16.40 -16.30 -3.81
C ASP A 655 -16.35 -16.74 -2.34
N ILE A 656 -17.01 -17.85 -1.97
CA ILE A 656 -16.83 -18.45 -0.63
C ILE A 656 -15.55 -19.28 -0.65
N GLN A 657 -14.70 -19.07 0.34
CA GLN A 657 -13.50 -19.91 0.58
C GLN A 657 -13.87 -20.97 1.61
N PHE A 658 -13.36 -22.17 1.37
CA PHE A 658 -13.54 -23.29 2.32
C PHE A 658 -12.23 -24.04 2.44
N VAL A 659 -12.08 -24.67 3.59
CA VAL A 659 -11.02 -25.67 3.85
C VAL A 659 -11.69 -26.87 4.52
N VAL A 660 -11.44 -28.06 4.01
CA VAL A 660 -11.89 -29.32 4.68
C VAL A 660 -10.64 -29.89 5.37
N ARG A 661 -10.68 -30.05 6.69
CA ARG A 661 -9.59 -30.67 7.45
C ARG A 661 -10.17 -31.97 7.98
N GLU A 662 -9.46 -33.07 7.81
CA GLU A 662 -10.01 -34.34 8.35
C GLU A 662 -8.88 -35.26 8.80
N ASN A 663 -9.26 -36.13 9.74
CA ASN A 663 -8.48 -37.30 10.23
C ASN A 663 -9.39 -38.53 10.06
N ASN A 664 -9.12 -39.61 10.80
CA ASN A 664 -9.94 -40.85 10.70
C ASN A 664 -11.29 -40.60 11.36
N LYS A 665 -11.32 -39.91 12.51
CA LYS A 665 -12.52 -39.71 13.35
C LYS A 665 -13.45 -38.62 12.77
N SER A 666 -12.87 -37.51 12.32
CA SER A 666 -13.54 -36.18 12.31
C SER A 666 -13.25 -35.46 11.00
N ARG A 667 -14.24 -34.71 10.53
CA ARG A 667 -14.10 -33.77 9.39
C ARG A 667 -14.54 -32.39 9.86
N TYR A 668 -13.72 -31.38 9.62
CA TYR A 668 -14.12 -29.99 9.86
C TYR A 668 -14.24 -29.31 8.50
N ILE A 669 -15.37 -28.66 8.26
CA ILE A 669 -15.53 -27.75 7.10
C ILE A 669 -15.47 -26.32 7.61
N PHE A 670 -14.45 -25.58 7.20
CA PHE A 670 -14.35 -24.11 7.47
C PHE A 670 -14.84 -23.34 6.24
N PHE A 671 -15.87 -22.53 6.37
CA PHE A 671 -16.31 -21.56 5.34
C PHE A 671 -15.88 -20.16 5.76
N LEU A 672 -15.26 -19.41 4.83
CA LEU A 672 -14.71 -18.06 5.09
C LEU A 672 -15.28 -17.15 4.03
N ASN A 673 -15.94 -16.10 4.48
CA ASN A 673 -16.46 -15.03 3.61
C ASN A 673 -15.61 -13.77 3.83
N TYR A 674 -14.66 -13.57 2.93
CA TYR A 674 -13.70 -12.44 2.96
C TYR A 674 -14.29 -11.20 2.25
N HIS A 675 -15.63 -11.13 2.13
CA HIS A 675 -16.28 -10.14 1.24
C HIS A 675 -17.34 -9.36 2.02
N ASN A 676 -17.60 -8.11 1.64
CA ASN A 676 -18.62 -7.31 2.36
C ASN A 676 -19.96 -7.55 1.68
N GLU A 677 -20.48 -8.75 1.90
CA GLU A 677 -21.77 -9.18 1.32
C GLU A 677 -22.28 -10.30 2.21
N ARG A 678 -23.55 -10.23 2.62
CA ARG A 678 -24.23 -11.40 3.23
C ARG A 678 -24.45 -12.42 2.10
N LYS A 679 -23.83 -13.58 2.20
CA LYS A 679 -23.92 -14.61 1.14
C LYS A 679 -24.78 -15.78 1.61
N THR A 680 -25.76 -16.15 0.81
CA THR A 680 -26.52 -17.39 0.97
C THR A 680 -26.10 -18.31 -0.17
N PHE A 681 -25.71 -19.54 0.15
CA PHE A 681 -25.17 -20.51 -0.82
C PHE A 681 -25.54 -21.92 -0.36
N ASN A 682 -25.26 -22.88 -1.24
CA ASN A 682 -25.44 -24.31 -0.95
C ASN A 682 -24.15 -25.01 -1.30
N TYR A 683 -23.91 -26.16 -0.68
CA TYR A 683 -22.71 -26.96 -0.95
C TYR A 683 -23.05 -28.45 -0.79
N ARG A 684 -22.15 -29.27 -1.32
CA ARG A 684 -22.13 -30.72 -1.02
C ARG A 684 -20.71 -31.25 -1.24
N LYS A 685 -20.42 -32.41 -0.66
CA LYS A 685 -19.11 -33.10 -0.83
C LYS A 685 -19.05 -33.59 -2.29
N SER A 686 -17.89 -33.45 -2.94
CA SER A 686 -17.71 -33.81 -4.37
C SER A 686 -18.13 -35.27 -4.60
N SER A 687 -17.95 -36.14 -3.60
CA SER A 687 -18.46 -37.54 -3.61
C SER A 687 -19.05 -37.91 -2.24
N LYS A 693 -30.86 -31.82 -0.56
CA LYS A 693 -29.73 -32.77 -0.39
C LYS A 693 -28.44 -31.96 -0.17
N SER A 694 -28.22 -30.93 -0.99
CA SER A 694 -27.23 -29.88 -0.68
C SER A 694 -27.64 -29.15 0.61
N GLU A 695 -26.68 -28.74 1.45
CA GLU A 695 -26.93 -27.94 2.67
C GLU A 695 -26.93 -26.45 2.28
N GLU A 696 -27.82 -25.63 2.84
CA GLU A 696 -27.86 -24.17 2.60
C GLU A 696 -27.20 -23.47 3.79
N ILE A 697 -26.42 -22.44 3.51
CA ILE A 697 -25.69 -21.66 4.55
C ILE A 697 -25.88 -20.18 4.23
N SER A 698 -26.08 -19.36 5.26
CA SER A 698 -26.01 -17.89 5.15
C SER A 698 -24.86 -17.44 6.05
N ILE A 699 -24.01 -16.62 5.49
CA ILE A 699 -22.81 -16.11 6.18
C ILE A 699 -22.77 -14.58 6.06
N ALA A 700 -22.53 -13.93 7.19
CA ALA A 700 -22.40 -12.48 7.30
C ALA A 700 -21.15 -12.04 6.55
N PRO A 701 -21.06 -10.74 6.21
CA PRO A 701 -19.82 -10.15 5.73
C PRO A 701 -18.64 -10.48 6.65
N PHE A 702 -17.48 -10.77 6.07
CA PHE A 702 -16.19 -10.87 6.79
C PHE A 702 -16.33 -11.86 7.95
N SER A 703 -17.02 -12.98 7.72
CA SER A 703 -17.44 -13.94 8.75
C SER A 703 -17.03 -15.36 8.36
N TYR A 704 -17.43 -16.32 9.20
CA TYR A 704 -17.01 -17.72 9.06
C TYR A 704 -18.14 -18.61 9.55
N LYS A 705 -18.09 -19.86 9.11
CA LYS A 705 -18.87 -20.96 9.70
C LYS A 705 -17.93 -22.15 9.80
N VAL A 706 -18.09 -22.93 10.87
CA VAL A 706 -17.39 -24.22 11.03
C VAL A 706 -18.40 -25.33 11.22
N ILE A 707 -18.33 -26.35 10.38
CA ILE A 707 -19.22 -27.54 10.49
C ILE A 707 -18.33 -28.70 10.92
N LYS A 708 -18.70 -29.43 11.98
CA LYS A 708 -18.02 -30.69 12.33
C LYS A 708 -18.88 -31.89 11.95
N GLU A 709 -18.26 -32.86 11.29
CA GLU A 709 -18.90 -34.15 10.92
C GLU A 709 -18.17 -35.27 11.66
N ASN A 710 -18.91 -36.16 12.31
CA ASN A 710 -18.32 -37.37 12.93
C ASN A 710 -18.20 -38.39 11.78
N LYS A 711 -16.99 -38.94 11.54
CA LYS A 711 -16.56 -39.82 10.41
C LYS A 711 -16.22 -38.97 9.17
N SER B 1 -24.63 30.81 -2.68
CA SER B 1 -23.19 30.65 -2.30
C SER B 1 -22.60 29.30 -2.79
N GLU B 2 -23.37 28.21 -2.69
CA GLU B 2 -22.97 26.87 -3.18
C GLU B 2 -22.94 26.89 -4.70
N LYS B 3 -22.04 26.10 -5.28
CA LYS B 3 -21.96 25.88 -6.74
C LYS B 3 -22.59 24.53 -7.03
N TYR B 4 -23.47 24.45 -8.01
CA TYR B 4 -24.20 23.20 -8.30
C TYR B 4 -24.66 23.27 -9.74
N PHE B 5 -24.87 22.10 -10.32
CA PHE B 5 -25.46 21.98 -11.67
C PHE B 5 -26.91 22.44 -11.62
N VAL B 6 -27.42 22.84 -12.78
CA VAL B 6 -28.75 23.49 -12.89
C VAL B 6 -29.49 22.82 -14.05
N LYS B 7 -30.76 22.53 -13.82
CA LYS B 7 -31.66 21.99 -14.87
C LYS B 7 -33.00 22.68 -14.71
N ASN B 8 -33.54 23.23 -15.81
CA ASN B 8 -34.85 23.93 -15.73
C ASN B 8 -34.80 24.95 -14.60
N GLY B 9 -33.68 25.66 -14.48
CA GLY B 9 -33.53 26.80 -13.57
C GLY B 9 -33.54 26.42 -12.12
N GLN B 10 -33.41 25.13 -11.80
CA GLN B 10 -33.45 24.64 -10.41
C GLN B 10 -32.18 23.85 -10.16
N PRO B 11 -31.74 23.69 -8.90
CA PRO B 11 -30.57 22.85 -8.61
C PRO B 11 -30.81 21.43 -9.15
N HIS B 12 -29.79 20.87 -9.76
CA HIS B 12 -29.84 19.54 -10.41
C HIS B 12 -28.62 18.74 -9.96
N PHE B 13 -28.85 17.59 -9.33
CA PHE B 13 -27.75 16.66 -9.00
C PHE B 13 -27.40 15.90 -10.27
N LEU B 14 -26.22 16.15 -10.81
CA LEU B 14 -25.85 15.46 -12.06
C LEU B 14 -25.61 13.98 -11.69
N ILE B 15 -26.48 13.09 -12.16
CA ILE B 15 -26.30 11.62 -12.03
C ILE B 15 -26.10 11.02 -13.43
N SER B 16 -24.87 10.63 -13.69
CA SER B 16 -24.47 10.06 -14.99
C SER B 16 -23.99 8.63 -14.76
N GLY B 17 -24.11 7.79 -15.77
CA GLY B 17 -23.47 6.47 -15.74
C GLY B 17 -22.64 6.28 -16.99
N GLU B 18 -21.48 5.64 -16.84
CA GLU B 18 -20.54 5.47 -17.96
C GLU B 18 -20.93 4.16 -18.62
N VAL B 19 -21.24 4.24 -19.90
CA VAL B 19 -21.67 3.09 -20.74
C VAL B 19 -20.91 3.19 -22.05
N HIS B 20 -20.02 2.22 -22.30
CA HIS B 20 -19.10 2.28 -23.47
C HIS B 20 -19.76 1.51 -24.61
N TYR B 21 -20.43 2.23 -25.50
CA TYR B 21 -21.16 1.64 -26.65
C TYR B 21 -20.20 0.73 -27.43
N PHE B 22 -18.95 1.13 -27.56
CA PHE B 22 -17.97 0.41 -28.41
C PHE B 22 -17.58 -0.91 -27.76
N ARG B 23 -17.96 -1.14 -26.51
CA ARG B 23 -17.68 -2.41 -25.77
C ARG B 23 -18.96 -3.18 -25.47
N ILE B 24 -20.08 -2.84 -26.11
CA ILE B 24 -21.38 -3.50 -25.82
C ILE B 24 -22.04 -3.91 -27.14
N ASN B 25 -22.57 -5.11 -27.16
CA ASN B 25 -23.43 -5.61 -28.25
C ASN B 25 -24.48 -4.55 -28.59
N PRO B 26 -24.50 -4.01 -29.83
CA PRO B 26 -25.49 -2.97 -30.16
C PRO B 26 -26.95 -3.38 -30.01
N LYS B 27 -27.22 -4.68 -30.07
CA LYS B 27 -28.60 -5.18 -29.84
C LYS B 27 -29.03 -4.83 -28.42
N LEU B 28 -28.06 -4.64 -27.52
CA LEU B 28 -28.33 -4.39 -26.10
C LEU B 28 -28.10 -2.92 -25.70
N TRP B 29 -27.77 -2.05 -26.64
CA TRP B 29 -27.57 -0.61 -26.31
C TRP B 29 -28.83 -0.04 -25.65
N ARG B 30 -30.02 -0.24 -26.25
CA ARG B 30 -31.27 0.32 -25.68
C ARG B 30 -31.50 -0.22 -24.28
N ASN B 31 -31.25 -1.50 -24.05
CA ASN B 31 -31.54 -2.15 -22.74
C ASN B 31 -30.63 -1.54 -21.66
N HIS B 32 -29.34 -1.34 -21.95
CA HIS B 32 -28.39 -0.66 -21.02
C HIS B 32 -28.94 0.72 -20.66
N LEU B 33 -29.36 1.50 -21.66
CA LEU B 33 -29.82 2.90 -21.47
C LEU B 33 -31.11 2.91 -20.68
N GLN B 34 -32.02 1.97 -20.95
CA GLN B 34 -33.31 1.94 -20.24
C GLN B 34 -33.02 1.58 -18.78
N LEU B 35 -32.15 0.60 -18.54
CA LEU B 35 -31.82 0.20 -17.15
C LEU B 35 -31.10 1.35 -16.41
N LEU B 36 -30.28 2.11 -17.12
CA LEU B 36 -29.58 3.26 -16.51
C LEU B 36 -30.63 4.28 -16.11
N LYS B 37 -31.51 4.61 -17.06
CA LYS B 37 -32.57 5.59 -16.78
C LYS B 37 -33.41 5.15 -15.56
N GLN B 38 -33.75 3.87 -15.49
CA GLN B 38 -34.65 3.33 -14.45
C GLN B 38 -33.98 3.43 -13.06
N THR B 39 -32.67 3.70 -12.95
CA THR B 39 -32.04 3.95 -11.63
C THR B 39 -32.28 5.40 -11.21
N GLY B 40 -32.77 6.28 -12.10
CA GLY B 40 -32.98 7.69 -11.79
C GLY B 40 -31.83 8.56 -12.32
N ALA B 41 -30.83 7.94 -12.92
CA ALA B 41 -29.75 8.67 -13.61
C ALA B 41 -30.37 9.49 -14.76
N ASP B 42 -29.81 10.68 -15.01
CA ASP B 42 -30.32 11.63 -16.02
C ASP B 42 -29.37 11.70 -17.22
N THR B 43 -28.13 11.24 -17.06
CA THR B 43 -27.05 11.38 -18.05
C THR B 43 -26.30 10.07 -18.23
N VAL B 44 -25.78 9.86 -19.42
CA VAL B 44 -24.90 8.72 -19.80
C VAL B 44 -23.63 9.35 -20.38
N SER B 45 -22.49 8.70 -20.13
CA SER B 45 -21.15 9.21 -20.47
C SER B 45 -20.38 8.10 -21.19
N THR B 46 -19.65 8.47 -22.24
CA THR B 46 -18.79 7.50 -22.99
C THR B 46 -17.63 8.24 -23.64
N TYR B 47 -16.54 7.52 -23.84
CA TYR B 47 -15.52 7.91 -24.82
C TYR B 47 -16.03 7.62 -26.23
N ILE B 48 -15.48 8.38 -27.17
CA ILE B 48 -15.58 8.14 -28.63
C ILE B 48 -14.15 7.90 -29.11
N PRO B 49 -13.72 6.63 -29.18
CA PRO B 49 -12.32 6.32 -29.41
C PRO B 49 -11.93 6.59 -30.87
N TRP B 50 -10.87 7.37 -31.03
CA TRP B 50 -10.31 7.73 -32.35
C TRP B 50 -9.94 6.44 -33.12
N ASP B 51 -9.25 5.52 -32.47
CA ASP B 51 -8.82 4.23 -33.08
C ASP B 51 -10.04 3.45 -33.58
N TRP B 52 -11.17 3.53 -32.86
CA TRP B 52 -12.39 2.76 -33.16
C TRP B 52 -13.11 3.28 -34.42
N HIS B 53 -12.99 4.56 -34.75
CA HIS B 53 -13.83 5.23 -35.78
C HIS B 53 -12.97 5.64 -36.99
N GLU B 54 -11.71 6.03 -36.83
CA GLU B 54 -10.79 6.21 -37.99
C GLU B 54 -10.07 4.88 -38.20
N ILE B 55 -10.70 3.96 -38.91
CA ILE B 55 -10.31 2.51 -38.92
C ILE B 55 -9.03 2.29 -39.73
N GLU B 56 -8.80 3.16 -40.70
CA GLU B 56 -7.54 3.31 -41.45
C GLU B 56 -7.37 4.80 -41.73
N GLU B 57 -6.22 5.26 -42.18
CA GLU B 57 -6.04 6.71 -42.43
C GLU B 57 -7.11 7.22 -43.38
N ASP B 58 -7.82 8.27 -42.96
CA ASP B 58 -8.86 9.01 -43.72
C ASP B 58 -10.03 8.10 -44.11
N ASP B 59 -10.28 7.03 -43.36
CA ASP B 59 -11.46 6.15 -43.52
C ASP B 59 -12.22 6.15 -42.18
N PHE B 60 -13.34 6.85 -42.12
CA PHE B 60 -14.11 7.06 -40.87
C PHE B 60 -15.42 6.27 -40.93
N ASP B 61 -15.77 5.60 -39.84
CA ASP B 61 -17.03 4.84 -39.73
C ASP B 61 -17.69 5.26 -38.41
N PHE B 62 -18.75 6.06 -38.47
CA PHE B 62 -19.56 6.48 -37.29
C PHE B 62 -20.95 5.84 -37.37
N GLU B 63 -21.19 4.96 -38.35
CA GLU B 63 -22.56 4.49 -38.68
C GLU B 63 -22.63 2.96 -38.62
N GLY B 64 -21.59 2.27 -38.19
CA GLY B 64 -21.61 0.79 -38.13
C GLY B 64 -21.58 0.15 -39.52
N LYS B 65 -20.93 0.80 -40.48
CA LYS B 65 -20.71 0.23 -41.85
C LYS B 65 -19.79 -0.99 -41.77
N THR B 66 -18.79 -1.01 -40.88
CA THR B 66 -17.68 -2.01 -40.86
C THR B 66 -17.74 -2.87 -39.59
N HIS B 67 -18.40 -2.38 -38.54
CA HIS B 67 -18.69 -3.14 -37.29
C HIS B 67 -19.90 -2.49 -36.64
N PRO B 68 -20.92 -3.25 -36.20
CA PRO B 68 -22.14 -2.62 -35.73
C PRO B 68 -21.90 -1.68 -34.53
N ALA B 69 -20.89 -1.96 -33.69
CA ALA B 69 -20.57 -1.12 -32.51
C ALA B 69 -19.81 0.17 -32.90
N ARG B 70 -19.51 0.40 -34.18
CA ARG B 70 -18.99 1.71 -34.68
C ARG B 70 -20.15 2.66 -35.01
N ASN B 71 -21.39 2.24 -34.77
CA ASN B 71 -22.60 3.08 -35.02
C ASN B 71 -22.83 4.09 -33.88
N LEU B 72 -21.89 5.04 -33.74
CA LEU B 72 -21.99 6.18 -32.80
C LEU B 72 -23.29 6.95 -33.03
N ILE B 73 -23.67 7.18 -34.28
CA ILE B 73 -24.90 7.96 -34.63
C ILE B 73 -26.09 7.26 -33.99
N ARG B 74 -26.21 5.95 -34.13
CA ARG B 74 -27.34 5.22 -33.54
C ARG B 74 -27.34 5.36 -32.01
N PHE B 75 -26.18 5.20 -31.37
CA PHE B 75 -26.08 5.31 -29.89
C PHE B 75 -26.54 6.70 -29.43
N ILE B 76 -26.11 7.77 -30.10
CA ILE B 76 -26.58 9.14 -29.75
C ILE B 76 -28.10 9.19 -29.87
N LYS B 77 -28.65 8.70 -30.99
CA LYS B 77 -30.12 8.68 -31.23
C LYS B 77 -30.79 7.91 -30.09
N LEU B 78 -30.19 6.81 -29.63
CA LEU B 78 -30.81 5.99 -28.56
C LEU B 78 -30.85 6.78 -27.26
N CYS B 79 -29.78 7.51 -26.95
CA CYS B 79 -29.72 8.35 -25.72
C CYS B 79 -30.91 9.32 -25.71
N LYS B 80 -31.14 10.00 -26.84
CA LYS B 80 -32.27 10.93 -27.03
C LYS B 80 -33.58 10.14 -26.86
N GLU B 81 -33.77 9.03 -27.56
CA GLU B 81 -35.00 8.22 -27.41
C GLU B 81 -35.25 7.79 -25.96
N GLU B 82 -34.21 7.55 -25.15
CA GLU B 82 -34.36 6.98 -23.79
C GLU B 82 -34.24 8.07 -22.74
N ASN B 83 -34.33 9.33 -23.17
CA ASN B 83 -34.44 10.52 -22.30
C ASN B 83 -33.24 10.58 -21.34
N LEU B 84 -32.05 10.38 -21.91
CA LEU B 84 -30.76 10.59 -21.20
C LEU B 84 -29.99 11.68 -21.91
N ASP B 85 -29.47 12.67 -21.19
CA ASP B 85 -28.38 13.54 -21.71
C ASP B 85 -27.12 12.69 -21.91
N LEU B 86 -26.17 13.23 -22.66
CA LEU B 86 -24.95 12.51 -23.08
C LEU B 86 -23.71 13.37 -22.87
N ILE B 87 -22.74 12.80 -22.17
CA ILE B 87 -21.35 13.32 -22.09
C ILE B 87 -20.50 12.53 -23.09
N VAL B 88 -19.78 13.22 -23.95
CA VAL B 88 -18.90 12.57 -24.97
C VAL B 88 -17.46 12.94 -24.68
N LYS B 89 -16.55 12.01 -24.93
CA LYS B 89 -15.13 12.18 -24.60
C LYS B 89 -14.33 11.61 -25.77
N PRO B 90 -14.09 12.44 -26.80
CA PRO B 90 -13.48 11.99 -28.06
C PRO B 90 -11.93 12.03 -28.05
N GLY B 91 -11.30 12.30 -26.91
CA GLY B 91 -9.85 12.20 -26.85
C GLY B 91 -9.15 13.49 -27.31
N PRO B 92 -7.99 13.41 -27.98
CA PRO B 92 -7.53 12.18 -28.63
C PRO B 92 -7.11 11.00 -27.72
N TYR B 93 -6.52 11.24 -26.55
CA TYR B 93 -6.27 10.12 -25.61
C TYR B 93 -7.53 9.83 -24.84
N ILE B 94 -7.85 8.55 -24.62
CA ILE B 94 -8.98 8.16 -23.73
C ILE B 94 -8.47 7.26 -22.61
N LEU B 95 -7.28 6.65 -22.72
CA LEU B 95 -6.82 5.62 -21.75
C LEU B 95 -7.87 4.51 -21.69
N ALA B 96 -8.63 4.35 -20.62
CA ALA B 96 -9.79 3.44 -20.57
C ALA B 96 -9.38 1.99 -20.88
N GLU B 97 -8.12 1.62 -20.63
CA GLU B 97 -7.60 0.26 -20.88
C GLU B 97 -7.89 -0.14 -22.35
N TYR B 98 -7.89 0.83 -23.26
CA TYR B 98 -8.07 0.62 -24.71
C TYR B 98 -6.69 0.60 -25.33
N GLU B 99 -6.45 -0.32 -26.25
CA GLU B 99 -5.13 -0.52 -26.91
C GLU B 99 -4.62 0.83 -27.40
N ASN B 100 -3.35 1.12 -27.15
CA ASN B 100 -2.68 2.38 -27.59
C ASN B 100 -3.36 3.58 -26.91
N GLN B 101 -4.09 3.35 -25.82
CA GLN B 101 -4.74 4.41 -25.01
C GLN B 101 -5.71 5.21 -25.90
N GLY B 102 -6.14 4.61 -27.01
CA GLY B 102 -7.20 5.15 -27.88
C GLY B 102 -6.66 5.68 -29.21
N LEU B 103 -5.34 5.82 -29.33
CA LEU B 103 -4.76 6.35 -30.58
C LEU B 103 -4.82 5.25 -31.63
N PRO B 104 -5.05 5.57 -32.91
CA PRO B 104 -5.05 4.54 -33.96
C PRO B 104 -3.71 3.81 -34.12
N SER B 105 -3.75 2.51 -34.37
CA SER B 105 -2.51 1.76 -34.68
C SER B 105 -1.85 2.36 -35.93
N TRP B 106 -2.63 2.72 -36.95
CA TRP B 106 -2.09 3.21 -38.25
C TRP B 106 -1.34 4.53 -38.00
N LEU B 107 -1.83 5.36 -37.07
CA LEU B 107 -1.21 6.67 -36.73
C LEU B 107 0.15 6.39 -36.08
N LEU B 108 0.18 5.52 -35.09
CA LEU B 108 1.41 5.24 -34.32
C LEU B 108 2.48 4.62 -35.22
N LYS B 109 2.09 3.86 -36.24
CA LYS B 109 3.06 3.19 -37.15
C LYS B 109 3.68 4.23 -38.10
N LYS B 110 2.87 5.23 -38.47
CA LYS B 110 3.17 6.23 -39.51
C LYS B 110 3.94 7.44 -38.92
N LEU B 111 3.63 7.87 -37.69
CA LEU B 111 4.25 9.08 -37.10
C LEU B 111 5.79 8.98 -37.19
N SER B 112 6.43 10.08 -37.57
CA SER B 112 7.90 10.25 -37.47
C SER B 112 8.34 10.21 -36.01
N LYS B 113 9.59 9.84 -35.77
CA LYS B 113 10.23 9.74 -34.44
C LYS B 113 9.99 11.02 -33.62
N ASN B 114 10.09 12.19 -34.27
CA ASN B 114 10.04 13.52 -33.62
C ASN B 114 8.61 13.85 -33.12
N ALA B 115 7.61 13.02 -33.45
CA ALA B 115 6.21 13.14 -32.96
C ALA B 115 6.07 12.50 -31.57
N PHE B 116 7.03 11.66 -31.16
CA PHE B 116 6.97 10.88 -29.90
C PHE B 116 7.61 11.66 -28.75
N ALA B 117 7.15 11.38 -27.55
CA ALA B 117 7.83 11.77 -26.28
C ALA B 117 9.18 11.06 -26.27
N LEU B 118 10.26 11.80 -26.00
CA LEU B 118 11.63 11.24 -26.02
C LEU B 118 12.26 11.42 -24.64
N ASP B 119 13.12 10.47 -24.26
CA ASP B 119 13.96 10.53 -23.05
C ASP B 119 15.14 11.47 -23.34
N GLU B 120 15.96 11.71 -22.34
CA GLU B 120 17.00 12.77 -22.38
C GLU B 120 18.04 12.42 -23.46
N ASN B 121 18.04 11.14 -23.88
CA ASN B 121 18.99 10.58 -24.89
C ASN B 121 18.35 10.56 -26.29
N GLY B 122 17.09 11.00 -26.46
CA GLY B 122 16.42 11.07 -27.77
C GLY B 122 15.77 9.77 -28.18
N ASN B 123 15.59 8.85 -27.23
CA ASN B 123 14.89 7.56 -27.47
C ASN B 123 13.39 7.70 -27.18
N VAL B 124 12.57 7.06 -28.00
CA VAL B 124 11.08 6.98 -27.83
C VAL B 124 10.78 6.35 -26.46
N ILE B 125 10.01 7.04 -25.62
CA ILE B 125 9.67 6.56 -24.25
C ILE B 125 8.74 5.34 -24.37
N SER B 126 7.71 5.41 -25.21
CA SER B 126 6.71 4.34 -25.38
C SER B 126 6.11 4.45 -26.77
N PRO B 127 5.88 3.33 -27.48
CA PRO B 127 5.32 3.39 -28.84
C PRO B 127 3.92 3.98 -28.91
N ASP B 128 3.24 4.22 -27.79
CA ASP B 128 1.88 4.82 -27.79
C ASP B 128 1.90 6.21 -27.12
N LEU B 129 3.08 6.78 -26.88
CA LEU B 129 3.21 8.07 -26.14
C LEU B 129 3.70 9.14 -27.11
N VAL B 130 2.78 9.99 -27.51
CA VAL B 130 3.14 11.10 -28.42
C VAL B 130 3.57 12.27 -27.53
N SER B 131 4.24 13.20 -28.16
CA SER B 131 4.52 14.54 -27.61
C SER B 131 3.25 15.38 -27.85
N TYR B 132 2.67 15.93 -26.80
CA TYR B 132 1.37 16.64 -26.89
C TYR B 132 1.42 17.77 -27.94
N LEU B 133 2.53 18.53 -28.02
CA LEU B 133 2.59 19.67 -28.97
C LEU B 133 3.31 19.31 -30.28
N SER B 134 3.47 18.03 -30.61
CA SER B 134 4.02 17.60 -31.92
C SER B 134 3.12 18.09 -33.04
N ASP B 135 3.69 18.77 -34.05
CA ASP B 135 2.92 19.32 -35.20
C ASP B 135 2.15 18.19 -35.87
N GLU B 136 2.82 17.05 -36.09
CA GLU B 136 2.26 15.87 -36.80
C GLU B 136 1.10 15.30 -35.97
N PHE B 137 1.30 15.14 -34.65
CA PHE B 137 0.24 14.66 -33.74
C PHE B 137 -0.98 15.59 -33.79
N LEU B 138 -0.75 16.90 -33.67
CA LEU B 138 -1.88 17.87 -33.64
C LEU B 138 -2.55 17.93 -35.01
N GLU B 139 -1.79 17.69 -36.08
CA GLU B 139 -2.38 17.68 -37.43
C GLU B 139 -3.41 16.53 -37.53
N TYR B 140 -3.01 15.33 -37.15
CA TYR B 140 -3.88 14.12 -37.20
C TYR B 140 -5.05 14.28 -36.20
N THR B 141 -4.77 14.78 -34.99
CA THR B 141 -5.82 15.07 -33.98
C THR B 141 -6.87 16.00 -34.61
N PHE B 142 -6.42 17.05 -35.28
CA PHE B 142 -7.28 18.05 -35.93
C PHE B 142 -8.13 17.35 -37.02
N LYS B 143 -7.56 16.39 -37.75
CA LYS B 143 -8.32 15.68 -38.81
C LYS B 143 -9.38 14.77 -38.16
N TRP B 144 -9.07 14.17 -37.01
CA TRP B 144 -10.04 13.41 -36.21
C TRP B 144 -11.15 14.35 -35.74
N TYR B 145 -10.79 15.52 -35.20
CA TYR B 145 -11.74 16.55 -34.71
C TYR B 145 -12.65 16.99 -35.88
N ASP B 146 -12.08 17.16 -37.07
CA ASP B 146 -12.83 17.63 -38.28
C ASP B 146 -13.94 16.65 -38.62
N LYS B 147 -13.85 15.38 -38.23
CA LYS B 147 -14.89 14.38 -38.50
C LYS B 147 -15.82 14.16 -37.32
N VAL B 148 -15.30 14.05 -36.09
CA VAL B 148 -16.14 13.71 -34.90
C VAL B 148 -16.84 14.98 -34.40
N MET B 149 -16.21 16.16 -34.50
CA MET B 149 -16.78 17.37 -33.87
C MET B 149 -18.03 17.86 -34.60
N PRO B 150 -18.15 17.79 -35.95
CA PRO B 150 -19.42 18.14 -36.59
C PRO B 150 -20.57 17.26 -36.08
N ILE B 151 -20.31 15.96 -35.81
CA ILE B 151 -21.35 15.05 -35.25
C ILE B 151 -21.76 15.51 -33.85
N ILE B 152 -20.77 15.76 -32.99
CA ILE B 152 -21.02 16.28 -31.61
C ILE B 152 -21.82 17.59 -31.68
N SER B 153 -21.37 18.54 -32.50
CA SER B 153 -22.03 19.86 -32.70
C SER B 153 -23.51 19.67 -33.04
N LYS B 154 -23.81 18.79 -34.00
CA LYS B 154 -25.17 18.57 -34.55
C LYS B 154 -26.06 18.01 -33.44
N HIS B 155 -25.51 17.30 -32.44
CA HIS B 155 -26.31 16.57 -31.43
C HIS B 155 -26.28 17.24 -30.04
N GLN B 156 -25.84 18.49 -29.97
CA GLN B 156 -25.94 19.31 -28.73
C GLN B 156 -27.41 19.52 -28.34
N LYS B 157 -27.66 19.68 -27.03
CA LYS B 157 -29.01 19.96 -26.43
C LYS B 157 -29.67 21.10 -27.19
N GLU B 158 -28.91 22.17 -27.46
CA GLU B 158 -29.30 23.40 -28.20
C GLU B 158 -30.04 23.02 -29.49
N HIS B 159 -29.68 21.89 -30.11
CA HIS B 159 -30.30 21.35 -31.34
C HIS B 159 -31.17 20.11 -31.01
N TYR B 160 -31.80 20.06 -29.81
CA TYR B 160 -32.62 18.95 -29.23
C TYR B 160 -32.00 17.56 -29.49
N GLY B 161 -30.66 17.51 -29.57
CA GLY B 161 -29.88 16.29 -29.32
C GLY B 161 -29.60 16.18 -27.83
N PRO B 162 -28.97 15.09 -27.39
CA PRO B 162 -28.78 14.84 -25.96
C PRO B 162 -27.48 15.39 -25.36
N ILE B 163 -26.55 15.88 -26.18
CA ILE B 163 -25.15 16.16 -25.74
C ILE B 163 -25.14 17.45 -24.92
N THR B 164 -24.66 17.36 -23.68
CA THR B 164 -24.64 18.47 -22.69
C THR B 164 -23.21 18.81 -22.22
N MET B 165 -22.24 17.89 -22.34
CA MET B 165 -20.85 18.20 -21.93
C MET B 165 -19.87 17.38 -22.76
N MET B 166 -18.66 17.87 -22.88
CA MET B 166 -17.59 17.14 -23.60
C MET B 166 -16.29 17.24 -22.81
N GLN B 167 -15.58 16.12 -22.67
CA GLN B 167 -14.22 16.09 -22.09
C GLN B 167 -13.19 16.27 -23.21
N LEU B 168 -12.21 17.14 -22.98
CA LEU B 168 -11.01 17.33 -23.81
C LEU B 168 -9.95 16.31 -23.35
N CYS B 169 -9.56 15.43 -24.27
CA CYS B 169 -8.43 14.48 -24.05
C CYS B 169 -8.78 13.69 -22.79
N ASN B 170 -7.77 13.33 -22.01
CA ASN B 170 -8.00 12.49 -20.81
C ASN B 170 -6.76 12.54 -19.91
N GLU B 171 -6.94 13.05 -18.70
CA GLU B 171 -5.90 13.10 -17.64
C GLU B 171 -4.57 13.61 -18.23
N ILE B 172 -4.59 14.81 -18.76
CA ILE B 172 -3.38 15.42 -19.39
C ILE B 172 -2.22 15.32 -18.40
N GLY B 173 -1.06 14.84 -18.85
CA GLY B 173 0.13 14.67 -17.99
C GLY B 173 0.19 13.31 -17.30
N VAL B 174 -0.88 12.51 -17.33
CA VAL B 174 -0.94 11.22 -16.59
C VAL B 174 0.31 10.36 -16.87
N PHE B 175 0.81 10.32 -18.12
CA PHE B 175 1.96 9.44 -18.48
C PHE B 175 3.24 9.91 -17.80
N GLN B 176 3.41 11.24 -17.56
CA GLN B 176 4.58 11.75 -16.80
C GLN B 176 4.42 11.41 -15.31
N TRP B 177 3.20 11.45 -14.78
CA TRP B 177 2.96 10.98 -13.39
C TRP B 177 3.34 9.50 -13.24
N LEU B 178 2.72 8.59 -14.02
CA LEU B 178 2.87 7.11 -13.84
C LEU B 178 4.34 6.68 -13.95
N SER B 179 5.13 7.32 -14.80
CA SER B 179 6.54 6.95 -15.10
C SER B 179 7.53 7.78 -14.28
N GLY B 180 7.16 8.99 -13.82
CA GLY B 180 8.13 9.96 -13.27
C GLY B 180 9.06 10.53 -14.34
N LYS B 181 8.76 10.32 -15.63
CA LYS B 181 9.63 10.70 -16.77
C LYS B 181 8.99 11.88 -17.50
N SER B 182 9.76 12.93 -17.75
CA SER B 182 9.36 14.11 -18.56
C SER B 182 9.64 13.84 -20.03
N ASP B 183 8.90 14.49 -20.91
CA ASP B 183 9.15 14.52 -22.37
C ASP B 183 10.31 15.49 -22.64
N TYR B 184 11.42 14.97 -23.17
CA TYR B 184 12.63 15.72 -23.60
C TYR B 184 12.70 15.88 -25.14
N ASN B 185 11.58 15.70 -25.84
CA ASN B 185 11.44 16.04 -27.29
C ASN B 185 12.02 17.44 -27.50
N PRO B 186 12.95 17.63 -28.47
CA PRO B 186 13.57 18.94 -28.64
C PRO B 186 12.56 20.09 -28.76
N LYS B 187 11.36 19.81 -29.24
CA LYS B 187 10.32 20.85 -29.42
C LYS B 187 9.81 21.27 -28.04
N VAL B 188 9.56 20.30 -27.17
CA VAL B 188 9.22 20.58 -25.75
C VAL B 188 10.33 21.42 -25.08
N ILE B 189 11.58 20.99 -25.25
CA ILE B 189 12.74 21.62 -24.57
C ILE B 189 12.90 23.04 -25.14
N ASN B 190 12.62 23.24 -26.42
CA ASN B 190 12.67 24.59 -27.02
C ASN B 190 11.60 25.47 -26.35
N LEU B 191 10.40 24.95 -26.14
CA LEU B 191 9.32 25.69 -25.43
C LEU B 191 9.72 25.96 -23.98
N TYR B 192 10.42 25.04 -23.32
CA TYR B 192 10.96 25.25 -21.95
C TYR B 192 11.94 26.42 -21.95
N LYS B 193 12.85 26.46 -22.93
CA LYS B 193 13.86 27.56 -23.05
C LYS B 193 13.13 28.89 -23.17
N GLU B 194 12.14 28.98 -24.04
CA GLU B 194 11.32 30.20 -24.23
C GLU B 194 10.67 30.57 -22.90
N PHE B 195 10.08 29.60 -22.21
CA PHE B 195 9.49 29.82 -20.87
C PHE B 195 10.54 30.47 -19.95
N ILE B 196 11.76 29.94 -19.93
CA ILE B 196 12.83 30.43 -19.01
C ILE B 196 13.29 31.84 -19.42
N ILE B 197 13.52 32.06 -20.71
CA ILE B 197 13.92 33.40 -21.26
C ILE B 197 12.82 34.40 -20.90
N GLN B 198 11.56 34.00 -21.11
CA GLN B 198 10.36 34.81 -20.80
C GLN B 198 10.39 35.15 -19.31
N ARG B 199 10.67 34.16 -18.46
CA ARG B 199 10.57 34.34 -16.98
C ARG B 199 11.71 35.23 -16.45
N TYR B 200 12.96 34.99 -16.87
CA TYR B 200 14.17 35.63 -16.28
C TYR B 200 14.68 36.82 -17.12
N LYS B 201 14.36 36.87 -18.40
CA LYS B 201 14.78 37.96 -19.34
C LYS B 201 16.26 37.82 -19.71
N THR B 202 17.17 37.78 -18.73
CA THR B 202 18.63 37.77 -18.99
C THR B 202 19.26 36.58 -18.26
N ILE B 203 20.42 36.11 -18.75
CA ILE B 203 21.14 34.99 -18.11
C ILE B 203 21.61 35.42 -16.73
N GLU B 204 21.94 36.71 -16.57
CA GLU B 204 22.42 37.27 -15.26
C GLU B 204 21.34 37.07 -14.20
N LYS B 205 20.09 37.32 -14.55
CA LYS B 205 18.96 37.21 -13.60
C LYS B 205 18.77 35.73 -13.24
N LEU B 206 18.76 34.84 -14.23
CA LEU B 206 18.64 33.39 -13.97
C LEU B 206 19.80 32.97 -13.05
N ASN B 207 21.04 33.34 -13.40
CA ASN B 207 22.24 32.99 -12.60
C ASN B 207 22.07 33.49 -11.17
N SER B 208 21.57 34.70 -10.94
CA SER B 208 21.41 35.24 -9.56
C SER B 208 20.38 34.39 -8.81
N VAL B 209 19.30 33.93 -9.48
CA VAL B 209 18.28 33.11 -8.75
C VAL B 209 18.85 31.70 -8.56
N TYR B 210 19.41 31.08 -9.58
CA TYR B 210 19.78 29.65 -9.51
C TYR B 210 21.15 29.43 -8.85
N SER B 211 21.95 30.48 -8.70
CA SER B 211 23.41 30.41 -8.41
C SER B 211 24.12 29.55 -9.46
N THR B 212 23.86 29.79 -10.74
CA THR B 212 24.52 29.09 -11.87
C THR B 212 25.56 30.03 -12.51
N ASN B 213 26.37 29.50 -13.42
CA ASN B 213 27.61 30.17 -13.91
C ASN B 213 27.57 30.18 -15.43
N TYR B 214 26.37 30.28 -15.99
CA TYR B 214 26.14 30.32 -17.46
C TYR B 214 26.63 31.65 -18.00
N ASN B 215 27.19 31.65 -19.22
CA ASN B 215 27.59 32.89 -19.93
C ASN B 215 26.44 33.33 -20.87
N SER B 216 25.50 32.45 -21.14
CA SER B 216 24.29 32.73 -21.94
C SER B 216 23.25 31.60 -21.75
N PHE B 217 22.03 31.84 -22.26
CA PHE B 217 20.89 30.89 -22.30
C PHE B 217 21.28 29.66 -23.13
N ASP B 218 22.28 29.81 -23.99
CA ASP B 218 22.77 28.69 -24.84
C ASP B 218 23.39 27.60 -23.93
N ASP B 219 24.03 27.97 -22.81
CA ASP B 219 24.63 26.99 -21.87
C ASP B 219 23.53 26.14 -21.17
N LEU B 220 22.28 26.62 -21.13
CA LEU B 220 21.18 26.07 -20.28
C LEU B 220 20.71 24.72 -20.85
N LYS B 221 20.73 23.65 -20.03
CA LYS B 221 20.21 22.31 -20.42
C LYS B 221 19.01 22.00 -19.53
N ALA B 222 18.02 21.27 -20.05
CA ALA B 222 16.82 20.84 -19.29
C ALA B 222 17.32 20.01 -18.12
N PRO B 223 16.79 20.14 -16.89
CA PRO B 223 17.26 19.32 -15.78
C PRO B 223 16.95 17.85 -16.09
N SER B 224 17.78 16.96 -15.54
CA SER B 224 17.64 15.50 -15.63
C SER B 224 18.40 14.87 -14.46
N GLY B 225 18.09 13.62 -14.13
CA GLY B 225 18.75 12.88 -13.05
C GLY B 225 18.48 13.47 -11.67
N LYS B 226 19.24 13.00 -10.69
CA LYS B 226 18.97 13.29 -9.26
C LYS B 226 19.39 14.71 -8.98
N ILE B 227 18.67 15.36 -8.07
CA ILE B 227 19.00 16.70 -7.55
C ILE B 227 20.11 16.54 -6.50
N LYS B 228 21.26 17.14 -6.77
CA LYS B 228 22.47 17.09 -5.93
C LYS B 228 22.78 18.48 -5.37
N LEU B 229 22.43 19.52 -6.12
CA LEU B 229 22.74 20.94 -5.80
C LEU B 229 21.45 21.77 -5.70
N ARG B 230 21.49 22.84 -4.93
CA ARG B 230 20.36 23.79 -4.85
C ARG B 230 20.07 24.33 -6.26
N SER B 231 21.09 24.48 -7.10
CA SER B 231 20.83 24.96 -8.48
C SER B 231 20.02 23.92 -9.29
N ASP B 232 20.21 22.61 -9.06
CA ASP B 232 19.38 21.55 -9.70
C ASP B 232 17.93 21.66 -9.20
N TYR B 233 17.75 21.90 -7.91
CA TYR B 233 16.40 22.04 -7.32
C TYR B 233 15.67 23.20 -8.03
N CYS B 234 16.28 24.38 -8.12
CA CYS B 234 15.77 25.55 -8.86
C CYS B 234 15.36 25.19 -10.28
N ALA B 235 16.25 24.54 -11.02
CA ALA B 235 16.02 24.19 -12.44
C ALA B 235 14.84 23.22 -12.50
N TYR B 236 14.78 22.25 -11.59
CA TYR B 236 13.63 21.31 -11.58
C TYR B 236 12.35 22.03 -11.22
N PHE B 237 12.41 23.04 -10.36
CA PHE B 237 11.19 23.72 -9.87
C PHE B 237 10.56 24.42 -11.07
N ASP B 238 11.36 25.13 -11.84
CA ASP B 238 10.89 25.87 -13.03
C ASP B 238 10.48 24.87 -14.12
N PHE B 239 11.07 23.68 -14.17
CA PHE B 239 10.71 22.63 -15.15
C PHE B 239 9.27 22.19 -14.84
N HIS B 240 8.96 22.08 -13.56
CA HIS B 240 7.56 21.78 -13.13
C HIS B 240 6.63 22.94 -13.52
N LEU B 241 6.99 24.20 -13.25
CA LEU B 241 6.13 25.34 -13.68
C LEU B 241 5.89 25.23 -15.20
N PHE B 242 6.95 24.93 -15.95
CA PHE B 242 6.93 24.86 -17.43
C PHE B 242 5.85 23.86 -17.87
N PHE B 243 5.85 22.67 -17.25
CA PHE B 243 4.90 21.61 -17.66
C PHE B 243 3.47 22.07 -17.38
N ARG B 244 3.21 22.80 -16.29
CA ARG B 244 1.85 23.36 -16.05
C ARG B 244 1.48 24.30 -17.19
N GLU B 245 2.40 25.14 -17.66
CA GLU B 245 2.11 26.04 -18.80
C GLU B 245 1.94 25.21 -20.09
N TYR B 246 2.77 24.19 -20.27
CA TYR B 246 2.76 23.31 -21.45
C TYR B 246 1.40 22.60 -21.56
N TYR B 247 0.87 22.06 -20.47
CA TYR B 247 -0.47 21.40 -20.46
C TYR B 247 -1.55 22.45 -20.79
N ASN B 248 -1.39 23.69 -20.34
CA ASN B 248 -2.37 24.76 -20.64
C ASN B 248 -2.32 25.05 -22.15
N LYS B 249 -1.14 25.14 -22.73
CA LYS B 249 -0.97 25.39 -24.19
C LYS B 249 -1.70 24.30 -24.96
N TYR B 250 -1.52 23.03 -24.58
CA TYR B 250 -2.16 21.85 -25.21
C TYR B 250 -3.67 21.93 -25.10
N ILE B 251 -4.23 22.08 -23.90
CA ILE B 251 -5.70 22.04 -23.75
C ILE B 251 -6.31 23.27 -24.46
N SER B 252 -5.57 24.37 -24.56
CA SER B 252 -6.03 25.63 -25.22
C SER B 252 -6.16 25.36 -26.72
N ILE B 253 -5.19 24.69 -27.33
CA ILE B 253 -5.23 24.32 -28.77
C ILE B 253 -6.44 23.42 -29.02
N LEU B 254 -6.67 22.40 -28.18
CA LEU B 254 -7.86 21.54 -28.38
C LEU B 254 -9.14 22.39 -28.23
N LYS B 255 -9.20 23.21 -27.18
CA LYS B 255 -10.42 23.98 -26.87
C LYS B 255 -10.80 24.89 -28.06
N ASN B 256 -9.86 25.67 -28.56
CA ASN B 256 -10.11 26.63 -29.68
C ASN B 256 -10.55 25.87 -30.93
N LYS B 257 -9.91 24.74 -31.23
CA LYS B 257 -10.35 23.87 -32.37
C LYS B 257 -11.81 23.47 -32.16
N ILE B 258 -12.14 22.98 -30.97
CA ILE B 258 -13.53 22.52 -30.65
C ILE B 258 -14.51 23.68 -30.82
N ARG B 259 -14.19 24.88 -30.34
CA ARG B 259 -15.14 26.03 -30.34
C ARG B 259 -15.41 26.45 -31.78
N SER B 260 -14.46 26.22 -32.70
CA SER B 260 -14.58 26.53 -34.16
C SER B 260 -15.73 25.75 -34.82
N PHE B 261 -16.29 24.71 -34.19
CA PHE B 261 -17.41 23.91 -34.77
C PHE B 261 -18.79 24.36 -34.25
N GLY B 262 -18.87 25.45 -33.49
CA GLY B 262 -20.06 25.94 -32.76
C GLY B 262 -20.46 25.02 -31.62
N ILE B 263 -19.48 24.31 -31.05
CA ILE B 263 -19.72 23.46 -29.86
C ILE B 263 -19.67 24.41 -28.67
N ASN B 264 -20.83 24.69 -28.08
CA ASN B 264 -20.97 25.71 -26.99
C ASN B 264 -21.27 25.01 -25.66
N ILE B 265 -21.41 23.69 -25.62
CA ILE B 265 -21.67 22.91 -24.37
C ILE B 265 -20.47 23.06 -23.40
N LYS B 266 -20.71 22.63 -22.17
CA LYS B 266 -19.73 22.65 -21.07
C LYS B 266 -18.58 21.69 -21.44
N LEU B 267 -17.34 22.15 -21.29
CA LEU B 267 -16.11 21.37 -21.55
C LEU B 267 -15.53 20.93 -20.20
N THR B 268 -14.94 19.74 -20.17
CA THR B 268 -14.54 19.09 -18.87
C THR B 268 -13.12 18.55 -18.97
N HIS B 269 -12.52 18.32 -17.81
CA HIS B 269 -11.30 17.48 -17.75
C HIS B 269 -11.39 16.64 -16.48
N ASN B 270 -10.46 15.75 -16.26
CA ASN B 270 -10.62 14.73 -15.19
C ASN B 270 -9.28 14.59 -14.49
N ILE B 271 -9.31 14.39 -13.18
CA ILE B 271 -8.08 14.41 -12.34
C ILE B 271 -7.91 13.02 -11.73
N PRO B 272 -6.80 12.31 -12.00
CA PRO B 272 -6.53 11.03 -11.38
C PRO B 272 -5.71 11.22 -10.09
N GLY B 273 -5.31 10.15 -9.46
CA GLY B 273 -4.45 10.26 -8.27
C GLY B 273 -4.71 9.21 -7.23
N TRP B 274 -5.86 8.54 -7.24
CA TRP B 274 -6.07 7.49 -6.22
C TRP B 274 -5.11 6.31 -6.52
N ILE B 275 -4.54 5.73 -5.47
CA ILE B 275 -3.63 4.56 -5.55
C ILE B 275 -3.99 3.62 -4.41
N TYR B 276 -4.28 2.35 -4.69
CA TYR B 276 -4.54 1.32 -3.66
C TYR B 276 -5.56 1.85 -2.65
N GLY B 277 -6.53 2.63 -3.13
CA GLY B 277 -7.69 3.05 -2.34
C GLY B 277 -7.43 4.24 -1.42
N ASN B 278 -6.34 5.00 -1.59
CA ASN B 278 -6.21 6.31 -0.91
C ASN B 278 -5.70 7.33 -1.94
N ALA B 279 -5.79 8.60 -1.61
CA ALA B 279 -5.72 9.70 -2.60
C ALA B 279 -4.73 10.78 -2.15
N SER B 280 -3.80 10.44 -1.27
CA SER B 280 -2.80 11.40 -0.73
C SER B 280 -1.93 11.95 -1.88
N GLU B 281 -1.86 11.29 -3.03
CA GLU B 281 -1.12 11.80 -4.22
C GLU B 281 -2.01 12.67 -5.10
N LEU B 282 -3.34 12.59 -4.97
CA LEU B 282 -4.22 13.29 -5.95
C LEU B 282 -3.95 14.79 -5.92
N PRO B 283 -3.72 15.46 -4.77
CA PRO B 283 -3.39 16.90 -4.78
C PRO B 283 -2.17 17.24 -5.64
N MET B 284 -1.20 16.34 -5.77
CA MET B 284 -0.06 16.57 -6.70
C MET B 284 -0.59 16.69 -8.14
N LEU B 285 -1.48 15.78 -8.54
CA LEU B 285 -2.13 15.81 -9.88
C LEU B 285 -2.98 17.08 -10.03
N ILE B 286 -3.75 17.49 -9.02
CA ILE B 286 -4.52 18.76 -9.10
C ILE B 286 -3.52 19.88 -9.45
N SER B 287 -2.37 19.89 -8.78
CA SER B 287 -1.35 20.97 -8.90
C SER B 287 -0.81 21.03 -10.35
N THR B 288 -0.85 19.94 -11.13
CA THR B 288 -0.37 19.93 -12.55
C THR B 288 -1.33 20.75 -13.43
N TYR B 289 -2.53 21.03 -12.94
CA TYR B 289 -3.57 21.73 -13.73
C TYR B 289 -3.69 23.20 -13.27
N SER B 290 -2.76 23.69 -12.45
CA SER B 290 -2.85 25.06 -11.86
C SER B 290 -2.99 26.11 -12.98
N GLU B 291 -2.25 25.97 -14.09
CA GLU B 291 -2.30 26.99 -15.18
C GLU B 291 -3.59 26.86 -15.97
N ILE B 292 -4.08 25.65 -16.18
CA ILE B 292 -5.37 25.46 -16.88
C ILE B 292 -6.46 26.12 -16.06
N MET B 293 -6.50 25.86 -14.75
CA MET B 293 -7.57 26.33 -13.85
C MET B 293 -7.53 27.86 -13.73
N LYS B 294 -6.35 28.47 -13.78
CA LYS B 294 -6.22 29.95 -13.77
C LYS B 294 -6.77 30.54 -15.08
N ASN B 295 -6.58 29.87 -16.22
CA ASN B 295 -6.79 30.47 -17.56
C ASN B 295 -8.10 30.01 -18.19
N HIS B 296 -8.76 28.97 -17.68
CA HIS B 296 -10.04 28.48 -18.25
C HIS B 296 -11.08 28.34 -17.16
N PRO B 297 -11.79 29.42 -16.80
CA PRO B 297 -12.85 29.32 -15.81
C PRO B 297 -13.96 28.43 -16.38
N ASP B 298 -14.04 28.30 -17.72
CA ASP B 298 -15.15 27.57 -18.39
C ASP B 298 -14.83 26.09 -18.62
N ILE B 299 -13.68 25.56 -18.20
CA ILE B 299 -13.43 24.09 -18.22
C ILE B 299 -13.61 23.56 -16.80
N ILE B 300 -14.56 22.66 -16.60
CA ILE B 300 -14.82 22.06 -15.27
C ILE B 300 -13.98 20.79 -15.14
N PHE B 301 -13.06 20.80 -14.19
CA PHE B 301 -12.32 19.59 -13.75
C PHE B 301 -13.21 18.80 -12.79
N GLY B 302 -13.36 17.49 -13.03
CA GLY B 302 -13.98 16.58 -12.08
C GLY B 302 -12.98 15.57 -11.56
N LEU B 303 -13.32 14.92 -10.45
CA LEU B 303 -12.37 14.01 -9.77
C LEU B 303 -12.61 12.57 -10.25
N ASP B 304 -11.54 11.80 -10.29
CA ASP B 304 -11.60 10.33 -10.46
C ASP B 304 -11.47 9.71 -9.08
N HIS B 305 -12.58 9.28 -8.48
CA HIS B 305 -12.55 8.68 -7.11
C HIS B 305 -12.53 7.17 -7.21
N ILE B 306 -11.46 6.54 -6.68
CA ILE B 306 -11.29 5.07 -6.70
C ILE B 306 -10.98 4.58 -5.29
N PRO B 307 -11.96 4.62 -4.36
CA PRO B 307 -11.71 4.20 -2.97
C PRO B 307 -11.41 2.71 -2.76
N GLU B 308 -11.93 1.83 -3.64
CA GLU B 308 -11.77 0.35 -3.61
C GLU B 308 -12.49 -0.29 -2.43
N PHE B 309 -12.48 0.31 -1.25
CA PHE B 309 -13.22 -0.15 -0.06
C PHE B 309 -13.67 1.09 0.70
N VAL B 310 -14.37 0.94 1.81
CA VAL B 310 -14.84 2.12 2.58
C VAL B 310 -14.65 1.86 4.07
N SER B 311 -13.57 2.43 4.62
CA SER B 311 -13.26 2.17 6.03
C SER B 311 -12.50 3.34 6.60
N PHE B 312 -12.17 3.23 7.87
CA PHE B 312 -11.34 4.26 8.50
C PHE B 312 -9.98 4.31 7.80
N ARG B 313 -9.53 3.23 7.13
CA ARG B 313 -8.21 3.22 6.43
C ARG B 313 -8.14 4.31 5.36
N ASN B 314 -9.27 4.65 4.73
CA ASN B 314 -9.27 5.63 3.61
C ASN B 314 -10.39 6.66 3.75
N ALA B 315 -11.04 6.78 4.92
CA ALA B 315 -12.25 7.65 5.10
C ALA B 315 -11.94 9.11 4.76
N HIS B 316 -10.72 9.54 5.00
CA HIS B 316 -10.30 10.96 4.86
C HIS B 316 -10.01 11.35 3.42
N SER B 317 -9.77 10.39 2.53
CA SER B 317 -9.19 10.71 1.21
C SER B 317 -10.18 11.55 0.39
N ASP B 318 -11.43 11.11 0.30
CA ASP B 318 -12.41 11.75 -0.63
C ASP B 318 -12.71 13.18 -0.15
N LEU B 319 -12.85 13.41 1.15
CA LEU B 319 -13.16 14.77 1.66
C LEU B 319 -11.98 15.70 1.35
N ALA B 320 -10.76 15.28 1.69
CA ALA B 320 -9.54 16.10 1.43
C ALA B 320 -9.47 16.47 -0.05
N CYS B 321 -9.68 15.52 -0.95
CA CYS B 321 -9.71 15.80 -2.40
C CYS B 321 -10.82 16.81 -2.79
N ASN B 322 -12.03 16.58 -2.34
CA ASN B 322 -13.16 17.46 -2.66
C ASN B 322 -12.86 18.88 -2.14
N LYS B 323 -12.27 19.00 -0.96
CA LYS B 323 -12.00 20.34 -0.37
C LYS B 323 -10.90 21.04 -1.17
N ILE B 324 -9.88 20.30 -1.59
CA ILE B 324 -8.74 20.90 -2.32
C ILE B 324 -9.26 21.31 -3.69
N LEU B 325 -10.15 20.51 -4.29
CA LEU B 325 -10.62 20.92 -5.65
C LEU B 325 -11.44 22.21 -5.49
N GLU B 326 -12.26 22.30 -4.46
CA GLU B 326 -13.07 23.51 -4.17
C GLU B 326 -12.13 24.72 -4.04
N ALA B 327 -10.98 24.53 -3.38
CA ALA B 327 -10.00 25.63 -3.17
C ALA B 327 -9.50 26.13 -4.52
N MET B 328 -9.18 25.21 -5.42
CA MET B 328 -8.53 25.51 -6.72
C MET B 328 -9.54 25.87 -7.80
N GLN B 329 -10.82 25.53 -7.61
CA GLN B 329 -11.91 25.69 -8.62
C GLN B 329 -13.17 26.18 -7.91
N PRO B 330 -13.13 27.40 -7.36
CA PRO B 330 -14.22 27.89 -6.51
C PRO B 330 -15.52 28.22 -7.24
N GLU B 331 -15.50 28.36 -8.57
CA GLU B 331 -16.68 28.90 -9.29
C GLU B 331 -17.37 27.76 -10.03
N ALA B 332 -16.98 26.50 -9.81
CA ALA B 332 -17.66 25.34 -10.40
C ALA B 332 -18.02 24.36 -9.29
N PRO B 333 -19.06 23.54 -9.53
CA PRO B 333 -19.44 22.51 -8.56
C PRO B 333 -18.30 21.48 -8.49
N VAL B 334 -18.08 20.95 -7.30
CA VAL B 334 -17.19 19.77 -7.12
C VAL B 334 -17.99 18.53 -7.58
N TRP B 335 -17.46 17.81 -8.57
CA TRP B 335 -18.13 16.61 -9.12
C TRP B 335 -17.07 15.55 -9.44
N ALA B 336 -17.52 14.30 -9.51
CA ALA B 336 -16.68 13.13 -9.77
C ALA B 336 -16.94 12.67 -11.21
N ALA B 337 -16.04 13.05 -12.09
CA ALA B 337 -16.09 12.66 -13.53
C ALA B 337 -16.01 11.14 -13.65
N GLU B 338 -15.32 10.48 -12.69
CA GLU B 338 -15.23 9.01 -12.64
C GLU B 338 -15.42 8.61 -11.19
N PHE B 339 -16.54 7.99 -10.92
CA PHE B 339 -17.03 7.77 -9.54
C PHE B 339 -17.18 6.29 -9.40
N GLN B 340 -16.34 5.66 -8.58
CA GLN B 340 -16.16 4.21 -8.65
C GLN B 340 -17.50 3.47 -8.60
N ALA B 341 -17.74 2.65 -9.62
CA ALA B 341 -18.82 1.66 -9.72
C ALA B 341 -18.18 0.38 -10.26
N GLY B 342 -18.25 -0.73 -9.49
CA GLY B 342 -17.47 -1.93 -9.75
C GLY B 342 -15.99 -1.64 -9.72
N THR B 343 -15.18 -2.48 -10.35
CA THR B 343 -13.71 -2.42 -10.19
C THR B 343 -13.06 -2.68 -11.53
N ARG B 344 -12.03 -1.89 -11.84
CA ARG B 344 -11.19 -2.10 -13.03
C ARG B 344 -10.42 -3.43 -12.93
N GLU B 345 -10.21 -3.90 -11.71
CA GLU B 345 -9.27 -5.02 -11.42
C GLU B 345 -10.02 -6.15 -10.74
N HIS B 346 -10.10 -7.32 -11.39
CA HIS B 346 -10.86 -8.51 -10.93
C HIS B 346 -10.49 -8.91 -9.50
N HIS B 347 -9.21 -8.80 -9.18
CA HIS B 347 -8.63 -9.22 -7.87
C HIS B 347 -8.81 -8.13 -6.81
N VAL B 348 -9.32 -6.96 -7.20
CA VAL B 348 -9.55 -5.85 -6.24
C VAL B 348 -11.06 -5.60 -6.14
N LYS B 349 -11.69 -6.23 -5.16
CA LYS B 349 -13.17 -6.34 -5.13
C LYS B 349 -13.78 -4.98 -4.82
N ALA B 350 -14.92 -4.70 -5.46
CA ALA B 350 -15.75 -3.52 -5.19
C ALA B 350 -17.13 -3.99 -4.74
N TYR B 351 -17.38 -3.97 -3.45
CA TYR B 351 -18.63 -4.49 -2.84
C TYR B 351 -19.70 -3.41 -2.98
N ALA B 352 -20.90 -3.81 -3.39
CA ALA B 352 -22.06 -2.91 -3.45
C ALA B 352 -22.24 -2.21 -2.09
N LYS B 353 -22.17 -2.94 -0.95
CA LYS B 353 -22.43 -2.36 0.38
C LYS B 353 -21.32 -1.38 0.78
N ASP B 354 -20.10 -1.52 0.28
CA ASP B 354 -19.04 -0.50 0.49
C ASP B 354 -19.38 0.74 -0.35
N LEU B 355 -19.56 0.57 -1.65
CA LEU B 355 -19.72 1.73 -2.56
C LEU B 355 -20.99 2.51 -2.19
N GLU B 356 -22.06 1.82 -1.76
CA GLU B 356 -23.29 2.54 -1.32
C GLU B 356 -22.93 3.54 -0.23
N THR B 357 -22.18 3.10 0.76
CA THR B 357 -21.75 4.01 1.86
C THR B 357 -20.85 5.13 1.30
N PHE B 358 -19.94 4.82 0.40
CA PHE B 358 -19.08 5.83 -0.29
C PHE B 358 -19.93 6.90 -0.98
N TYR B 359 -21.02 6.48 -1.62
CA TYR B 359 -21.86 7.43 -2.38
C TYR B 359 -22.50 8.42 -1.39
N ILE B 360 -22.99 7.90 -0.28
CA ILE B 360 -23.62 8.75 0.77
C ILE B 360 -22.54 9.62 1.44
N ALA B 361 -21.37 9.06 1.80
CA ALA B 361 -20.25 9.85 2.36
C ALA B 361 -19.88 10.98 1.40
N SER B 362 -19.95 10.72 0.10
CA SER B 362 -19.59 11.69 -0.95
C SER B 362 -20.55 12.89 -0.88
N LEU B 363 -21.84 12.63 -0.68
CA LEU B 363 -22.85 13.69 -0.44
C LEU B 363 -22.47 14.48 0.83
N ALA B 364 -22.19 13.79 1.96
CA ALA B 364 -21.80 14.42 3.23
C ALA B 364 -20.62 15.35 2.94
N HIS B 365 -19.68 14.86 2.12
CA HIS B 365 -18.39 15.50 1.82
C HIS B 365 -18.49 16.48 0.63
N GLY B 366 -19.68 16.89 0.23
CA GLY B 366 -19.90 18.06 -0.64
C GLY B 366 -19.92 17.78 -2.13
N ILE B 367 -19.98 16.52 -2.55
CA ILE B 367 -20.03 16.26 -4.02
C ILE B 367 -21.38 16.79 -4.53
N LYS B 368 -21.38 17.36 -5.75
CA LYS B 368 -22.56 17.99 -6.36
C LYS B 368 -23.01 17.22 -7.61
N GLY B 369 -22.29 16.18 -7.99
CA GLY B 369 -22.61 15.41 -9.20
C GLY B 369 -21.58 14.35 -9.41
N PHE B 370 -21.94 13.30 -10.13
CA PHE B 370 -21.00 12.22 -10.38
C PHE B 370 -21.44 11.34 -11.55
N ASN B 371 -20.45 10.62 -12.03
CA ASN B 371 -20.59 9.71 -13.19
C ASN B 371 -20.02 8.38 -12.76
N TYR B 372 -20.94 7.43 -12.49
CA TYR B 372 -20.65 6.05 -12.11
C TYR B 372 -19.77 5.43 -13.19
N TYR B 373 -18.57 5.09 -12.78
CA TYR B 373 -17.49 4.59 -13.68
C TYR B 373 -17.00 3.29 -13.05
N MET B 374 -17.46 2.14 -13.56
CA MET B 374 -18.29 1.95 -14.74
C MET B 374 -19.68 1.51 -14.33
N PHE B 375 -20.73 2.18 -14.83
CA PHE B 375 -22.11 1.73 -14.60
C PHE B 375 -22.29 0.37 -15.31
N SER B 376 -21.88 0.32 -16.56
CA SER B 376 -21.97 -0.88 -17.41
C SER B 376 -20.57 -1.41 -17.66
N GLN B 377 -20.37 -2.69 -17.41
CA GLN B 377 -19.18 -3.45 -17.87
C GLN B 377 -19.13 -3.40 -19.39
N GLY B 378 -17.93 -3.65 -19.95
CA GLY B 378 -17.75 -3.82 -21.39
C GLY B 378 -17.01 -5.09 -21.73
N ILE B 379 -17.18 -5.56 -22.96
CA ILE B 379 -16.28 -6.60 -23.54
C ILE B 379 -15.49 -5.90 -24.61
N ASN B 380 -14.18 -5.99 -24.56
CA ASN B 380 -13.29 -5.36 -25.55
C ASN B 380 -13.57 -6.02 -26.89
N PRO B 381 -13.87 -5.26 -27.96
CA PRO B 381 -13.99 -5.86 -29.29
C PRO B 381 -12.60 -6.36 -29.71
N GLU B 382 -12.59 -7.52 -30.39
CA GLU B 382 -11.45 -8.09 -31.16
C GLU B 382 -10.11 -7.55 -30.66
N GLY B 383 -9.70 -7.95 -29.47
CA GLY B 383 -8.36 -7.74 -28.89
C GLY B 383 -8.00 -6.29 -28.59
N LYS B 384 -8.92 -5.32 -28.68
CA LYS B 384 -8.60 -3.88 -28.50
C LYS B 384 -8.40 -3.52 -27.03
N GLY B 385 -8.59 -4.47 -26.10
CA GLY B 385 -8.33 -4.20 -24.68
C GLY B 385 -6.84 -4.25 -24.38
N PHE B 386 -6.29 -3.27 -23.66
CA PHE B 386 -4.88 -3.33 -23.22
C PHE B 386 -4.67 -4.62 -22.41
N TYR B 387 -5.62 -5.01 -21.56
CA TYR B 387 -5.53 -6.20 -20.67
C TYR B 387 -6.39 -7.30 -21.27
N GLY B 388 -7.21 -7.96 -20.48
CA GLY B 388 -8.06 -9.08 -20.92
C GLY B 388 -9.21 -8.68 -21.85
N LYS B 389 -10.13 -9.61 -22.00
CA LYS B 389 -11.35 -9.46 -22.81
C LYS B 389 -12.33 -8.50 -22.12
N THR B 390 -12.41 -8.55 -20.79
CA THR B 390 -13.51 -7.87 -20.05
C THR B 390 -13.01 -6.53 -19.54
N PHE B 391 -13.90 -5.53 -19.52
CA PHE B 391 -13.59 -4.18 -19.00
C PHE B 391 -14.52 -3.97 -17.82
N TYR B 392 -13.92 -3.95 -16.64
CA TYR B 392 -14.55 -3.76 -15.32
C TYR B 392 -15.36 -4.98 -14.88
N PHE B 393 -15.52 -5.10 -13.55
CA PHE B 393 -16.26 -6.21 -12.89
C PHE B 393 -17.14 -5.62 -11.78
N GLN B 394 -18.18 -6.35 -11.34
CA GLN B 394 -19.01 -5.99 -10.15
C GLN B 394 -19.62 -4.60 -10.37
N THR B 395 -19.96 -4.29 -11.64
CA THR B 395 -20.56 -3.01 -12.07
C THR B 395 -22.04 -3.01 -11.70
N ALA B 396 -22.82 -2.04 -12.15
CA ALA B 396 -24.30 -2.05 -11.96
C ALA B 396 -24.91 -3.07 -12.94
N LEU B 397 -24.45 -3.04 -14.18
CA LEU B 397 -24.88 -4.00 -15.23
C LEU B 397 -23.64 -4.70 -15.76
N ASP B 398 -23.74 -5.98 -16.11
CA ASP B 398 -22.64 -6.63 -16.85
C ASP B 398 -22.77 -6.24 -18.32
N ALA B 399 -21.83 -6.69 -19.15
CA ALA B 399 -21.72 -6.24 -20.55
C ALA B 399 -23.02 -6.60 -21.28
N ALA B 400 -23.69 -7.68 -20.86
CA ALA B 400 -24.96 -8.18 -21.47
C ALA B 400 -26.19 -7.49 -20.88
N SER B 401 -26.00 -6.43 -20.07
CA SER B 401 -27.04 -5.64 -19.34
C SER B 401 -27.70 -6.48 -18.24
N ASN B 402 -27.14 -7.61 -17.82
CA ASN B 402 -27.60 -8.28 -16.58
C ASN B 402 -27.43 -7.28 -15.42
N LYS B 403 -28.45 -7.10 -14.63
CA LYS B 403 -28.35 -6.40 -13.33
C LYS B 403 -27.47 -7.19 -12.37
N LEU B 404 -26.58 -6.47 -11.67
CA LEU B 404 -25.69 -7.04 -10.63
C LEU B 404 -26.04 -6.38 -9.31
N ALA B 405 -25.40 -6.79 -8.21
CA ALA B 405 -25.70 -6.32 -6.84
C ALA B 405 -25.67 -4.78 -6.76
N LEU B 406 -24.75 -4.13 -7.45
CA LEU B 406 -24.59 -2.65 -7.31
C LEU B 406 -25.83 -1.91 -7.83
N TYR B 407 -26.56 -2.46 -8.80
CA TYR B 407 -27.73 -1.83 -9.44
C TYR B 407 -28.70 -1.30 -8.38
N ASP B 408 -29.11 -2.14 -7.45
CA ASP B 408 -30.14 -1.74 -6.45
C ASP B 408 -29.57 -0.70 -5.49
N SER B 409 -28.26 -0.73 -5.20
CA SER B 409 -27.61 0.28 -4.34
C SER B 409 -27.65 1.65 -5.03
N ILE B 410 -27.33 1.70 -6.33
CA ILE B 410 -27.33 2.97 -7.12
C ILE B 410 -28.77 3.46 -7.21
N LYS B 411 -29.73 2.58 -7.47
CA LYS B 411 -31.15 2.99 -7.50
C LYS B 411 -31.56 3.63 -6.16
N LYS B 412 -31.22 3.01 -5.03
CA LYS B 412 -31.55 3.53 -3.67
C LYS B 412 -30.94 4.92 -3.45
N VAL B 413 -29.63 5.07 -3.67
CA VAL B 413 -28.89 6.34 -3.47
C VAL B 413 -29.48 7.40 -4.41
N ASN B 414 -29.70 7.05 -5.67
CA ASN B 414 -30.28 8.01 -6.65
C ASN B 414 -31.68 8.47 -6.19
N ARG B 415 -32.51 7.57 -5.67
CA ARG B 415 -33.87 7.91 -5.18
C ARG B 415 -33.74 8.97 -4.07
N PHE B 416 -32.82 8.74 -3.13
CA PHE B 416 -32.54 9.71 -2.04
C PHE B 416 -32.10 11.04 -2.64
N ILE B 417 -31.15 11.04 -3.58
CA ILE B 417 -30.61 12.30 -4.13
C ILE B 417 -31.72 13.09 -4.81
N ARG B 418 -32.53 12.41 -5.63
CA ARG B 418 -33.63 13.09 -6.37
C ARG B 418 -34.62 13.71 -5.39
N LYS B 419 -34.93 13.00 -4.29
CA LYS B 419 -35.87 13.46 -3.24
C LYS B 419 -35.29 14.73 -2.58
N GLU B 420 -33.98 14.79 -2.36
CA GLU B 420 -33.38 15.84 -1.51
C GLU B 420 -32.64 16.92 -2.32
N GLN B 421 -32.44 16.75 -3.63
CA GLN B 421 -31.42 17.56 -4.35
C GLN B 421 -31.71 19.07 -4.25
N LYS B 422 -32.98 19.51 -4.28
CA LYS B 422 -33.31 20.96 -4.28
C LYS B 422 -32.71 21.61 -3.03
N ASP B 423 -32.81 20.97 -1.89
CA ASP B 423 -32.34 21.53 -0.60
C ASP B 423 -30.85 21.12 -0.43
N LEU B 424 -30.54 19.84 -0.55
CA LEU B 424 -29.15 19.30 -0.30
C LEU B 424 -28.10 20.08 -1.08
N LEU B 425 -28.34 20.40 -2.36
CA LEU B 425 -27.33 21.06 -3.20
C LEU B 425 -27.02 22.46 -2.67
N ARG B 426 -27.96 23.09 -2.00
CA ARG B 426 -27.82 24.48 -1.51
C ARG B 426 -27.26 24.49 -0.08
N THR B 427 -26.82 23.36 0.46
CA THR B 427 -26.31 23.28 1.87
C THR B 427 -24.78 23.35 1.87
N ASN B 428 -24.25 23.92 2.94
CA ASN B 428 -22.78 23.95 3.13
C ASN B 428 -22.53 23.55 4.58
N VAL B 429 -21.27 23.30 4.89
CA VAL B 429 -20.83 23.03 6.29
C VAL B 429 -20.33 24.37 6.83
N ASN B 430 -20.48 24.59 8.13
CA ASN B 430 -19.96 25.84 8.75
C ASN B 430 -18.50 25.58 9.15
N SER B 431 -17.55 25.99 8.30
CA SER B 431 -16.12 25.81 8.62
C SER B 431 -15.59 27.04 9.36
N GLU B 432 -15.05 26.84 10.54
CA GLU B 432 -14.36 27.91 11.30
C GLU B 432 -12.85 27.72 11.20
N ILE B 433 -12.41 26.60 10.60
CA ILE B 433 -10.98 26.26 10.35
C ILE B 433 -10.69 26.38 8.86
N CYS B 434 -9.64 27.11 8.52
CA CYS B 434 -9.11 27.17 7.15
C CYS B 434 -7.74 26.52 7.13
N VAL B 435 -7.47 25.71 6.12
CA VAL B 435 -6.15 25.04 5.97
C VAL B 435 -5.55 25.51 4.66
N GLY B 436 -4.30 26.01 4.73
CA GLY B 436 -3.60 26.57 3.56
C GLY B 436 -3.15 25.48 2.60
N PHE B 437 -3.35 25.72 1.30
CA PHE B 437 -2.81 24.88 0.19
C PHE B 437 -1.72 25.69 -0.50
N TYR B 438 -0.48 25.27 -0.32
CA TYR B 438 0.73 25.94 -0.85
C TYR B 438 1.25 25.08 -2.00
N LYS B 439 0.82 25.43 -3.21
CA LYS B 439 0.98 24.57 -4.42
C LYS B 439 2.45 24.20 -4.65
N PRO B 440 3.46 25.08 -4.42
CA PRO B 440 4.84 24.72 -4.71
C PRO B 440 5.35 23.46 -3.99
N TYR B 441 4.75 23.09 -2.84
CA TYR B 441 5.12 21.85 -2.14
C TYR B 441 4.69 20.62 -2.96
N PHE B 442 3.75 20.82 -3.88
CA PHE B 442 3.07 19.73 -4.63
C PHE B 442 3.73 19.56 -6.00
N PHE B 443 4.64 20.45 -6.39
CA PHE B 443 5.24 20.52 -7.74
C PHE B 443 6.42 19.54 -7.84
N THR B 444 6.16 18.23 -7.75
CA THR B 444 7.25 17.24 -7.64
C THR B 444 7.01 15.97 -8.47
N GLU B 445 6.03 15.92 -9.40
CA GLU B 445 5.67 14.66 -10.10
C GLU B 445 6.90 14.10 -10.85
N LEU B 446 7.89 14.91 -11.22
CA LEU B 446 9.11 14.44 -11.93
C LEU B 446 10.23 14.04 -10.97
N ILE B 447 10.09 14.30 -9.67
CA ILE B 447 11.25 14.11 -8.74
C ILE B 447 10.86 13.42 -7.44
N SER B 448 9.61 13.50 -6.98
CA SER B 448 9.21 12.84 -5.72
C SER B 448 7.72 12.50 -5.74
N SER B 449 7.38 11.22 -5.83
CA SER B 449 5.97 10.76 -5.85
C SER B 449 5.87 9.35 -5.27
N GLN B 450 4.64 8.90 -5.00
CA GLN B 450 4.36 7.49 -4.60
C GLN B 450 4.64 6.53 -5.76
N LEU B 451 4.57 6.98 -7.01
CA LEU B 451 4.80 6.08 -8.18
C LEU B 451 6.25 6.14 -8.66
N LEU B 452 7.01 7.18 -8.31
CA LEU B 452 8.42 7.32 -8.75
C LEU B 452 9.24 6.42 -7.82
N LYS B 453 9.78 5.32 -8.35
CA LYS B 453 10.54 4.29 -7.57
C LYS B 453 11.81 4.97 -7.03
N GLU B 454 12.62 5.52 -7.94
CA GLU B 454 13.92 6.15 -7.64
C GLU B 454 13.71 7.66 -7.51
N LYS B 455 13.58 8.12 -6.26
CA LYS B 455 13.46 9.54 -5.76
C LYS B 455 14.61 10.40 -6.32
N LYS B 456 14.30 11.51 -6.98
CA LYS B 456 15.35 12.45 -7.46
C LYS B 456 15.52 13.59 -6.45
N LEU B 457 14.55 13.80 -5.55
CA LEU B 457 14.65 14.84 -4.48
C LEU B 457 15.06 14.19 -3.15
N ASN B 458 16.19 14.62 -2.62
CA ASN B 458 16.73 14.15 -1.31
C ASN B 458 17.13 15.43 -0.57
N VAL B 459 16.24 15.97 0.27
CA VAL B 459 16.43 17.38 0.73
C VAL B 459 17.67 17.48 1.65
N GLU B 460 18.11 16.40 2.29
CA GLU B 460 19.30 16.42 3.19
C GLU B 460 20.51 16.84 2.36
N GLU B 461 20.58 16.45 1.10
CA GLU B 461 21.72 16.85 0.21
C GLU B 461 21.69 18.37 -0.03
N LEU B 462 20.56 19.06 0.15
CA LEU B 462 20.40 20.52 -0.08
C LEU B 462 20.53 21.29 1.23
N GLY B 463 20.84 20.61 2.33
CA GLY B 463 20.95 21.30 3.64
C GLY B 463 19.57 21.59 4.21
N LEU B 464 18.55 20.81 3.85
CA LEU B 464 17.15 20.94 4.36
C LEU B 464 16.83 19.67 5.12
N TYR B 465 15.80 19.66 5.94
CA TYR B 465 15.39 18.41 6.65
C TYR B 465 13.90 18.16 6.47
N ILE B 466 13.14 19.11 5.92
CA ILE B 466 11.67 18.92 5.77
C ILE B 466 11.37 18.73 4.27
N ASP B 467 11.09 17.50 3.91
CA ASP B 467 10.75 17.11 2.52
C ASP B 467 9.32 17.55 2.23
N PRO B 468 9.08 18.27 1.11
CA PRO B 468 7.74 18.79 0.80
C PRO B 468 6.69 17.69 0.61
N ARG B 469 7.07 16.56 0.03
CA ARG B 469 6.10 15.45 -0.18
C ARG B 469 5.79 14.82 1.17
N PHE B 470 6.78 14.59 2.03
CA PHE B 470 6.49 14.00 3.37
C PHE B 470 5.52 14.96 4.11
N LEU B 471 5.84 16.26 4.08
CA LEU B 471 5.00 17.30 4.71
C LEU B 471 3.57 17.19 4.17
N ARG B 472 3.39 17.22 2.85
CA ARG B 472 2.02 17.35 2.26
C ARG B 472 1.26 16.02 2.41
N GLU B 473 1.94 14.89 2.45
CA GLU B 473 1.26 13.56 2.55
C GLU B 473 1.02 13.18 4.01
N GLU B 474 2.04 13.26 4.84
CA GLU B 474 1.95 12.70 6.20
C GLU B 474 1.51 13.76 7.20
N ILE B 475 1.99 15.00 7.08
CA ILE B 475 1.70 16.01 8.12
C ILE B 475 0.34 16.63 7.80
N LEU B 476 0.12 16.96 6.51
CA LEU B 476 -1.12 17.60 6.03
C LEU B 476 -2.22 16.55 5.76
N PHE B 477 -2.05 15.70 4.75
CA PHE B 477 -3.17 14.92 4.17
C PHE B 477 -3.60 13.82 5.14
N ASN B 478 -2.67 12.96 5.54
CA ASN B 478 -2.94 11.81 6.45
C ASN B 478 -2.82 12.26 7.91
N GLY B 479 -2.45 13.52 8.18
CA GLY B 479 -2.25 14.00 9.56
C GLY B 479 -3.33 14.96 9.94
N LEU B 480 -3.14 16.22 9.60
CA LEU B 480 -4.09 17.29 9.99
C LEU B 480 -5.48 17.06 9.37
N LEU B 481 -5.60 16.82 8.06
CA LEU B 481 -6.96 16.68 7.43
C LEU B 481 -7.64 15.42 7.97
N ARG B 482 -6.92 14.33 8.08
CA ARG B 482 -7.47 13.07 8.66
C ARG B 482 -7.91 13.34 10.09
N GLY B 483 -7.10 14.06 10.86
CA GLY B 483 -7.37 14.31 12.28
C GLY B 483 -8.63 15.14 12.45
N LEU B 484 -8.72 16.24 11.69
CA LEU B 484 -9.89 17.15 11.79
C LEU B 484 -11.15 16.36 11.41
N GLN B 485 -11.09 15.55 10.35
CA GLN B 485 -12.27 14.76 9.92
C GLN B 485 -12.63 13.76 11.00
N THR B 486 -11.63 13.07 11.55
CA THR B 486 -11.86 12.06 12.60
C THR B 486 -12.53 12.70 13.82
N LEU B 487 -12.10 13.92 14.17
CA LEU B 487 -12.57 14.69 15.34
C LEU B 487 -13.89 15.41 15.04
N ASN B 488 -14.40 15.31 13.81
CA ASN B 488 -15.65 15.94 13.36
C ASN B 488 -15.54 17.46 13.49
N TYR B 489 -14.40 18.04 13.12
CA TYR B 489 -14.27 19.50 12.91
C TYR B 489 -14.29 19.80 11.42
N ASN B 490 -15.21 20.65 11.01
CA ASN B 490 -15.23 21.18 9.63
C ASN B 490 -13.97 21.99 9.33
N TYR B 491 -13.42 21.83 8.14
CA TYR B 491 -12.35 22.70 7.61
C TYR B 491 -12.70 23.07 6.18
N ASP B 492 -12.21 24.20 5.74
CA ASP B 492 -12.12 24.54 4.31
C ASP B 492 -10.63 24.58 3.98
N VAL B 493 -10.31 24.37 2.71
CA VAL B 493 -8.95 24.61 2.17
C VAL B 493 -8.98 25.92 1.38
N VAL B 494 -7.87 26.67 1.38
CA VAL B 494 -7.73 27.91 0.57
C VAL B 494 -6.41 27.84 -0.18
N ASP B 495 -6.46 28.14 -1.48
CA ASP B 495 -5.27 28.28 -2.35
C ASP B 495 -4.55 29.57 -1.92
N LEU B 496 -3.35 29.44 -1.38
CA LEU B 496 -2.65 30.63 -0.81
C LEU B 496 -2.20 31.57 -1.94
N GLU B 497 -2.11 31.10 -3.19
CA GLU B 497 -1.65 31.89 -4.36
C GLU B 497 -2.66 33.01 -4.68
N ASN B 498 -2.17 34.26 -4.79
CA ASN B 498 -3.02 35.45 -5.11
C ASN B 498 -4.26 35.44 -4.22
N CYS B 499 -4.10 35.00 -2.96
CA CYS B 499 -5.20 34.75 -1.99
C CYS B 499 -5.67 36.08 -1.42
N ASP B 500 -6.99 36.30 -1.41
CA ASP B 500 -7.65 37.53 -0.91
C ASP B 500 -7.62 37.50 0.64
N LEU B 501 -6.93 38.45 1.28
CA LEU B 501 -6.93 38.58 2.76
C LEU B 501 -8.35 38.58 3.30
N LYS B 502 -9.28 39.27 2.64
CA LYS B 502 -10.67 39.40 3.15
C LYS B 502 -11.31 38.01 3.30
N SER B 503 -11.12 37.09 2.36
CA SER B 503 -11.70 35.72 2.45
C SER B 503 -11.15 34.98 3.70
N LEU B 504 -9.90 35.19 4.08
CA LEU B 504 -9.29 34.53 5.29
C LEU B 504 -9.93 35.00 6.61
N THR B 505 -10.60 36.17 6.66
CA THR B 505 -11.08 36.78 7.93
C THR B 505 -12.38 36.13 8.39
N ALA B 506 -13.09 35.40 7.52
CA ALA B 506 -14.29 34.61 7.89
C ALA B 506 -13.93 33.63 9.03
N TYR B 507 -12.71 33.06 9.01
CA TYR B 507 -12.29 31.88 9.83
C TYR B 507 -11.75 32.33 11.18
N LYS B 508 -11.91 31.49 12.20
CA LYS B 508 -11.31 31.68 13.54
C LYS B 508 -9.87 31.18 13.55
N GLN B 509 -9.50 30.21 12.72
CA GLN B 509 -8.08 29.77 12.62
C GLN B 509 -7.70 29.48 11.18
N LEU B 510 -6.45 29.80 10.83
CA LEU B 510 -5.78 29.40 9.58
C LEU B 510 -4.62 28.48 9.98
N TRP B 511 -4.60 27.28 9.45
CA TRP B 511 -3.52 26.31 9.71
C TRP B 511 -2.59 26.28 8.50
N ILE B 512 -1.32 26.55 8.74
CA ILE B 512 -0.29 26.46 7.68
C ILE B 512 0.72 25.39 8.04
N THR B 513 0.78 24.36 7.21
CA THR B 513 1.84 23.32 7.32
C THR B 513 2.97 23.81 6.42
N SER B 514 4.08 24.20 7.05
CA SER B 514 5.18 24.94 6.40
C SER B 514 6.46 24.10 6.40
N ALA B 515 7.13 24.03 5.25
CA ALA B 515 8.52 23.54 5.16
C ALA B 515 9.47 24.74 5.39
N GLU B 516 10.75 24.59 5.06
CA GLU B 516 11.75 25.64 5.39
C GLU B 516 11.71 26.71 4.31
N PHE B 517 10.90 26.52 3.27
CA PHE B 517 10.80 27.44 2.13
C PHE B 517 9.35 27.84 1.88
N MET B 518 9.18 29.09 1.48
CA MET B 518 7.85 29.72 1.23
C MET B 518 8.08 31.05 0.54
N ASP B 519 7.38 31.33 -0.56
CA ASP B 519 7.68 32.54 -1.35
C ASP B 519 7.26 33.80 -0.58
N ALA B 520 7.84 34.92 -1.00
CA ALA B 520 7.70 36.23 -0.32
C ALA B 520 6.22 36.64 -0.25
N GLU B 521 5.47 36.38 -1.34
CA GLU B 521 4.04 36.78 -1.43
C GLU B 521 3.26 36.05 -0.32
N THR B 522 3.55 34.78 -0.10
CA THR B 522 2.81 34.00 0.91
C THR B 522 3.30 34.39 2.30
N GLN B 523 4.59 34.68 2.46
CA GLN B 523 5.11 35.12 3.77
C GLN B 523 4.45 36.45 4.12
N ASN B 524 4.33 37.35 3.13
CA ASN B 524 3.68 38.67 3.33
C ASN B 524 2.20 38.46 3.63
N LEU B 525 1.52 37.56 2.90
CA LEU B 525 0.08 37.32 3.11
C LEU B 525 -0.13 36.87 4.56
N LEU B 526 0.65 35.90 5.01
CA LEU B 526 0.45 35.37 6.37
C LEU B 526 0.82 36.46 7.41
N SER B 527 1.86 37.27 7.18
CA SER B 527 2.18 38.43 8.06
C SER B 527 0.95 39.33 8.23
N GLU B 528 0.37 39.76 7.12
CA GLU B 528 -0.79 40.70 7.08
C GLU B 528 -1.97 40.05 7.81
N PHE B 529 -2.22 38.77 7.54
CA PHE B 529 -3.36 38.04 8.15
C PHE B 529 -3.31 38.14 9.69
N VAL B 530 -2.17 37.83 10.30
CA VAL B 530 -2.06 37.86 11.78
C VAL B 530 -2.14 39.32 12.25
N LEU B 531 -1.38 40.20 11.61
CA LEU B 531 -1.26 41.63 12.04
C LEU B 531 -2.65 42.25 12.09
N ASN B 532 -3.49 41.94 11.11
CA ASN B 532 -4.88 42.48 11.01
C ASN B 532 -5.86 41.77 11.95
N GLY B 533 -5.48 40.72 12.68
CA GLY B 533 -6.41 40.08 13.65
C GLY B 533 -6.59 38.58 13.47
N GLY B 534 -5.93 37.93 12.52
CA GLY B 534 -6.07 36.48 12.32
C GLY B 534 -5.32 35.67 13.36
N ASN B 535 -5.79 34.44 13.59
CA ASN B 535 -5.19 33.44 14.47
C ASN B 535 -4.51 32.41 13.58
N LEU B 536 -3.18 32.38 13.61
CA LEU B 536 -2.39 31.51 12.71
C LEU B 536 -1.79 30.38 13.53
N ILE B 537 -1.94 29.16 13.04
CA ILE B 537 -1.25 27.95 13.56
C ILE B 537 -0.26 27.51 12.48
N LEU B 538 1.03 27.50 12.81
CA LEU B 538 2.10 27.29 11.81
C LEU B 538 3.10 26.26 12.37
N TYR B 539 3.31 25.19 11.62
CA TYR B 539 4.26 24.11 11.98
C TYR B 539 4.55 23.33 10.71
N PRO B 540 5.59 22.49 10.65
CA PRO B 540 6.60 22.33 11.71
C PRO B 540 7.78 23.32 11.70
N ALA B 541 7.78 24.27 10.77
CA ALA B 541 8.92 25.20 10.59
C ALA B 541 8.45 26.61 10.26
N VAL B 542 9.02 27.62 10.93
CA VAL B 542 9.04 28.99 10.36
C VAL B 542 9.93 28.90 9.14
N PRO B 543 9.44 29.25 7.95
CA PRO B 543 10.26 29.15 6.76
C PRO B 543 11.30 30.29 6.72
N THR B 544 12.46 30.04 6.12
CA THR B 544 13.55 31.06 6.06
C THR B 544 14.10 31.19 4.65
N LEU B 545 13.51 30.47 3.68
CA LEU B 545 13.94 30.47 2.27
C LEU B 545 12.72 30.67 1.39
N ASP B 546 12.97 31.08 0.15
CA ASP B 546 11.93 31.24 -0.90
C ASP B 546 11.87 29.97 -1.73
N ASN B 547 11.09 29.95 -2.79
CA ASN B 547 10.91 28.70 -3.58
C ASN B 547 12.20 28.27 -4.29
N TYR B 548 13.20 29.14 -4.38
CA TYR B 548 14.49 28.86 -5.06
C TYR B 548 15.53 28.65 -4.00
N LEU B 549 15.07 28.56 -2.74
CA LEU B 549 15.92 28.27 -1.57
C LEU B 549 16.92 29.40 -1.36
N ASN B 550 16.54 30.62 -1.70
CA ASN B 550 17.35 31.84 -1.40
C ASN B 550 16.74 32.46 -0.12
N ARG B 551 17.53 33.20 0.64
CA ARG B 551 17.10 33.70 1.97
C ARG B 551 15.78 34.47 1.82
N CYS B 552 14.77 34.12 2.60
CA CYS B 552 13.53 34.94 2.70
C CYS B 552 12.89 34.75 4.07
N GLU B 553 13.02 35.77 4.91
CA GLU B 553 12.78 35.68 6.37
C GLU B 553 11.73 36.72 6.73
N ILE B 554 10.87 37.09 5.79
CA ILE B 554 9.81 38.12 6.00
C ILE B 554 8.91 37.70 7.16
N LEU B 555 8.30 36.52 7.11
CA LEU B 555 7.40 36.09 8.21
C LEU B 555 8.16 36.04 9.56
N LYS B 556 9.34 35.44 9.59
CA LYS B 556 10.19 35.34 10.80
C LYS B 556 10.40 36.74 11.41
N ASN B 557 10.84 37.70 10.58
CA ASN B 557 11.20 39.06 11.04
C ASN B 557 9.95 39.80 11.47
N ASN B 558 8.90 39.79 10.66
CA ASN B 558 7.62 40.48 10.95
C ASN B 558 7.04 39.95 12.25
N PHE B 559 7.31 38.70 12.61
CA PHE B 559 6.75 38.08 13.85
C PHE B 559 7.75 38.14 15.03
N GLY B 560 8.92 38.75 14.87
CA GLY B 560 9.89 38.84 15.97
C GLY B 560 10.39 37.47 16.43
N ILE B 561 10.50 36.51 15.53
CA ILE B 561 10.89 35.11 15.86
C ILE B 561 12.40 34.99 15.71
N GLU B 562 12.99 34.37 16.72
CA GLU B 562 14.39 33.85 16.68
C GLU B 562 14.37 32.37 17.04
N PHE B 563 15.18 31.59 16.34
CA PHE B 563 15.27 30.15 16.63
C PHE B 563 16.65 29.64 16.21
N ILE B 564 17.01 28.55 16.85
CA ILE B 564 18.14 27.67 16.47
C ILE B 564 17.52 26.31 16.18
N THR B 565 17.99 25.62 15.15
CA THR B 565 17.59 24.23 14.84
C THR B 565 18.55 23.31 15.61
N LYS B 566 18.00 22.43 16.44
CA LYS B 566 18.78 21.55 17.33
C LYS B 566 18.16 20.16 17.34
N ASP B 567 19.03 19.16 17.46
CA ASP B 567 18.64 17.73 17.57
C ASP B 567 18.17 17.43 18.99
N SER B 568 17.09 16.68 19.12
CA SER B 568 16.59 16.13 20.41
C SER B 568 15.79 14.86 20.10
N SER B 569 15.38 14.17 21.16
CA SER B 569 14.43 13.04 21.12
C SER B 569 13.25 13.40 20.22
N HIS B 570 12.68 12.41 19.55
CA HIS B 570 11.46 12.54 18.69
C HIS B 570 10.26 12.98 19.53
N LYS B 571 10.19 12.62 20.81
CA LYS B 571 9.03 12.95 21.66
C LYS B 571 9.16 14.35 22.24
N VAL B 572 8.08 15.11 22.25
CA VAL B 572 8.00 16.43 22.94
C VAL B 572 6.77 16.41 23.81
N SER B 573 6.63 17.43 24.64
CA SER B 573 5.36 17.70 25.33
C SER B 573 4.84 18.98 24.71
N ALA B 574 3.52 19.09 24.55
CA ALA B 574 2.86 20.25 23.94
C ALA B 574 1.53 20.45 24.66
N PHE B 575 1.35 21.62 25.26
CA PHE B 575 0.08 22.01 25.94
C PHE B 575 -0.21 20.99 27.04
N GLY B 576 0.83 20.52 27.71
CA GLY B 576 0.71 19.53 28.81
C GLY B 576 0.37 18.13 28.36
N ILE B 577 0.34 17.85 27.05
CA ILE B 577 0.29 16.46 26.51
C ILE B 577 1.71 15.94 26.51
N GLU B 578 1.99 14.87 27.26
CA GLU B 578 3.32 14.22 27.29
C GLU B 578 3.44 13.24 26.13
N ASP B 579 4.67 12.98 25.71
CA ASP B 579 5.01 11.88 24.77
C ASP B 579 4.27 12.08 23.45
N VAL B 580 4.37 13.27 22.89
CA VAL B 580 3.93 13.54 21.50
C VAL B 580 5.06 13.15 20.54
N PHE B 581 4.87 12.10 19.78
CA PHE B 581 5.91 11.60 18.85
C PHE B 581 6.01 12.54 17.64
N THR B 582 7.20 13.05 17.35
CA THR B 582 7.38 13.99 16.22
C THR B 582 8.28 13.32 15.17
N ALA B 583 8.23 13.79 13.93
CA ALA B 583 8.83 13.10 12.78
C ALA B 583 10.35 13.25 12.78
N PHE B 584 10.89 14.34 13.33
CA PHE B 584 12.30 14.74 13.17
C PHE B 584 13.00 14.91 14.50
N SER B 585 14.25 14.47 14.53
CA SER B 585 15.22 14.82 15.58
C SER B 585 15.41 16.35 15.60
N LYS B 586 15.68 16.96 14.45
CA LYS B 586 15.89 18.44 14.36
C LYS B 586 14.57 19.16 14.64
N LYS B 587 14.59 20.16 15.51
CA LYS B 587 13.41 20.98 15.85
C LYS B 587 13.83 22.44 15.91
N GLN B 588 12.88 23.35 15.76
CA GLN B 588 13.15 24.79 15.98
C GLN B 588 12.98 25.09 17.46
N ILE B 589 14.04 25.59 18.08
CA ILE B 589 14.04 26.06 19.48
C ILE B 589 13.95 27.58 19.48
N TYR B 590 12.89 28.12 20.09
CA TYR B 590 12.45 29.53 19.92
C TYR B 590 12.88 30.35 21.12
N ASN B 591 13.45 31.52 20.82
CA ASN B 591 13.57 32.58 21.84
C ASN B 591 12.15 32.91 22.31
N ASP B 592 11.89 33.08 23.62
CA ASP B 592 10.50 33.21 24.14
C ASP B 592 10.24 34.61 24.68
N THR B 593 11.13 35.58 24.39
CA THR B 593 10.86 36.98 24.72
C THR B 593 9.50 37.36 24.11
N ASN B 594 8.65 38.01 24.90
CA ASN B 594 7.33 38.50 24.44
C ASN B 594 6.47 37.31 24.00
N SER B 595 6.78 36.10 24.45
CA SER B 595 6.10 34.87 23.96
C SER B 595 5.73 34.00 25.15
N LYS B 596 4.83 33.05 24.95
CA LYS B 596 4.45 32.05 25.95
C LYS B 596 4.91 30.70 25.42
N PRO B 597 5.83 30.02 26.12
CA PRO B 597 6.31 28.71 25.71
C PRO B 597 5.21 27.67 25.95
N ILE B 598 4.91 26.85 24.95
CA ILE B 598 3.77 25.89 25.10
C ILE B 598 4.19 24.49 24.62
N ALA B 599 5.44 24.28 24.24
CA ALA B 599 5.95 22.93 23.89
C ALA B 599 7.43 22.83 24.24
N PHE B 600 7.88 21.62 24.58
CA PHE B 600 9.19 21.40 25.22
C PHE B 600 9.77 20.08 24.74
N THR B 601 11.07 20.08 24.47
CA THR B 601 11.87 18.89 24.17
C THR B 601 12.07 18.06 25.46
N GLN B 602 12.61 16.86 25.33
CA GLN B 602 12.88 16.00 26.52
C GLN B 602 13.76 16.77 27.50
N GLU B 603 14.59 17.69 27.02
CA GLU B 603 15.52 18.51 27.86
C GLU B 603 14.88 19.82 28.32
N ASN B 604 13.62 20.04 27.98
CA ASN B 604 12.84 21.24 28.34
C ASN B 604 13.27 22.48 27.54
N GLU B 605 13.85 22.33 26.35
CA GLU B 605 14.07 23.47 25.44
C GLU B 605 12.75 23.78 24.75
N ILE B 606 12.56 25.04 24.41
CA ILE B 606 11.22 25.56 23.95
C ILE B 606 11.09 25.30 22.46
N CYS B 607 10.25 24.34 22.06
CA CYS B 607 10.01 24.00 20.64
C CYS B 607 8.59 24.41 20.22
N GLY B 608 7.91 25.25 21.00
CA GLY B 608 6.66 25.85 20.56
C GLY B 608 6.32 27.06 21.37
N ILE B 609 5.78 28.07 20.73
CA ILE B 609 5.39 29.31 21.44
C ILE B 609 4.05 29.83 20.93
N ARG B 610 3.39 30.62 21.78
CA ARG B 610 2.24 31.45 21.38
C ARG B 610 2.64 32.90 21.59
N LYS B 611 2.06 33.78 20.80
CA LYS B 611 2.46 35.21 20.74
C LYS B 611 1.32 36.07 20.22
N LYS B 612 1.16 37.26 20.75
CA LYS B 612 0.29 38.29 20.15
C LYS B 612 1.13 39.13 19.20
N ILE B 613 0.68 39.29 17.95
CA ILE B 613 1.32 40.13 16.91
C ILE B 613 0.22 41.03 16.36
N GLY B 614 0.37 42.36 16.55
CA GLY B 614 -0.68 43.31 16.13
C GLY B 614 -1.99 42.92 16.79
N LYS B 615 -3.07 42.82 16.03
CA LYS B 615 -4.39 42.46 16.57
C LYS B 615 -4.55 40.92 16.62
N GLY B 616 -3.60 40.14 16.10
CA GLY B 616 -3.79 38.67 15.96
C GLY B 616 -2.93 37.84 16.88
N GLU B 617 -2.89 36.54 16.59
CA GLU B 617 -2.38 35.45 17.45
C GLU B 617 -1.57 34.52 16.57
N LEU B 618 -0.45 34.08 17.09
CA LEU B 618 0.47 33.14 16.43
C LEU B 618 0.68 31.96 17.36
N THR B 619 0.51 30.75 16.85
CA THR B 619 0.92 29.51 17.51
C THR B 619 1.92 28.86 16.56
N ILE B 620 3.15 28.70 17.01
CA ILE B 620 4.28 28.17 16.20
C ILE B 620 4.77 26.90 16.86
N LEU B 621 4.70 25.76 16.17
CA LEU B 621 5.27 24.49 16.67
C LEU B 621 6.49 24.13 15.81
N GLY B 622 7.63 23.98 16.44
CA GLY B 622 8.93 23.71 15.80
C GLY B 622 9.15 22.23 15.60
N PHE B 623 8.08 21.48 15.40
CA PHE B 623 8.13 20.00 15.29
C PHE B 623 6.98 19.55 14.42
N ALA B 624 7.11 18.36 13.84
CA ALA B 624 6.17 17.81 12.84
C ALA B 624 5.44 16.61 13.49
N PHE B 625 4.12 16.66 13.50
CA PHE B 625 3.30 15.51 13.91
C PHE B 625 2.24 15.37 12.84
N GLY B 626 1.84 14.14 12.58
CA GLY B 626 0.65 13.88 11.78
C GLY B 626 -0.38 13.25 12.67
N TYR B 627 -0.91 12.10 12.25
CA TYR B 627 -1.86 11.36 13.09
C TYR B 627 -1.42 9.90 13.11
N THR B 628 -0.56 9.57 14.07
CA THR B 628 -0.06 8.19 14.26
C THR B 628 -0.12 7.77 15.74
N SER B 629 -0.81 8.53 16.58
CA SER B 629 -1.07 8.22 18.00
C SER B 629 -2.30 9.00 18.47
N ASP B 630 -2.85 8.59 19.61
CA ASP B 630 -3.98 9.28 20.28
C ASP B 630 -3.49 10.66 20.75
N GLU B 631 -2.21 10.81 21.09
CA GLU B 631 -1.68 12.14 21.52
C GLU B 631 -1.83 13.13 20.34
N HIS B 632 -1.67 12.69 19.10
CA HIS B 632 -1.83 13.58 17.93
C HIS B 632 -3.26 14.13 17.86
N LEU B 633 -4.28 13.29 18.08
CA LEU B 633 -5.68 13.80 18.08
C LEU B 633 -5.84 14.71 19.28
N GLU B 634 -5.28 14.34 20.43
CA GLU B 634 -5.39 15.20 21.63
C GLU B 634 -4.78 16.58 21.29
N LEU B 635 -3.66 16.64 20.57
CA LEU B 635 -2.97 17.93 20.27
C LEU B 635 -3.81 18.77 19.27
N ILE B 636 -4.30 18.13 18.22
CA ILE B 636 -5.15 18.84 17.21
C ILE B 636 -6.35 19.41 17.97
N ASP B 637 -6.96 18.61 18.84
CA ASP B 637 -8.17 18.99 19.58
C ASP B 637 -7.87 20.23 20.46
N LYS B 638 -6.74 20.23 21.17
CA LYS B 638 -6.30 21.37 22.02
C LYS B 638 -6.07 22.61 21.16
N LEU B 639 -5.43 22.45 20.01
CA LEU B 639 -5.13 23.61 19.12
C LEU B 639 -6.45 24.21 18.63
N VAL B 640 -7.37 23.39 18.14
CA VAL B 640 -8.69 23.90 17.67
C VAL B 640 -9.35 24.67 18.84
N LYS B 641 -9.23 24.17 20.06
CA LYS B 641 -9.94 24.75 21.24
C LYS B 641 -9.25 26.02 21.71
N LEU B 642 -8.02 26.31 21.29
CA LEU B 642 -7.38 27.62 21.58
C LEU B 642 -8.31 28.75 21.14
N ASN B 643 -9.06 28.62 20.05
CA ASN B 643 -9.92 29.75 19.59
C ASN B 643 -11.39 29.35 19.69
N LYS B 644 -11.69 28.45 20.61
CA LYS B 644 -13.05 28.20 21.14
C LYS B 644 -13.97 27.69 20.03
N ILE B 645 -13.41 26.92 19.10
CA ILE B 645 -14.13 26.27 17.99
C ILE B 645 -14.77 25.02 18.58
N LYS B 646 -16.04 24.81 18.28
CA LYS B 646 -16.87 23.74 18.91
C LYS B 646 -17.36 22.84 17.78
N ARG B 647 -17.50 21.54 18.01
CA ARG B 647 -18.17 20.65 17.01
C ARG B 647 -19.65 21.01 17.04
N GLU B 648 -20.38 20.78 15.95
CA GLU B 648 -21.82 21.11 15.87
C GLU B 648 -22.64 20.18 16.80
N LEU B 649 -22.20 18.94 17.03
CA LEU B 649 -22.98 17.93 17.79
C LEU B 649 -22.10 17.33 18.87
N PHE B 650 -22.71 16.95 20.00
CA PHE B 650 -22.20 15.94 20.95
C PHE B 650 -22.74 14.60 20.48
N VAL B 651 -21.85 13.75 20.03
CA VAL B 651 -22.17 12.33 19.68
C VAL B 651 -21.46 11.44 20.69
N SER B 652 -22.20 10.50 21.27
CA SER B 652 -21.76 9.70 22.44
C SER B 652 -20.61 8.77 22.05
N ASP B 653 -20.49 8.38 20.78
CA ASP B 653 -19.42 7.45 20.32
C ASP B 653 -18.48 8.29 19.46
N LYS B 654 -17.25 8.51 19.93
CA LYS B 654 -16.29 9.41 19.23
C LYS B 654 -15.91 8.81 17.86
N ASP B 655 -16.12 7.52 17.62
CA ASP B 655 -15.66 6.88 16.35
C ASP B 655 -16.77 6.94 15.28
N ILE B 656 -17.91 7.54 15.59
CA ILE B 656 -18.91 7.93 14.56
C ILE B 656 -18.46 9.25 13.94
N GLN B 657 -18.40 9.31 12.63
CA GLN B 657 -18.14 10.54 11.87
C GLN B 657 -19.49 11.14 11.53
N PHE B 658 -19.55 12.46 11.64
CA PHE B 658 -20.78 13.16 11.22
C PHE B 658 -20.38 14.38 10.40
N VAL B 659 -21.32 14.79 9.55
CA VAL B 659 -21.24 16.06 8.82
C VAL B 659 -22.62 16.72 8.91
N VAL B 660 -22.64 17.95 9.40
CA VAL B 660 -23.86 18.79 9.39
C VAL B 660 -23.79 19.71 8.18
N ARG B 661 -24.75 19.55 7.30
CA ARG B 661 -24.89 20.44 6.11
C ARG B 661 -26.17 21.23 6.32
N GLU B 662 -26.13 22.55 6.24
CA GLU B 662 -27.37 23.35 6.39
C GLU B 662 -27.40 24.50 5.39
N ASN B 663 -28.60 25.05 5.19
CA ASN B 663 -28.83 26.40 4.61
C ASN B 663 -29.78 27.12 5.58
N ASN B 664 -30.45 28.19 5.16
CA ASN B 664 -31.40 28.95 6.02
C ASN B 664 -32.48 28.02 6.60
N LYS B 665 -32.96 27.04 5.83
CA LYS B 665 -34.25 26.32 6.04
C LYS B 665 -34.03 24.87 6.52
N SER B 666 -32.96 24.24 6.03
CA SER B 666 -32.80 22.76 6.04
C SER B 666 -31.47 22.41 6.71
N ARG B 667 -31.46 21.32 7.46
CA ARG B 667 -30.20 20.74 7.99
C ARG B 667 -30.25 19.25 7.66
N TYR B 668 -29.14 18.72 7.17
CA TYR B 668 -28.89 17.28 6.98
C TYR B 668 -27.77 16.92 7.95
N ILE B 669 -28.01 15.90 8.75
CA ILE B 669 -26.92 15.28 9.54
C ILE B 669 -26.62 13.94 8.88
N PHE B 670 -25.39 13.79 8.39
CA PHE B 670 -24.87 12.54 7.83
C PHE B 670 -24.01 11.86 8.90
N PHE B 671 -24.42 10.66 9.31
CA PHE B 671 -23.66 9.84 10.28
C PHE B 671 -23.02 8.73 9.47
N LEU B 672 -21.72 8.52 9.67
CA LEU B 672 -20.92 7.60 8.85
C LEU B 672 -20.20 6.67 9.81
N ASN B 673 -20.38 5.37 9.62
CA ASN B 673 -19.71 4.35 10.44
C ASN B 673 -18.65 3.66 9.57
N TYR B 674 -17.41 4.07 9.73
CA TYR B 674 -16.28 3.59 8.89
C TYR B 674 -15.65 2.33 9.53
N HIS B 675 -16.35 1.66 10.44
CA HIS B 675 -15.74 0.62 11.31
C HIS B 675 -16.49 -0.69 11.14
N ASN B 676 -15.81 -1.83 11.30
CA ASN B 676 -16.46 -3.15 11.27
C ASN B 676 -17.04 -3.46 12.67
N GLU B 677 -18.06 -2.70 13.06
CA GLU B 677 -18.69 -2.79 14.40
C GLU B 677 -20.09 -2.19 14.27
N ARG B 678 -21.11 -2.94 14.66
CA ARG B 678 -22.45 -2.34 14.86
C ARG B 678 -22.33 -1.32 15.99
N LYS B 679 -22.63 -0.05 15.73
CA LYS B 679 -22.52 1.00 16.77
C LYS B 679 -23.88 1.60 17.10
N THR B 680 -24.10 1.79 18.38
CA THR B 680 -25.30 2.43 18.93
C THR B 680 -24.85 3.70 19.63
N PHE B 681 -25.50 4.83 19.34
CA PHE B 681 -25.12 6.10 19.95
C PHE B 681 -26.30 7.06 20.03
N ASN B 682 -26.08 8.17 20.73
CA ASN B 682 -27.05 9.28 20.78
C ASN B 682 -26.31 10.58 20.41
N TYR B 683 -27.05 11.58 20.01
CA TYR B 683 -26.50 12.88 19.56
C TYR B 683 -27.45 13.96 20.05
N ARG B 684 -26.92 15.17 20.21
CA ARG B 684 -27.67 16.40 20.56
C ARG B 684 -26.84 17.54 19.96
N LYS B 685 -27.42 18.73 19.82
CA LYS B 685 -26.66 19.94 19.43
C LYS B 685 -25.71 20.28 20.57
N SER B 686 -24.61 20.98 20.29
CA SER B 686 -23.58 21.30 21.30
C SER B 686 -24.10 22.36 22.30
N GLU B 696 -31.15 8.00 20.02
CA GLU B 696 -30.46 6.70 20.22
C GLU B 696 -30.57 5.87 18.94
N ILE B 697 -29.47 5.75 18.20
CA ILE B 697 -29.51 5.24 16.80
C ILE B 697 -28.46 4.14 16.63
N SER B 698 -28.77 3.13 15.83
CA SER B 698 -27.87 1.97 15.58
C SER B 698 -27.47 1.98 14.13
N ILE B 699 -26.16 1.89 13.85
CA ILE B 699 -25.66 1.91 12.44
C ILE B 699 -24.81 0.66 12.24
N ALA B 700 -25.06 -0.03 11.14
CA ALA B 700 -24.39 -1.29 10.77
C ALA B 700 -22.92 -0.98 10.50
N PRO B 701 -22.04 -2.00 10.48
CA PRO B 701 -20.68 -1.78 10.00
C PRO B 701 -20.67 -1.10 8.64
N PHE B 702 -19.69 -0.21 8.41
CA PHE B 702 -19.39 0.33 7.07
C PHE B 702 -20.66 0.89 6.42
N SER B 703 -21.42 1.61 7.22
CA SER B 703 -22.79 2.06 6.87
C SER B 703 -23.01 3.51 7.30
N TYR B 704 -24.24 3.95 7.14
CA TYR B 704 -24.59 5.37 7.24
C TYR B 704 -26.02 5.52 7.73
N LYS B 705 -26.30 6.73 8.17
CA LYS B 705 -27.67 7.18 8.49
C LYS B 705 -27.74 8.67 8.21
N VAL B 706 -28.80 9.12 7.57
CA VAL B 706 -29.02 10.54 7.27
C VAL B 706 -30.30 10.98 7.99
N ILE B 707 -30.20 12.07 8.76
CA ILE B 707 -31.32 12.70 9.52
C ILE B 707 -31.55 14.08 8.91
N LYS B 708 -32.80 14.45 8.73
CA LYS B 708 -33.23 15.81 8.32
C LYS B 708 -33.78 16.55 9.55
N GLU B 709 -33.42 17.80 9.67
CA GLU B 709 -33.95 18.71 10.72
C GLU B 709 -34.39 19.99 9.99
N ASN B 710 -35.61 20.44 10.25
CA ASN B 710 -36.07 21.75 9.74
C ASN B 710 -35.54 22.79 10.74
N LYS B 711 -35.22 24.01 10.32
CA LYS B 711 -34.53 24.96 11.24
C LYS B 711 -35.53 25.96 11.88
#